data_5UVZ
# 
_entry.id   5UVZ 
# 
_audit_conform.dict_name       mmcif_pdbx.dic 
_audit_conform.dict_version    5.387 
_audit_conform.dict_location   http://mmcif.pdb.org/dictionaries/ascii/mmcif_pdbx.dic 
# 
loop_
_database_2.database_id 
_database_2.database_code 
_database_2.pdbx_database_accession 
_database_2.pdbx_DOI 
PDB   5UVZ         pdb_00005uvz 10.2210/pdb5uvz/pdb 
WWPDB D_1000225706 ?            ?                   
# 
loop_
_pdbx_audit_revision_history.ordinal 
_pdbx_audit_revision_history.data_content_type 
_pdbx_audit_revision_history.major_revision 
_pdbx_audit_revision_history.minor_revision 
_pdbx_audit_revision_history.revision_date 
1 'Structure model' 1 0 2017-06-14 
2 'Structure model' 1 1 2024-03-06 
# 
_pdbx_audit_revision_details.ordinal             1 
_pdbx_audit_revision_details.revision_ordinal    1 
_pdbx_audit_revision_details.data_content_type   'Structure model' 
_pdbx_audit_revision_details.provider            repository 
_pdbx_audit_revision_details.type                'Initial release' 
_pdbx_audit_revision_details.description         ? 
_pdbx_audit_revision_details.details             ? 
# 
loop_
_pdbx_audit_revision_group.ordinal 
_pdbx_audit_revision_group.revision_ordinal 
_pdbx_audit_revision_group.data_content_type 
_pdbx_audit_revision_group.group 
1 2 'Structure model' 'Data collection'     
2 2 'Structure model' 'Database references' 
# 
loop_
_pdbx_audit_revision_category.ordinal 
_pdbx_audit_revision_category.revision_ordinal 
_pdbx_audit_revision_category.data_content_type 
_pdbx_audit_revision_category.category 
1 2 'Structure model' chem_comp_atom 
2 2 'Structure model' chem_comp_bond 
3 2 'Structure model' database_2     
# 
loop_
_pdbx_audit_revision_item.ordinal 
_pdbx_audit_revision_item.revision_ordinal 
_pdbx_audit_revision_item.data_content_type 
_pdbx_audit_revision_item.item 
1 2 'Structure model' '_database_2.pdbx_DOI'                
2 2 'Structure model' '_database_2.pdbx_database_accession' 
# 
_pdbx_database_status.status_code                     REL 
_pdbx_database_status.status_code_sf                  REL 
_pdbx_database_status.status_code_mr                  ? 
_pdbx_database_status.entry_id                        5UVZ 
_pdbx_database_status.recvd_initial_deposition_date   2017-02-20 
_pdbx_database_status.SG_entry                        N 
_pdbx_database_status.deposit_site                    RCSB 
_pdbx_database_status.process_site                    RCSB 
_pdbx_database_status.status_code_cs                  ? 
_pdbx_database_status.methods_development_category    ? 
_pdbx_database_status.pdb_format_compatible           Y 
_pdbx_database_status.status_code_nmr_data            ? 
# 
loop_
_pdbx_database_related.content_type 
_pdbx_database_related.db_id 
_pdbx_database_related.db_name 
_pdbx_database_related.details 
unspecified 5UVS PDB . 
unspecified 5UVU PDB . 
unspecified 5UVT PDB . 
unspecified 5UVV PDB . 
unspecified 5UVX PDB . 
unspecified 5UVY PDB . 
unspecified 5UVW PDB . 
# 
_audit_author.name               'Park, C.H.' 
_audit_author.pdbx_ordinal       1 
_audit_author.identifier_ORCID   ? 
# 
_citation.abstract                  ? 
_citation.abstract_id_CAS           ? 
_citation.book_id_ISBN              ? 
_citation.book_publisher            ? 
_citation.book_publisher_city       ? 
_citation.book_title                ? 
_citation.coordinate_linkage        ? 
_citation.country                   ? 
_citation.database_id_Medline       ? 
_citation.details                   ? 
_citation.id                        primary 
_citation.journal_abbrev            'To Be Published' 
_citation.journal_id_ASTM           ? 
_citation.journal_id_CSD            0353 
_citation.journal_id_ISSN           ? 
_citation.journal_full              ? 
_citation.journal_issue             ? 
_citation.journal_volume            ? 
_citation.language                  ? 
_citation.page_first                ? 
_citation.page_last                 ? 
_citation.title                     'BRD4 Bromodomain 2 with A-1354689' 
_citation.year                      ? 
_citation.database_id_CSD           ? 
_citation.pdbx_database_id_DOI      ? 
_citation.pdbx_database_id_PubMed   ? 
_citation.unpublished_flag          ? 
# 
_citation_author.citation_id        primary 
_citation_author.name               'Park, C.H.' 
_citation_author.ordinal            1 
_citation_author.identifier_ORCID   ? 
# 
loop_
_entity.id 
_entity.type 
_entity.src_method 
_entity.pdbx_description 
_entity.formula_weight 
_entity.pdbx_number_of_molecules 
_entity.pdbx_ec 
_entity.pdbx_mutation 
_entity.pdbx_fragment 
_entity.details 
1 polymer     man 'Bromodomain-containing protein 4'              12806.933 1   ? ? 'residues 352-457' ? 
2 non-polymer syn '3-methyl-5-(2-phenoxyphenyl)pyridin-2(1H)-one' 277.317   1   ? ? ?                  ? 
3 water       nat water                                           18.015    144 ? ? ?                  ? 
# 
_entity_name_com.entity_id   1 
_entity_name_com.name        'Protein HUNK1' 
# 
_entity_poly.entity_id                      1 
_entity_poly.type                           'polypeptide(L)' 
_entity_poly.nstd_linkage                   no 
_entity_poly.nstd_monomer                   no 
_entity_poly.pdbx_seq_one_letter_code       
;SHMEQLKCCSGILKEMFAKKHAAYAWPFYKPVDVEALGLHDYCDIIKHPMDMSTIKSKLEAREYRDAQEFGADVRLMFSN
CYKYNPPDHEVVAMARKLQDVFEMRFAKM
;
_entity_poly.pdbx_seq_one_letter_code_can   
;SHMEQLKCCSGILKEMFAKKHAAYAWPFYKPVDVEALGLHDYCDIIKHPMDMSTIKSKLEAREYRDAQEFGADVRLMFSN
CYKYNPPDHEVVAMARKLQDVFEMRFAKM
;
_entity_poly.pdbx_strand_id                 A 
_entity_poly.pdbx_target_identifier         ? 
# 
loop_
_pdbx_entity_nonpoly.entity_id 
_pdbx_entity_nonpoly.name 
_pdbx_entity_nonpoly.comp_id 
2 '3-methyl-5-(2-phenoxyphenyl)pyridin-2(1H)-one' 8NP 
3 water                                           HOH 
# 
loop_
_entity_poly_seq.entity_id 
_entity_poly_seq.num 
_entity_poly_seq.mon_id 
_entity_poly_seq.hetero 
1 1   SER n 
1 2   HIS n 
1 3   MET n 
1 4   GLU n 
1 5   GLN n 
1 6   LEU n 
1 7   LYS n 
1 8   CYS n 
1 9   CYS n 
1 10  SER n 
1 11  GLY n 
1 12  ILE n 
1 13  LEU n 
1 14  LYS n 
1 15  GLU n 
1 16  MET n 
1 17  PHE n 
1 18  ALA n 
1 19  LYS n 
1 20  LYS n 
1 21  HIS n 
1 22  ALA n 
1 23  ALA n 
1 24  TYR n 
1 25  ALA n 
1 26  TRP n 
1 27  PRO n 
1 28  PHE n 
1 29  TYR n 
1 30  LYS n 
1 31  PRO n 
1 32  VAL n 
1 33  ASP n 
1 34  VAL n 
1 35  GLU n 
1 36  ALA n 
1 37  LEU n 
1 38  GLY n 
1 39  LEU n 
1 40  HIS n 
1 41  ASP n 
1 42  TYR n 
1 43  CYS n 
1 44  ASP n 
1 45  ILE n 
1 46  ILE n 
1 47  LYS n 
1 48  HIS n 
1 49  PRO n 
1 50  MET n 
1 51  ASP n 
1 52  MET n 
1 53  SER n 
1 54  THR n 
1 55  ILE n 
1 56  LYS n 
1 57  SER n 
1 58  LYS n 
1 59  LEU n 
1 60  GLU n 
1 61  ALA n 
1 62  ARG n 
1 63  GLU n 
1 64  TYR n 
1 65  ARG n 
1 66  ASP n 
1 67  ALA n 
1 68  GLN n 
1 69  GLU n 
1 70  PHE n 
1 71  GLY n 
1 72  ALA n 
1 73  ASP n 
1 74  VAL n 
1 75  ARG n 
1 76  LEU n 
1 77  MET n 
1 78  PHE n 
1 79  SER n 
1 80  ASN n 
1 81  CYS n 
1 82  TYR n 
1 83  LYS n 
1 84  TYR n 
1 85  ASN n 
1 86  PRO n 
1 87  PRO n 
1 88  ASP n 
1 89  HIS n 
1 90  GLU n 
1 91  VAL n 
1 92  VAL n 
1 93  ALA n 
1 94  MET n 
1 95  ALA n 
1 96  ARG n 
1 97  LYS n 
1 98  LEU n 
1 99  GLN n 
1 100 ASP n 
1 101 VAL n 
1 102 PHE n 
1 103 GLU n 
1 104 MET n 
1 105 ARG n 
1 106 PHE n 
1 107 ALA n 
1 108 LYS n 
1 109 MET n 
# 
_entity_src_gen.entity_id                          1 
_entity_src_gen.pdbx_src_id                        1 
_entity_src_gen.pdbx_alt_source_flag               sample 
_entity_src_gen.pdbx_seq_type                      'Biological sequence' 
_entity_src_gen.pdbx_beg_seq_num                   1 
_entity_src_gen.pdbx_end_seq_num                   109 
_entity_src_gen.gene_src_common_name               Human 
_entity_src_gen.gene_src_genus                     ? 
_entity_src_gen.pdbx_gene_src_gene                 'BRD4, HUNK1' 
_entity_src_gen.gene_src_species                   ? 
_entity_src_gen.gene_src_strain                    ? 
_entity_src_gen.gene_src_tissue                    ? 
_entity_src_gen.gene_src_tissue_fraction           ? 
_entity_src_gen.gene_src_details                   ? 
_entity_src_gen.pdbx_gene_src_fragment             ? 
_entity_src_gen.pdbx_gene_src_scientific_name      'Homo sapiens' 
_entity_src_gen.pdbx_gene_src_ncbi_taxonomy_id     9606 
_entity_src_gen.pdbx_gene_src_variant              ? 
_entity_src_gen.pdbx_gene_src_cell_line            ? 
_entity_src_gen.pdbx_gene_src_atcc                 ? 
_entity_src_gen.pdbx_gene_src_organ                ? 
_entity_src_gen.pdbx_gene_src_organelle            ? 
_entity_src_gen.pdbx_gene_src_cell                 ? 
_entity_src_gen.pdbx_gene_src_cellular_location    ? 
_entity_src_gen.host_org_common_name               ? 
_entity_src_gen.pdbx_host_org_scientific_name      'Escherichia coli' 
_entity_src_gen.pdbx_host_org_ncbi_taxonomy_id     562 
_entity_src_gen.host_org_genus                     ? 
_entity_src_gen.pdbx_host_org_gene                 ? 
_entity_src_gen.pdbx_host_org_organ                ? 
_entity_src_gen.host_org_species                   ? 
_entity_src_gen.pdbx_host_org_tissue               ? 
_entity_src_gen.pdbx_host_org_tissue_fraction      ? 
_entity_src_gen.pdbx_host_org_strain               ? 
_entity_src_gen.pdbx_host_org_variant              ? 
_entity_src_gen.pdbx_host_org_cell_line            ? 
_entity_src_gen.pdbx_host_org_atcc                 ? 
_entity_src_gen.pdbx_host_org_culture_collection   ? 
_entity_src_gen.pdbx_host_org_cell                 ? 
_entity_src_gen.pdbx_host_org_organelle            ? 
_entity_src_gen.pdbx_host_org_cellular_location    ? 
_entity_src_gen.pdbx_host_org_vector_type          ? 
_entity_src_gen.pdbx_host_org_vector               ? 
_entity_src_gen.host_org_details                   ? 
_entity_src_gen.expression_system_id               ? 
_entity_src_gen.plasmid_name                       ? 
_entity_src_gen.plasmid_details                    ? 
_entity_src_gen.pdbx_description                   ? 
# 
loop_
_chem_comp.id 
_chem_comp.type 
_chem_comp.mon_nstd_flag 
_chem_comp.name 
_chem_comp.pdbx_synonyms 
_chem_comp.formula 
_chem_comp.formula_weight 
8NP non-polymer         . '3-methyl-5-(2-phenoxyphenyl)pyridin-2(1H)-one' ? 'C18 H15 N O2'   277.317 
ALA 'L-peptide linking' y ALANINE                                         ? 'C3 H7 N O2'     89.093  
ARG 'L-peptide linking' y ARGININE                                        ? 'C6 H15 N4 O2 1' 175.209 
ASN 'L-peptide linking' y ASPARAGINE                                      ? 'C4 H8 N2 O3'    132.118 
ASP 'L-peptide linking' y 'ASPARTIC ACID'                                 ? 'C4 H7 N O4'     133.103 
CYS 'L-peptide linking' y CYSTEINE                                        ? 'C3 H7 N O2 S'   121.158 
GLN 'L-peptide linking' y GLUTAMINE                                       ? 'C5 H10 N2 O3'   146.144 
GLU 'L-peptide linking' y 'GLUTAMIC ACID'                                 ? 'C5 H9 N O4'     147.129 
GLY 'peptide linking'   y GLYCINE                                         ? 'C2 H5 N O2'     75.067  
HIS 'L-peptide linking' y HISTIDINE                                       ? 'C6 H10 N3 O2 1' 156.162 
HOH non-polymer         . WATER                                           ? 'H2 O'           18.015  
ILE 'L-peptide linking' y ISOLEUCINE                                      ? 'C6 H13 N O2'    131.173 
LEU 'L-peptide linking' y LEUCINE                                         ? 'C6 H13 N O2'    131.173 
LYS 'L-peptide linking' y LYSINE                                          ? 'C6 H15 N2 O2 1' 147.195 
MET 'L-peptide linking' y METHIONINE                                      ? 'C5 H11 N O2 S'  149.211 
PHE 'L-peptide linking' y PHENYLALANINE                                   ? 'C9 H11 N O2'    165.189 
PRO 'L-peptide linking' y PROLINE                                         ? 'C5 H9 N O2'     115.130 
SER 'L-peptide linking' y SERINE                                          ? 'C3 H7 N O3'     105.093 
THR 'L-peptide linking' y THREONINE                                       ? 'C4 H9 N O3'     119.119 
TRP 'L-peptide linking' y TRYPTOPHAN                                      ? 'C11 H12 N2 O2'  204.225 
TYR 'L-peptide linking' y TYROSINE                                        ? 'C9 H11 N O3'    181.189 
VAL 'L-peptide linking' y VALINE                                          ? 'C5 H11 N O2'    117.146 
# 
loop_
_pdbx_poly_seq_scheme.asym_id 
_pdbx_poly_seq_scheme.entity_id 
_pdbx_poly_seq_scheme.seq_id 
_pdbx_poly_seq_scheme.mon_id 
_pdbx_poly_seq_scheme.ndb_seq_num 
_pdbx_poly_seq_scheme.pdb_seq_num 
_pdbx_poly_seq_scheme.auth_seq_num 
_pdbx_poly_seq_scheme.pdb_mon_id 
_pdbx_poly_seq_scheme.auth_mon_id 
_pdbx_poly_seq_scheme.pdb_strand_id 
_pdbx_poly_seq_scheme.pdb_ins_code 
_pdbx_poly_seq_scheme.hetero 
A 1 1   SER 1   349 349 SER SER A . n 
A 1 2   HIS 2   350 350 HIS HIS A . n 
A 1 3   MET 3   351 351 MET MET A . n 
A 1 4   GLU 4   352 352 GLU GLU A . n 
A 1 5   GLN 5   353 353 GLN GLN A . n 
A 1 6   LEU 6   354 354 LEU LEU A . n 
A 1 7   LYS 7   355 355 LYS LYS A . n 
A 1 8   CYS 8   356 356 CYS CYS A . n 
A 1 9   CYS 9   357 357 CYS CYS A . n 
A 1 10  SER 10  358 358 SER SER A . n 
A 1 11  GLY 11  359 359 GLY GLY A . n 
A 1 12  ILE 12  360 360 ILE ILE A . n 
A 1 13  LEU 13  361 361 LEU LEU A . n 
A 1 14  LYS 14  362 362 LYS LYS A . n 
A 1 15  GLU 15  363 363 GLU GLU A . n 
A 1 16  MET 16  364 364 MET MET A . n 
A 1 17  PHE 17  365 365 PHE PHE A . n 
A 1 18  ALA 18  366 366 ALA ALA A . n 
A 1 19  LYS 19  367 367 LYS LYS A . n 
A 1 20  LYS 20  368 368 LYS LYS A . n 
A 1 21  HIS 21  369 369 HIS HIS A . n 
A 1 22  ALA 22  370 370 ALA ALA A . n 
A 1 23  ALA 23  371 371 ALA ALA A . n 
A 1 24  TYR 24  372 372 TYR TYR A . n 
A 1 25  ALA 25  373 373 ALA ALA A . n 
A 1 26  TRP 26  374 374 TRP TRP A . n 
A 1 27  PRO 27  375 375 PRO PRO A . n 
A 1 28  PHE 28  376 376 PHE PHE A . n 
A 1 29  TYR 29  377 377 TYR TYR A . n 
A 1 30  LYS 30  378 378 LYS LYS A . n 
A 1 31  PRO 31  379 379 PRO PRO A . n 
A 1 32  VAL 32  380 380 VAL VAL A . n 
A 1 33  ASP 33  381 381 ASP ASP A . n 
A 1 34  VAL 34  382 382 VAL VAL A . n 
A 1 35  GLU 35  383 383 GLU GLU A . n 
A 1 36  ALA 36  384 384 ALA ALA A . n 
A 1 37  LEU 37  385 385 LEU LEU A . n 
A 1 38  GLY 38  386 386 GLY GLY A . n 
A 1 39  LEU 39  387 387 LEU LEU A . n 
A 1 40  HIS 40  388 388 HIS HIS A . n 
A 1 41  ASP 41  389 389 ASP ASP A . n 
A 1 42  TYR 42  390 390 TYR TYR A . n 
A 1 43  CYS 43  391 391 CYS CYS A . n 
A 1 44  ASP 44  392 392 ASP ASP A . n 
A 1 45  ILE 45  393 393 ILE ILE A . n 
A 1 46  ILE 46  394 394 ILE ILE A . n 
A 1 47  LYS 47  395 395 LYS LYS A . n 
A 1 48  HIS 48  396 396 HIS HIS A . n 
A 1 49  PRO 49  397 397 PRO PRO A . n 
A 1 50  MET 50  398 398 MET MET A . n 
A 1 51  ASP 51  399 399 ASP ASP A . n 
A 1 52  MET 52  400 400 MET MET A . n 
A 1 53  SER 53  401 401 SER SER A . n 
A 1 54  THR 54  402 402 THR THR A . n 
A 1 55  ILE 55  403 403 ILE ILE A . n 
A 1 56  LYS 56  404 404 LYS LYS A . n 
A 1 57  SER 57  405 405 SER SER A . n 
A 1 58  LYS 58  406 406 LYS LYS A . n 
A 1 59  LEU 59  407 407 LEU LEU A . n 
A 1 60  GLU 60  408 408 GLU GLU A . n 
A 1 61  ALA 61  409 409 ALA ALA A . n 
A 1 62  ARG 62  410 410 ARG ARG A . n 
A 1 63  GLU 63  411 411 GLU GLU A . n 
A 1 64  TYR 64  412 412 TYR TYR A . n 
A 1 65  ARG 65  413 413 ARG ARG A . n 
A 1 66  ASP 66  414 414 ASP ASP A . n 
A 1 67  ALA 67  415 415 ALA ALA A . n 
A 1 68  GLN 68  416 416 GLN GLN A . n 
A 1 69  GLU 69  417 417 GLU GLU A . n 
A 1 70  PHE 70  418 418 PHE PHE A . n 
A 1 71  GLY 71  419 419 GLY GLY A . n 
A 1 72  ALA 72  420 420 ALA ALA A . n 
A 1 73  ASP 73  421 421 ASP ASP A . n 
A 1 74  VAL 74  422 422 VAL VAL A . n 
A 1 75  ARG 75  423 423 ARG ARG A . n 
A 1 76  LEU 76  424 424 LEU LEU A . n 
A 1 77  MET 77  425 425 MET MET A . n 
A 1 78  PHE 78  426 426 PHE PHE A . n 
A 1 79  SER 79  427 427 SER SER A . n 
A 1 80  ASN 80  428 428 ASN ASN A . n 
A 1 81  CYS 81  429 429 CYS CYS A . n 
A 1 82  TYR 82  430 430 TYR TYR A . n 
A 1 83  LYS 83  431 431 LYS LYS A . n 
A 1 84  TYR 84  432 432 TYR TYR A . n 
A 1 85  ASN 85  433 433 ASN ASN A . n 
A 1 86  PRO 86  434 434 PRO PRO A . n 
A 1 87  PRO 87  435 435 PRO PRO A . n 
A 1 88  ASP 88  436 436 ASP ASP A . n 
A 1 89  HIS 89  437 437 HIS HIS A . n 
A 1 90  GLU 90  438 438 GLU GLU A . n 
A 1 91  VAL 91  439 439 VAL VAL A . n 
A 1 92  VAL 92  440 440 VAL VAL A . n 
A 1 93  ALA 93  441 441 ALA ALA A . n 
A 1 94  MET 94  442 442 MET MET A . n 
A 1 95  ALA 95  443 443 ALA ALA A . n 
A 1 96  ARG 96  444 444 ARG ARG A . n 
A 1 97  LYS 97  445 445 LYS LYS A . n 
A 1 98  LEU 98  446 446 LEU LEU A . n 
A 1 99  GLN 99  447 447 GLN GLN A . n 
A 1 100 ASP 100 448 448 ASP ASP A . n 
A 1 101 VAL 101 449 449 VAL VAL A . n 
A 1 102 PHE 102 450 450 PHE PHE A . n 
A 1 103 GLU 103 451 451 GLU GLU A . n 
A 1 104 MET 104 452 452 MET MET A . n 
A 1 105 ARG 105 453 453 ARG ARG A . n 
A 1 106 PHE 106 454 454 PHE PHE A . n 
A 1 107 ALA 107 455 455 ALA ALA A . n 
A 1 108 LYS 108 456 456 LYS LYS A . n 
A 1 109 MET 109 457 457 MET MET A . n 
# 
loop_
_pdbx_nonpoly_scheme.asym_id 
_pdbx_nonpoly_scheme.entity_id 
_pdbx_nonpoly_scheme.mon_id 
_pdbx_nonpoly_scheme.ndb_seq_num 
_pdbx_nonpoly_scheme.pdb_seq_num 
_pdbx_nonpoly_scheme.auth_seq_num 
_pdbx_nonpoly_scheme.pdb_mon_id 
_pdbx_nonpoly_scheme.auth_mon_id 
_pdbx_nonpoly_scheme.pdb_strand_id 
_pdbx_nonpoly_scheme.pdb_ins_code 
B 2 8NP 1   501 1   8NP LIG A . 
C 3 HOH 1   601 67  HOH HOH A . 
C 3 HOH 2   602 1   HOH HOH A . 
C 3 HOH 3   603 38  HOH HOH A . 
C 3 HOH 4   604 39  HOH HOH A . 
C 3 HOH 5   605 40  HOH HOH A . 
C 3 HOH 6   606 120 HOH HOH A . 
C 3 HOH 7   607 3   HOH HOH A . 
C 3 HOH 8   608 28  HOH HOH A . 
C 3 HOH 9   609 4   HOH HOH A . 
C 3 HOH 10  610 35  HOH HOH A . 
C 3 HOH 11  611 44  HOH HOH A . 
C 3 HOH 12  612 122 HOH HOH A . 
C 3 HOH 13  613 88  HOH HOH A . 
C 3 HOH 14  614 68  HOH HOH A . 
C 3 HOH 15  615 47  HOH HOH A . 
C 3 HOH 16  616 112 HOH HOH A . 
C 3 HOH 17  617 6   HOH HOH A . 
C 3 HOH 18  618 13  HOH HOH A . 
C 3 HOH 19  619 127 HOH HOH A . 
C 3 HOH 20  620 22  HOH HOH A . 
C 3 HOH 21  621 55  HOH HOH A . 
C 3 HOH 22  622 109 HOH HOH A . 
C 3 HOH 23  623 115 HOH HOH A . 
C 3 HOH 24  624 14  HOH HOH A . 
C 3 HOH 25  625 12  HOH HOH A . 
C 3 HOH 26  626 52  HOH HOH A . 
C 3 HOH 27  627 132 HOH HOH A . 
C 3 HOH 28  628 53  HOH HOH A . 
C 3 HOH 29  629 113 HOH HOH A . 
C 3 HOH 30  630 7   HOH HOH A . 
C 3 HOH 31  631 83  HOH HOH A . 
C 3 HOH 32  632 62  HOH HOH A . 
C 3 HOH 33  633 60  HOH HOH A . 
C 3 HOH 34  634 80  HOH HOH A . 
C 3 HOH 35  635 24  HOH HOH A . 
C 3 HOH 36  636 10  HOH HOH A . 
C 3 HOH 37  637 29  HOH HOH A . 
C 3 HOH 38  638 17  HOH HOH A . 
C 3 HOH 39  639 42  HOH HOH A . 
C 3 HOH 40  640 9   HOH HOH A . 
C 3 HOH 41  641 102 HOH HOH A . 
C 3 HOH 42  642 21  HOH HOH A . 
C 3 HOH 43  643 118 HOH HOH A . 
C 3 HOH 44  644 23  HOH HOH A . 
C 3 HOH 45  645 59  HOH HOH A . 
C 3 HOH 46  646 79  HOH HOH A . 
C 3 HOH 47  647 123 HOH HOH A . 
C 3 HOH 48  648 105 HOH HOH A . 
C 3 HOH 49  649 108 HOH HOH A . 
C 3 HOH 50  650 103 HOH HOH A . 
C 3 HOH 51  651 125 HOH HOH A . 
C 3 HOH 52  652 45  HOH HOH A . 
C 3 HOH 53  653 56  HOH HOH A . 
C 3 HOH 54  654 46  HOH HOH A . 
C 3 HOH 55  655 8   HOH HOH A . 
C 3 HOH 56  656 27  HOH HOH A . 
C 3 HOH 57  657 11  HOH HOH A . 
C 3 HOH 58  658 20  HOH HOH A . 
C 3 HOH 59  659 84  HOH HOH A . 
C 3 HOH 60  660 144 HOH HOH A . 
C 3 HOH 61  661 63  HOH HOH A . 
C 3 HOH 62  662 43  HOH HOH A . 
C 3 HOH 63  663 136 HOH HOH A . 
C 3 HOH 64  664 31  HOH HOH A . 
C 3 HOH 65  665 34  HOH HOH A . 
C 3 HOH 66  666 111 HOH HOH A . 
C 3 HOH 67  667 5   HOH HOH A . 
C 3 HOH 68  668 74  HOH HOH A . 
C 3 HOH 69  669 116 HOH HOH A . 
C 3 HOH 70  670 71  HOH HOH A . 
C 3 HOH 71  671 131 HOH HOH A . 
C 3 HOH 72  672 26  HOH HOH A . 
C 3 HOH 73  673 37  HOH HOH A . 
C 3 HOH 74  674 30  HOH HOH A . 
C 3 HOH 75  675 15  HOH HOH A . 
C 3 HOH 76  676 16  HOH HOH A . 
C 3 HOH 77  677 2   HOH HOH A . 
C 3 HOH 78  678 95  HOH HOH A . 
C 3 HOH 79  679 48  HOH HOH A . 
C 3 HOH 80  680 33  HOH HOH A . 
C 3 HOH 81  681 41  HOH HOH A . 
C 3 HOH 82  682 121 HOH HOH A . 
C 3 HOH 83  683 54  HOH HOH A . 
C 3 HOH 84  684 89  HOH HOH A . 
C 3 HOH 85  685 18  HOH HOH A . 
C 3 HOH 86  686 49  HOH HOH A . 
C 3 HOH 87  687 94  HOH HOH A . 
C 3 HOH 88  688 143 HOH HOH A . 
C 3 HOH 89  689 19  HOH HOH A . 
C 3 HOH 90  690 69  HOH HOH A . 
C 3 HOH 91  691 110 HOH HOH A . 
C 3 HOH 92  692 117 HOH HOH A . 
C 3 HOH 93  693 36  HOH HOH A . 
C 3 HOH 94  694 133 HOH HOH A . 
C 3 HOH 95  695 82  HOH HOH A . 
C 3 HOH 96  696 85  HOH HOH A . 
C 3 HOH 97  697 126 HOH HOH A . 
C 3 HOH 98  698 90  HOH HOH A . 
C 3 HOH 99  699 32  HOH HOH A . 
C 3 HOH 100 700 99  HOH HOH A . 
C 3 HOH 101 701 142 HOH HOH A . 
C 3 HOH 102 702 78  HOH HOH A . 
C 3 HOH 103 703 104 HOH HOH A . 
C 3 HOH 104 704 93  HOH HOH A . 
C 3 HOH 105 705 76  HOH HOH A . 
C 3 HOH 106 706 66  HOH HOH A . 
C 3 HOH 107 707 86  HOH HOH A . 
C 3 HOH 108 708 114 HOH HOH A . 
C 3 HOH 109 709 25  HOH HOH A . 
C 3 HOH 110 710 92  HOH HOH A . 
C 3 HOH 111 711 51  HOH HOH A . 
C 3 HOH 112 712 73  HOH HOH A . 
C 3 HOH 113 713 119 HOH HOH A . 
C 3 HOH 114 714 91  HOH HOH A . 
C 3 HOH 115 715 57  HOH HOH A . 
C 3 HOH 116 716 70  HOH HOH A . 
C 3 HOH 117 717 100 HOH HOH A . 
C 3 HOH 118 718 77  HOH HOH A . 
C 3 HOH 119 719 139 HOH HOH A . 
C 3 HOH 120 720 81  HOH HOH A . 
C 3 HOH 121 721 107 HOH HOH A . 
C 3 HOH 122 722 72  HOH HOH A . 
C 3 HOH 123 723 141 HOH HOH A . 
C 3 HOH 124 724 134 HOH HOH A . 
C 3 HOH 125 725 129 HOH HOH A . 
C 3 HOH 126 726 135 HOH HOH A . 
C 3 HOH 127 727 137 HOH HOH A . 
C 3 HOH 128 728 50  HOH HOH A . 
C 3 HOH 129 729 130 HOH HOH A . 
C 3 HOH 130 730 64  HOH HOH A . 
C 3 HOH 131 731 58  HOH HOH A . 
C 3 HOH 132 732 128 HOH HOH A . 
C 3 HOH 133 733 65  HOH HOH A . 
C 3 HOH 134 734 138 HOH HOH A . 
C 3 HOH 135 735 75  HOH HOH A . 
C 3 HOH 136 736 61  HOH HOH A . 
C 3 HOH 137 737 106 HOH HOH A . 
C 3 HOH 138 738 140 HOH HOH A . 
C 3 HOH 139 739 96  HOH HOH A . 
C 3 HOH 140 740 97  HOH HOH A . 
C 3 HOH 141 741 124 HOH HOH A . 
C 3 HOH 142 742 101 HOH HOH A . 
C 3 HOH 143 743 87  HOH HOH A . 
C 3 HOH 144 744 98  HOH HOH A . 
# 
loop_
_software.citation_id 
_software.classification 
_software.compiler_name 
_software.compiler_version 
_software.contact_author 
_software.contact_author_email 
_software.date 
_software.description 
_software.dependencies 
_software.hardware 
_software.language 
_software.location 
_software.mods 
_software.name 
_software.os 
_software.os_version 
_software.type 
_software.version 
_software.pdbx_ordinal 
? 'data reduction' ? ? ? ? ? ? ? ? ? ? ? XDS    ? ? ? 2.11.7 1 
? 'data scaling'   ? ? ? ? ? ? ? ? ? ? ? SCALA  ? ? ? .      2 
? 'model building' ? ? ? ? ? ? ? ? ? ? ? Coot   ? ? ? .      3 
? refinement       ? ? ? ? ? ? ? ? ? ? ? BUSTER ? ? ? 2.11.7 4 
# 
_cell.angle_alpha                  90.00 
_cell.angle_alpha_esd              ? 
_cell.angle_beta                   90.00 
_cell.angle_beta_esd               ? 
_cell.angle_gamma                  90.00 
_cell.angle_gamma_esd              ? 
_cell.entry_id                     5UVZ 
_cell.details                      ? 
_cell.formula_units_Z              ? 
_cell.length_a                     57.267 
_cell.length_a_esd                 ? 
_cell.length_b                     73.642 
_cell.length_b_esd                 ? 
_cell.length_c                     33.719 
_cell.length_c_esd                 ? 
_cell.volume                       ? 
_cell.volume_esd                   ? 
_cell.Z_PDB                        4 
_cell.reciprocal_angle_alpha       ? 
_cell.reciprocal_angle_beta        ? 
_cell.reciprocal_angle_gamma       ? 
_cell.reciprocal_angle_alpha_esd   ? 
_cell.reciprocal_angle_beta_esd    ? 
_cell.reciprocal_angle_gamma_esd   ? 
_cell.reciprocal_length_a          ? 
_cell.reciprocal_length_b          ? 
_cell.reciprocal_length_c          ? 
_cell.reciprocal_length_a_esd      ? 
_cell.reciprocal_length_b_esd      ? 
_cell.reciprocal_length_c_esd      ? 
_cell.pdbx_unique_axis             ? 
# 
_symmetry.entry_id                         5UVZ 
_symmetry.cell_setting                     ? 
_symmetry.Int_Tables_number                18 
_symmetry.space_group_name_Hall            ? 
_symmetry.space_group_name_H-M             'P 21 21 2' 
_symmetry.pdbx_full_space_group_name_H-M   ? 
# 
_exptl.absorpt_coefficient_mu     ? 
_exptl.absorpt_correction_T_max   ? 
_exptl.absorpt_correction_T_min   ? 
_exptl.absorpt_correction_type    ? 
_exptl.absorpt_process_details    ? 
_exptl.entry_id                   5UVZ 
_exptl.crystals_number            1 
_exptl.details                    ? 
_exptl.method                     'X-RAY DIFFRACTION' 
_exptl.method_details             ? 
# 
_exptl_crystal.colour                      ? 
_exptl_crystal.density_diffrn              ? 
_exptl_crystal.density_Matthews            2.78 
_exptl_crystal.density_method              ? 
_exptl_crystal.density_percent_sol         55.69 
_exptl_crystal.description                 ? 
_exptl_crystal.F_000                       ? 
_exptl_crystal.id                          1 
_exptl_crystal.preparation                 ? 
_exptl_crystal.size_max                    ? 
_exptl_crystal.size_mid                    ? 
_exptl_crystal.size_min                    ? 
_exptl_crystal.size_rad                    ? 
_exptl_crystal.colour_lustre               ? 
_exptl_crystal.colour_modifier             ? 
_exptl_crystal.colour_primary              ? 
_exptl_crystal.density_meas                ? 
_exptl_crystal.density_meas_esd            ? 
_exptl_crystal.density_meas_gt             ? 
_exptl_crystal.density_meas_lt             ? 
_exptl_crystal.density_meas_temp           ? 
_exptl_crystal.density_meas_temp_esd       ? 
_exptl_crystal.density_meas_temp_gt        ? 
_exptl_crystal.density_meas_temp_lt        ? 
_exptl_crystal.pdbx_crystal_image_url      ? 
_exptl_crystal.pdbx_crystal_image_format   ? 
_exptl_crystal.pdbx_mosaicity              ? 
_exptl_crystal.pdbx_mosaicity_esd          ? 
# 
_exptl_crystal_grow.apparatus       ? 
_exptl_crystal_grow.atmosphere      ? 
_exptl_crystal_grow.crystal_id      1 
_exptl_crystal_grow.details         ? 
_exptl_crystal_grow.method          'VAPOR DIFFUSION' 
_exptl_crystal_grow.method_ref      ? 
_exptl_crystal_grow.pH              ? 
_exptl_crystal_grow.pressure        ? 
_exptl_crystal_grow.pressure_esd    ? 
_exptl_crystal_grow.seeding         ? 
_exptl_crystal_grow.seeding_ref     ? 
_exptl_crystal_grow.temp            277 
_exptl_crystal_grow.temp_details    ? 
_exptl_crystal_grow.temp_esd        ? 
_exptl_crystal_grow.time            ? 
_exptl_crystal_grow.pdbx_details    
;Protein Buffer :
10 mM HEPES PH 7.5
100 mM NaCl   5 mM DTT
Crystallization :
15 % (v/v) Ethanol   Tris  PH 7.0
;
_exptl_crystal_grow.pdbx_pH_range   ? 
# 
_diffrn.ambient_environment    ? 
_diffrn.ambient_temp           100 
_diffrn.ambient_temp_details   ? 
_diffrn.ambient_temp_esd       ? 
_diffrn.crystal_id             1 
_diffrn.crystal_support        ? 
_diffrn.crystal_treatment      ? 
_diffrn.details                ? 
_diffrn.id                     1 
_diffrn.ambient_pressure       ? 
_diffrn.ambient_pressure_esd   ? 
_diffrn.ambient_pressure_gt    ? 
_diffrn.ambient_pressure_lt    ? 
_diffrn.ambient_temp_gt        ? 
_diffrn.ambient_temp_lt        ? 
# 
_diffrn_detector.details                      ? 
_diffrn_detector.detector                     PIXEL 
_diffrn_detector.diffrn_id                    1 
_diffrn_detector.type                         'DECTRIS PILATUS3 S 6M' 
_diffrn_detector.area_resol_mean              ? 
_diffrn_detector.dtime                        ? 
_diffrn_detector.pdbx_frames_total            ? 
_diffrn_detector.pdbx_collection_time_total   ? 
_diffrn_detector.pdbx_collection_date         2011-06-22 
# 
_diffrn_radiation.collimation                      ? 
_diffrn_radiation.diffrn_id                        1 
_diffrn_radiation.filter_edge                      ? 
_diffrn_radiation.inhomogeneity                    ? 
_diffrn_radiation.monochromator                    ? 
_diffrn_radiation.polarisn_norm                    ? 
_diffrn_radiation.polarisn_ratio                   ? 
_diffrn_radiation.probe                            ? 
_diffrn_radiation.type                             ? 
_diffrn_radiation.xray_symbol                      ? 
_diffrn_radiation.wavelength_id                    1 
_diffrn_radiation.pdbx_monochromatic_or_laue_m_l   M 
_diffrn_radiation.pdbx_wavelength_list             ? 
_diffrn_radiation.pdbx_wavelength                  ? 
_diffrn_radiation.pdbx_diffrn_protocol             'SINGLE WAVELENGTH' 
_diffrn_radiation.pdbx_analyzer                    ? 
_diffrn_radiation.pdbx_scattering_type             x-ray 
# 
_diffrn_radiation_wavelength.id           1 
_diffrn_radiation_wavelength.wavelength   1.0 
_diffrn_radiation_wavelength.wt           1.0 
# 
_diffrn_source.current                     ? 
_diffrn_source.details                     ? 
_diffrn_source.diffrn_id                   1 
_diffrn_source.power                       ? 
_diffrn_source.size                        ? 
_diffrn_source.source                      SYNCHROTRON 
_diffrn_source.target                      ? 
_diffrn_source.type                        'APS BEAMLINE 17-ID' 
_diffrn_source.voltage                     ? 
_diffrn_source.take-off_angle              ? 
_diffrn_source.pdbx_wavelength_list        1.0 
_diffrn_source.pdbx_wavelength             ? 
_diffrn_source.pdbx_synchrotron_beamline   17-ID 
_diffrn_source.pdbx_synchrotron_site       APS 
# 
_reflns.B_iso_Wilson_estimate            27.59 
_reflns.entry_id                         5UVZ 
_reflns.data_reduction_details           ? 
_reflns.data_reduction_method            ? 
_reflns.d_resolution_high                1.63 
_reflns.d_resolution_low                 73.6 
_reflns.details                          ? 
_reflns.limit_h_max                      ? 
_reflns.limit_h_min                      ? 
_reflns.limit_k_max                      ? 
_reflns.limit_k_min                      ? 
_reflns.limit_l_max                      ? 
_reflns.limit_l_min                      ? 
_reflns.number_all                       ? 
_reflns.number_obs                       18441 
_reflns.observed_criterion               ? 
_reflns.observed_criterion_F_max         ? 
_reflns.observed_criterion_F_min         ? 
_reflns.observed_criterion_I_max         ? 
_reflns.observed_criterion_I_min         ? 
_reflns.observed_criterion_sigma_F       ? 
_reflns.observed_criterion_sigma_I       ? 
_reflns.percent_possible_obs             100 
_reflns.R_free_details                   ? 
_reflns.Rmerge_F_all                     ? 
_reflns.Rmerge_F_obs                     ? 
_reflns.Friedel_coverage                 ? 
_reflns.number_gt                        ? 
_reflns.threshold_expression             ? 
_reflns.pdbx_redundancy                  6.2 
_reflns.pdbx_Rmerge_I_obs                0.048 
_reflns.pdbx_Rmerge_I_all                ? 
_reflns.pdbx_Rsym_value                  0.048 
_reflns.pdbx_netI_over_av_sigmaI         ? 
_reflns.pdbx_netI_over_sigmaI            19.6 
_reflns.pdbx_res_netI_over_av_sigmaI_2   ? 
_reflns.pdbx_res_netI_over_sigmaI_2      ? 
_reflns.pdbx_chi_squared                 ? 
_reflns.pdbx_scaling_rejects             ? 
_reflns.pdbx_d_res_high_opt              ? 
_reflns.pdbx_d_res_low_opt               ? 
_reflns.pdbx_d_res_opt_method            ? 
_reflns.phase_calculation_details        ? 
_reflns.pdbx_Rrim_I_all                  ? 
_reflns.pdbx_Rpim_I_all                  ? 
_reflns.pdbx_d_opt                       ? 
_reflns.pdbx_number_measured_all         ? 
_reflns.pdbx_diffrn_id                   1 
_reflns.pdbx_ordinal                     1 
_reflns.pdbx_CC_half                     ? 
_reflns.pdbx_R_split                     ? 
# 
_reflns_shell.d_res_high                  . 
_reflns_shell.d_res_low                   ? 
_reflns_shell.meanI_over_sigI_all         ? 
_reflns_shell.meanI_over_sigI_obs         ? 
_reflns_shell.number_measured_all         ? 
_reflns_shell.number_measured_obs         ? 
_reflns_shell.number_possible             ? 
_reflns_shell.number_unique_all           ? 
_reflns_shell.number_unique_obs           ? 
_reflns_shell.percent_possible_all        ? 
_reflns_shell.percent_possible_obs        ? 
_reflns_shell.Rmerge_F_all                ? 
_reflns_shell.Rmerge_F_obs                ? 
_reflns_shell.Rmerge_I_all                ? 
_reflns_shell.Rmerge_I_obs                ? 
_reflns_shell.meanI_over_sigI_gt          ? 
_reflns_shell.meanI_over_uI_all           ? 
_reflns_shell.meanI_over_uI_gt            ? 
_reflns_shell.number_measured_gt          ? 
_reflns_shell.number_unique_gt            ? 
_reflns_shell.percent_possible_gt         ? 
_reflns_shell.Rmerge_F_gt                 ? 
_reflns_shell.Rmerge_I_gt                 ? 
_reflns_shell.pdbx_redundancy             ? 
_reflns_shell.pdbx_Rsym_value             ? 
_reflns_shell.pdbx_chi_squared            ? 
_reflns_shell.pdbx_netI_over_sigmaI_all   ? 
_reflns_shell.pdbx_netI_over_sigmaI_obs   ? 
_reflns_shell.pdbx_Rrim_I_all             ? 
_reflns_shell.pdbx_Rpim_I_all             ? 
_reflns_shell.pdbx_rejects                ? 
_reflns_shell.pdbx_ordinal                1 
_reflns_shell.pdbx_diffrn_id              1 
_reflns_shell.pdbx_CC_half                ? 
_reflns_shell.pdbx_R_split                ? 
# 
_refine.aniso_B[1][1]                            -10.51200 
_refine.aniso_B[1][2]                            0.00000 
_refine.aniso_B[1][3]                            0.00000 
_refine.aniso_B[2][2]                            8.71830 
_refine.aniso_B[2][3]                            0.00000 
_refine.aniso_B[3][3]                            1.79370 
_refine.B_iso_max                                ? 
_refine.B_iso_mean                               34.95 
_refine.B_iso_min                                ? 
_refine.correlation_coeff_Fo_to_Fc               0.948 
_refine.correlation_coeff_Fo_to_Fc_free          0.933 
_refine.details                                  ? 
_refine.diff_density_max                         ? 
_refine.diff_density_max_esd                     ? 
_refine.diff_density_min                         ? 
_refine.diff_density_min_esd                     ? 
_refine.diff_density_rms                         ? 
_refine.diff_density_rms_esd                     ? 
_refine.entry_id                                 5UVZ 
_refine.pdbx_refine_id                           'X-RAY DIFFRACTION' 
_refine.ls_abs_structure_details                 ? 
_refine.ls_abs_structure_Flack                   ? 
_refine.ls_abs_structure_Flack_esd               ? 
_refine.ls_abs_structure_Rogers                  ? 
_refine.ls_abs_structure_Rogers_esd              ? 
_refine.ls_d_res_high                            1.63 
_refine.ls_d_res_low                             30.97 
_refine.ls_extinction_coef                       ? 
_refine.ls_extinction_coef_esd                   ? 
_refine.ls_extinction_expression                 ? 
_refine.ls_extinction_method                     ? 
_refine.ls_goodness_of_fit_all                   ? 
_refine.ls_goodness_of_fit_all_esd               ? 
_refine.ls_goodness_of_fit_obs                   ? 
_refine.ls_goodness_of_fit_obs_esd               ? 
_refine.ls_hydrogen_treatment                    ? 
_refine.ls_matrix_type                           ? 
_refine.ls_number_constraints                    ? 
_refine.ls_number_parameters                     ? 
_refine.ls_number_reflns_all                     ? 
_refine.ls_number_reflns_obs                     18397 
_refine.ls_number_reflns_R_free                  943 
_refine.ls_number_reflns_R_work                  ? 
_refine.ls_number_restraints                     ? 
_refine.ls_percent_reflns_obs                    99.7 
_refine.ls_percent_reflns_R_free                 5.130 
_refine.ls_R_factor_all                          ? 
_refine.ls_R_factor_obs                          0.189 
_refine.ls_R_factor_R_free                       0.225 
_refine.ls_R_factor_R_free_error                 0.02 
_refine.ls_R_factor_R_free_error_details         ? 
_refine.ls_R_factor_R_work                       0.187 
_refine.ls_R_Fsqd_factor_obs                     ? 
_refine.ls_R_I_factor_obs                        ? 
_refine.ls_redundancy_reflns_all                 ? 
_refine.ls_redundancy_reflns_obs                 ? 
_refine.ls_restrained_S_all                      ? 
_refine.ls_restrained_S_obs                      ? 
_refine.ls_shift_over_esd_max                    ? 
_refine.ls_shift_over_esd_mean                   ? 
_refine.ls_structure_factor_coef                 ? 
_refine.ls_weighting_details                     ? 
_refine.ls_weighting_scheme                      ? 
_refine.ls_wR_factor_all                         ? 
_refine.ls_wR_factor_obs                         ? 
_refine.ls_wR_factor_R_free                      ? 
_refine.ls_wR_factor_R_work                      ? 
_refine.occupancy_max                            ? 
_refine.occupancy_min                            ? 
_refine.solvent_model_details                    ? 
_refine.solvent_model_param_bsol                 ? 
_refine.solvent_model_param_ksol                 ? 
_refine.ls_R_factor_gt                           ? 
_refine.ls_goodness_of_fit_gt                    ? 
_refine.ls_goodness_of_fit_ref                   ? 
_refine.ls_shift_over_su_max                     ? 
_refine.ls_shift_over_su_max_lt                  ? 
_refine.ls_shift_over_su_mean                    ? 
_refine.ls_shift_over_su_mean_lt                 ? 
_refine.pdbx_ls_sigma_I                          ? 
_refine.pdbx_ls_sigma_F                          0.000 
_refine.pdbx_ls_sigma_Fsqd                       ? 
_refine.pdbx_data_cutoff_high_absF               ? 
_refine.pdbx_data_cutoff_high_rms_absF           ? 
_refine.pdbx_data_cutoff_low_absF                ? 
_refine.pdbx_isotropic_thermal_model             ? 
_refine.pdbx_ls_cross_valid_method               THROUGHOUT 
_refine.pdbx_method_to_determine_struct          ? 
_refine.pdbx_starting_model                      ? 
_refine.pdbx_stereochemistry_target_values       ? 
_refine.pdbx_R_Free_selection_details            RANDOM 
_refine.pdbx_stereochem_target_val_spec_case     ? 
_refine.pdbx_overall_ESU_R                       ? 
_refine.pdbx_overall_ESU_R_Free                  ? 
_refine.pdbx_solvent_vdw_probe_radii             ? 
_refine.pdbx_solvent_ion_probe_radii             ? 
_refine.pdbx_solvent_shrinkage_radii             ? 
_refine.pdbx_real_space_R                        ? 
_refine.pdbx_density_correlation                 ? 
_refine.pdbx_pd_number_of_powder_patterns        ? 
_refine.pdbx_pd_number_of_points                 ? 
_refine.pdbx_pd_meas_number_of_points            ? 
_refine.pdbx_pd_proc_ls_prof_R_factor            ? 
_refine.pdbx_pd_proc_ls_prof_wR_factor           ? 
_refine.pdbx_pd_Marquardt_correlation_coeff      ? 
_refine.pdbx_pd_Fsqrd_R_factor                   ? 
_refine.pdbx_pd_ls_matrix_band_width             ? 
_refine.pdbx_overall_phase_error                 ? 
_refine.pdbx_overall_SU_R_free_Cruickshank_DPI   0.088 
_refine.pdbx_overall_SU_R_free_Blow_DPI          0.095 
_refine.pdbx_overall_SU_R_Blow_DPI               0.093 
_refine.pdbx_TLS_residual_ADP_flag               ? 
_refine.pdbx_diffrn_id                           1 
_refine.overall_SU_B                             ? 
_refine.overall_SU_ML                            ? 
_refine.overall_SU_R_Cruickshank_DPI             0.083 
_refine.overall_SU_R_free                        ? 
_refine.overall_FOM_free_R_set                   ? 
_refine.overall_FOM_work_R_set                   ? 
_refine.pdbx_average_fsc_overall                 ? 
_refine.pdbx_average_fsc_work                    ? 
_refine.pdbx_average_fsc_free                    ? 
# 
_refine_analyze.entry_id                        5UVZ 
_refine_analyze.pdbx_refine_id                  'X-RAY DIFFRACTION' 
_refine_analyze.Luzzati_coordinate_error_free   ? 
_refine_analyze.Luzzati_coordinate_error_obs    0.22 
_refine_analyze.Luzzati_d_res_low_free          ? 
_refine_analyze.Luzzati_d_res_low_obs           ? 
_refine_analyze.Luzzati_sigma_a_free            ? 
_refine_analyze.Luzzati_sigma_a_free_details    ? 
_refine_analyze.Luzzati_sigma_a_obs             ? 
_refine_analyze.Luzzati_sigma_a_obs_details     ? 
_refine_analyze.number_disordered_residues      ? 
_refine_analyze.occupancy_sum_hydrogen          ? 
_refine_analyze.occupancy_sum_non_hydrogen      ? 
_refine_analyze.RG_d_res_high                   ? 
_refine_analyze.RG_d_res_low                    ? 
_refine_analyze.RG_free                         ? 
_refine_analyze.RG_work                         ? 
_refine_analyze.RG_free_work_ratio              ? 
_refine_analyze.pdbx_Luzzati_d_res_high_obs     ? 
# 
_refine_hist.pdbx_refine_id                   'X-RAY DIFFRACTION' 
_refine_hist.cycle_id                         1 
_refine_hist.pdbx_number_atoms_protein        892 
_refine_hist.pdbx_number_atoms_nucleic_acid   0 
_refine_hist.pdbx_number_atoms_ligand         21 
_refine_hist.number_atoms_solvent             142 
_refine_hist.number_atoms_total               1055 
_refine_hist.d_res_high                       1.63 
_refine_hist.d_res_low                        30.97 
# 
loop_
_refine_ls_restr.pdbx_refine_id 
_refine_ls_restr.criterion 
_refine_ls_restr.dev_ideal 
_refine_ls_restr.dev_ideal_target 
_refine_ls_restr.number 
_refine_ls_restr.rejects 
_refine_ls_restr.type 
_refine_ls_restr.weight 
_refine_ls_restr.pdbx_restraint_function 
'X-RAY DIFFRACTION' ? 0.010 ? 948  ? t_bond_d                  2.00  HARMONIC     
'X-RAY DIFFRACTION' ? 0.93  ? 1272 ? t_angle_deg               2.00  HARMONIC     
'X-RAY DIFFRACTION' ? ?     ? 337  ? t_dihedral_angle_d        2.00  SINUSOIDAL   
'X-RAY DIFFRACTION' ? ?     ? ?    ? t_incorr_chiral_ct        ?     ?            
'X-RAY DIFFRACTION' ? ?     ? ?    ? t_pseud_angle             ?     ?            
'X-RAY DIFFRACTION' ? ?     ? 21   ? t_trig_c_planes           2.00  HARMONIC     
'X-RAY DIFFRACTION' ? ?     ? 145  ? t_gen_planes              5.00  HARMONIC     
'X-RAY DIFFRACTION' ? ?     ? 948  ? t_it                      20.00 HARMONIC     
'X-RAY DIFFRACTION' ? ?     ? ?    ? t_nbd                     ?     ?            
'X-RAY DIFFRACTION' ? 3.02  ? ?    ? t_omega_torsion           ?     ?            
'X-RAY DIFFRACTION' ? 15.09 ? ?    ? t_other_torsion           ?     ?            
'X-RAY DIFFRACTION' ? ?     ? ?    ? t_improper_torsion        ?     ?            
'X-RAY DIFFRACTION' ? ?     ? 112  ? t_chiral_improper_torsion 5.00  SEMIHARMONIC 
'X-RAY DIFFRACTION' ? ?     ? ?    ? t_sum_occupancies         ?     ?            
'X-RAY DIFFRACTION' ? ?     ? ?    ? t_utility_distance        ?     ?            
'X-RAY DIFFRACTION' ? ?     ? ?    ? t_utility_angle           ?     ?            
'X-RAY DIFFRACTION' ? ?     ? ?    ? t_utility_torsion         ?     ?            
'X-RAY DIFFRACTION' ? ?     ? 1200 ? t_ideal_dist_contact      4.00  SEMIHARMONIC 
# 
_refine_ls_shell.pdbx_refine_id                   'X-RAY DIFFRACTION' 
_refine_ls_shell.d_res_high                       1.63 
_refine_ls_shell.d_res_low                        1.73 
_refine_ls_shell.number_reflns_all                2901 
_refine_ls_shell.number_reflns_obs                ? 
_refine_ls_shell.number_reflns_R_free             141 
_refine_ls_shell.number_reflns_R_work             2760 
_refine_ls_shell.percent_reflns_obs               99.39 
_refine_ls_shell.percent_reflns_R_free            4.86 
_refine_ls_shell.R_factor_all                     0.218 
_refine_ls_shell.R_factor_obs                     ? 
_refine_ls_shell.R_factor_R_free                  0.242 
_refine_ls_shell.R_factor_R_free_error            0.000 
_refine_ls_shell.R_factor_R_work                  0.216 
_refine_ls_shell.redundancy_reflns_all            ? 
_refine_ls_shell.redundancy_reflns_obs            ? 
_refine_ls_shell.wR_factor_all                    ? 
_refine_ls_shell.wR_factor_obs                    ? 
_refine_ls_shell.wR_factor_R_free                 ? 
_refine_ls_shell.wR_factor_R_work                 ? 
_refine_ls_shell.pdbx_total_number_of_bins_used   9 
_refine_ls_shell.pdbx_phase_error                 ? 
_refine_ls_shell.pdbx_fsc_work                    ? 
_refine_ls_shell.pdbx_fsc_free                    ? 
# 
_struct.entry_id                     5UVZ 
_struct.title                        'BRD4 Bromodomain 2 with A-1354689' 
_struct.pdbx_model_details           ? 
_struct.pdbx_formula_weight          ? 
_struct.pdbx_formula_weight_method   ? 
_struct.pdbx_model_type_details      ? 
_struct.pdbx_CASP_flag               N 
# 
_struct_keywords.entry_id        5UVZ 
_struct_keywords.text            'Helix bundle, SIGNALING PROTEIN-INHIBITOR complex' 
_struct_keywords.pdbx_keywords   'SIGNALING PROTEIN/INHIBITOR' 
# 
loop_
_struct_asym.id 
_struct_asym.pdbx_blank_PDB_chainid_flag 
_struct_asym.pdbx_modified 
_struct_asym.entity_id 
_struct_asym.details 
A N N 1 ? 
B N N 2 ? 
C N N 3 ? 
# 
_struct_ref.id                         1 
_struct_ref.db_name                    UNP 
_struct_ref.db_code                    BRD4_HUMAN 
_struct_ref.pdbx_db_accession          O60885 
_struct_ref.pdbx_db_isoform            ? 
_struct_ref.entity_id                  1 
_struct_ref.pdbx_seq_one_letter_code   
;EQLKCCSGILKEMFAKKHAAYAWPFYKPVDVEALGLHDYCDIIKHPMDMSTIKSKLEAREYRDAQEFGADVRLMFSNCYK
YNPPDHEVVAMARKLQDVFEMRFAKM
;
_struct_ref.pdbx_align_begin           352 
# 
_struct_ref_seq.align_id                      1 
_struct_ref_seq.ref_id                        1 
_struct_ref_seq.pdbx_PDB_id_code              5UVZ 
_struct_ref_seq.pdbx_strand_id                A 
_struct_ref_seq.seq_align_beg                 4 
_struct_ref_seq.pdbx_seq_align_beg_ins_code   ? 
_struct_ref_seq.seq_align_end                 109 
_struct_ref_seq.pdbx_seq_align_end_ins_code   ? 
_struct_ref_seq.pdbx_db_accession             O60885 
_struct_ref_seq.db_align_beg                  352 
_struct_ref_seq.pdbx_db_align_beg_ins_code    ? 
_struct_ref_seq.db_align_end                  457 
_struct_ref_seq.pdbx_db_align_end_ins_code    ? 
_struct_ref_seq.pdbx_auth_seq_align_beg       352 
_struct_ref_seq.pdbx_auth_seq_align_end       457 
# 
loop_
_struct_ref_seq_dif.align_id 
_struct_ref_seq_dif.pdbx_pdb_id_code 
_struct_ref_seq_dif.mon_id 
_struct_ref_seq_dif.pdbx_pdb_strand_id 
_struct_ref_seq_dif.seq_num 
_struct_ref_seq_dif.pdbx_pdb_ins_code 
_struct_ref_seq_dif.pdbx_seq_db_name 
_struct_ref_seq_dif.pdbx_seq_db_accession_code 
_struct_ref_seq_dif.db_mon_id 
_struct_ref_seq_dif.pdbx_seq_db_seq_num 
_struct_ref_seq_dif.details 
_struct_ref_seq_dif.pdbx_auth_seq_num 
_struct_ref_seq_dif.pdbx_ordinal 
1 5UVZ SER A 1 ? UNP O60885 ? ? 'expression tag' 349 1 
1 5UVZ HIS A 2 ? UNP O60885 ? ? 'expression tag' 350 2 
1 5UVZ MET A 3 ? UNP O60885 ? ? 'expression tag' 351 3 
# 
_pdbx_struct_assembly.id                   1 
_pdbx_struct_assembly.details              author_and_software_defined_assembly 
_pdbx_struct_assembly.method_details       PISA 
_pdbx_struct_assembly.oligomeric_details   monomeric 
_pdbx_struct_assembly.oligomeric_count     1 
# 
loop_
_pdbx_struct_assembly_prop.biol_id 
_pdbx_struct_assembly_prop.type 
_pdbx_struct_assembly_prop.value 
_pdbx_struct_assembly_prop.details 
1 'ABSA (A^2)' 0    ? 
1 MORE         0    ? 
1 'SSA (A^2)'  6970 ? 
# 
_pdbx_struct_assembly_gen.assembly_id       1 
_pdbx_struct_assembly_gen.oper_expression   1 
_pdbx_struct_assembly_gen.asym_id_list      A,B,C 
# 
_pdbx_struct_oper_list.id                   1 
_pdbx_struct_oper_list.type                 'identity operation' 
_pdbx_struct_oper_list.name                 1_555 
_pdbx_struct_oper_list.symmetry_operation   x,y,z 
_pdbx_struct_oper_list.matrix[1][1]         1.0000000000 
_pdbx_struct_oper_list.matrix[1][2]         0.0000000000 
_pdbx_struct_oper_list.matrix[1][3]         0.0000000000 
_pdbx_struct_oper_list.vector[1]            0.0000000000 
_pdbx_struct_oper_list.matrix[2][1]         0.0000000000 
_pdbx_struct_oper_list.matrix[2][2]         1.0000000000 
_pdbx_struct_oper_list.matrix[2][3]         0.0000000000 
_pdbx_struct_oper_list.vector[2]            0.0000000000 
_pdbx_struct_oper_list.matrix[3][1]         0.0000000000 
_pdbx_struct_oper_list.matrix[3][2]         0.0000000000 
_pdbx_struct_oper_list.matrix[3][3]         1.0000000000 
_pdbx_struct_oper_list.vector[3]            0.0000000000 
# 
loop_
_struct_conf.conf_type_id 
_struct_conf.id 
_struct_conf.pdbx_PDB_helix_id 
_struct_conf.beg_label_comp_id 
_struct_conf.beg_label_asym_id 
_struct_conf.beg_label_seq_id 
_struct_conf.pdbx_beg_PDB_ins_code 
_struct_conf.end_label_comp_id 
_struct_conf.end_label_asym_id 
_struct_conf.end_label_seq_id 
_struct_conf.pdbx_end_PDB_ins_code 
_struct_conf.beg_auth_comp_id 
_struct_conf.beg_auth_asym_id 
_struct_conf.beg_auth_seq_id 
_struct_conf.end_auth_comp_id 
_struct_conf.end_auth_asym_id 
_struct_conf.end_auth_seq_id 
_struct_conf.pdbx_PDB_helix_class 
_struct_conf.details 
_struct_conf.pdbx_PDB_helix_length 
HELX_P HELX_P1 AA1 SER A 1  ? PHE A 17  ? SER A 349 PHE A 365 1 ? 17 
HELX_P HELX_P2 AA2 ALA A 18 ? LYS A 20  ? ALA A 366 LYS A 368 5 ? 3  
HELX_P HELX_P3 AA3 HIS A 21 ? TRP A 26  ? HIS A 369 TRP A 374 1 ? 6  
HELX_P HELX_P4 AA4 PRO A 27 ? TYR A 29  ? PRO A 375 TYR A 377 5 ? 3  
HELX_P HELX_P5 AA5 ASP A 41 ? ILE A 46  ? ASP A 389 ILE A 394 1 ? 6  
HELX_P HELX_P6 AA6 ASP A 51 ? ALA A 61  ? ASP A 399 ALA A 409 1 ? 11 
HELX_P HELX_P7 AA7 ASP A 66 ? ASN A 85  ? ASP A 414 ASN A 433 1 ? 20 
HELX_P HELX_P8 AA8 HIS A 89 ? MET A 109 ? HIS A 437 MET A 457 1 ? 21 
# 
_struct_conf_type.id          HELX_P 
_struct_conf_type.criteria    ? 
_struct_conf_type.reference   ? 
# 
_struct_site.id                   AC1 
_struct_site.pdbx_evidence_code   Software 
_struct_site.pdbx_auth_asym_id    A 
_struct_site.pdbx_auth_comp_id    8NP 
_struct_site.pdbx_auth_seq_id     501 
_struct_site.pdbx_auth_ins_code   ? 
_struct_site.pdbx_num_residues    8 
_struct_site.details              'binding site for residue 8NP A 501' 
# 
loop_
_struct_site_gen.id 
_struct_site_gen.site_id 
_struct_site_gen.pdbx_num_res 
_struct_site_gen.label_comp_id 
_struct_site_gen.label_asym_id 
_struct_site_gen.label_seq_id 
_struct_site_gen.pdbx_auth_ins_code 
_struct_site_gen.auth_comp_id 
_struct_site_gen.auth_asym_id 
_struct_site_gen.auth_seq_id 
_struct_site_gen.label_atom_id 
_struct_site_gen.label_alt_id 
_struct_site_gen.symmetry 
_struct_site_gen.details 
1 AC1 8 TRP A 26 ? TRP A 374 . ? 1_555 ? 
2 AC1 8 PRO A 27 ? PRO A 375 . ? 1_555 ? 
3 AC1 8 PHE A 28 ? PHE A 376 . ? 1_555 ? 
4 AC1 8 ASN A 85 ? ASN A 433 . ? 1_555 ? 
5 AC1 8 HIS A 89 ? HIS A 437 . ? 1_555 ? 
6 AC1 8 MET A 94 ? MET A 442 . ? 1_555 ? 
7 AC1 8 HOH C .  ? HOH A 603 . ? 1_555 ? 
8 AC1 8 HOH C .  ? HOH A 613 . ? 1_555 ? 
# 
_pdbx_validate_close_contact.id               1 
_pdbx_validate_close_contact.PDB_model_num    1 
_pdbx_validate_close_contact.auth_atom_id_1   O 
_pdbx_validate_close_contact.auth_asym_id_1   A 
_pdbx_validate_close_contact.auth_comp_id_1   HOH 
_pdbx_validate_close_contact.auth_seq_id_1    648 
_pdbx_validate_close_contact.PDB_ins_code_1   ? 
_pdbx_validate_close_contact.label_alt_id_1   ? 
_pdbx_validate_close_contact.auth_atom_id_2   O 
_pdbx_validate_close_contact.auth_asym_id_2   A 
_pdbx_validate_close_contact.auth_comp_id_2   HOH 
_pdbx_validate_close_contact.auth_seq_id_2    660 
_pdbx_validate_close_contact.PDB_ins_code_2   ? 
_pdbx_validate_close_contact.label_alt_id_2   ? 
_pdbx_validate_close_contact.dist             1.98 
# 
loop_
_chem_comp_atom.comp_id 
_chem_comp_atom.atom_id 
_chem_comp_atom.type_symbol 
_chem_comp_atom.pdbx_aromatic_flag 
_chem_comp_atom.pdbx_stereo_config 
_chem_comp_atom.pdbx_ordinal 
8NP C4   C Y N 1   
8NP C5   C Y N 2   
8NP C6   C Y N 3   
8NP C7   C Y N 4   
8NP C8   C Y N 5   
8NP C10  C Y N 6   
8NP C13  C N N 7   
8NP C15  C N N 8   
8NP C17  C N N 9   
8NP C1   C Y N 10  
8NP C2   C Y N 11  
8NP C3   C Y N 12  
8NP C9   C Y N 13  
8NP C11  C Y N 14  
8NP C12  C Y N 15  
8NP C14  C N N 16  
8NP C16  C N N 17  
8NP C18  C N N 18  
8NP N19  N N N 19  
8NP O20  O N N 20  
8NP O21  O N N 21  
8NP H1   H N N 22  
8NP H2   H N N 23  
8NP H3   H N N 24  
8NP H4   H N N 25  
8NP H5   H N N 26  
8NP H6   H N N 27  
8NP H7   H N N 28  
8NP H8   H N N 29  
8NP H9   H N N 30  
8NP H10  H N N 31  
8NP H11  H N N 32  
8NP H13  H N N 33  
8NP H14  H N N 34  
8NP H15  H N N 35  
8NP H12  H N N 36  
ALA N    N N N 37  
ALA CA   C N S 38  
ALA C    C N N 39  
ALA O    O N N 40  
ALA CB   C N N 41  
ALA OXT  O N N 42  
ALA H    H N N 43  
ALA H2   H N N 44  
ALA HA   H N N 45  
ALA HB1  H N N 46  
ALA HB2  H N N 47  
ALA HB3  H N N 48  
ALA HXT  H N N 49  
ARG N    N N N 50  
ARG CA   C N S 51  
ARG C    C N N 52  
ARG O    O N N 53  
ARG CB   C N N 54  
ARG CG   C N N 55  
ARG CD   C N N 56  
ARG NE   N N N 57  
ARG CZ   C N N 58  
ARG NH1  N N N 59  
ARG NH2  N N N 60  
ARG OXT  O N N 61  
ARG H    H N N 62  
ARG H2   H N N 63  
ARG HA   H N N 64  
ARG HB2  H N N 65  
ARG HB3  H N N 66  
ARG HG2  H N N 67  
ARG HG3  H N N 68  
ARG HD2  H N N 69  
ARG HD3  H N N 70  
ARG HE   H N N 71  
ARG HH11 H N N 72  
ARG HH12 H N N 73  
ARG HH21 H N N 74  
ARG HH22 H N N 75  
ARG HXT  H N N 76  
ASN N    N N N 77  
ASN CA   C N S 78  
ASN C    C N N 79  
ASN O    O N N 80  
ASN CB   C N N 81  
ASN CG   C N N 82  
ASN OD1  O N N 83  
ASN ND2  N N N 84  
ASN OXT  O N N 85  
ASN H    H N N 86  
ASN H2   H N N 87  
ASN HA   H N N 88  
ASN HB2  H N N 89  
ASN HB3  H N N 90  
ASN HD21 H N N 91  
ASN HD22 H N N 92  
ASN HXT  H N N 93  
ASP N    N N N 94  
ASP CA   C N S 95  
ASP C    C N N 96  
ASP O    O N N 97  
ASP CB   C N N 98  
ASP CG   C N N 99  
ASP OD1  O N N 100 
ASP OD2  O N N 101 
ASP OXT  O N N 102 
ASP H    H N N 103 
ASP H2   H N N 104 
ASP HA   H N N 105 
ASP HB2  H N N 106 
ASP HB3  H N N 107 
ASP HD2  H N N 108 
ASP HXT  H N N 109 
CYS N    N N N 110 
CYS CA   C N R 111 
CYS C    C N N 112 
CYS O    O N N 113 
CYS CB   C N N 114 
CYS SG   S N N 115 
CYS OXT  O N N 116 
CYS H    H N N 117 
CYS H2   H N N 118 
CYS HA   H N N 119 
CYS HB2  H N N 120 
CYS HB3  H N N 121 
CYS HG   H N N 122 
CYS HXT  H N N 123 
GLN N    N N N 124 
GLN CA   C N S 125 
GLN C    C N N 126 
GLN O    O N N 127 
GLN CB   C N N 128 
GLN CG   C N N 129 
GLN CD   C N N 130 
GLN OE1  O N N 131 
GLN NE2  N N N 132 
GLN OXT  O N N 133 
GLN H    H N N 134 
GLN H2   H N N 135 
GLN HA   H N N 136 
GLN HB2  H N N 137 
GLN HB3  H N N 138 
GLN HG2  H N N 139 
GLN HG3  H N N 140 
GLN HE21 H N N 141 
GLN HE22 H N N 142 
GLN HXT  H N N 143 
GLU N    N N N 144 
GLU CA   C N S 145 
GLU C    C N N 146 
GLU O    O N N 147 
GLU CB   C N N 148 
GLU CG   C N N 149 
GLU CD   C N N 150 
GLU OE1  O N N 151 
GLU OE2  O N N 152 
GLU OXT  O N N 153 
GLU H    H N N 154 
GLU H2   H N N 155 
GLU HA   H N N 156 
GLU HB2  H N N 157 
GLU HB3  H N N 158 
GLU HG2  H N N 159 
GLU HG3  H N N 160 
GLU HE2  H N N 161 
GLU HXT  H N N 162 
GLY N    N N N 163 
GLY CA   C N N 164 
GLY C    C N N 165 
GLY O    O N N 166 
GLY OXT  O N N 167 
GLY H    H N N 168 
GLY H2   H N N 169 
GLY HA2  H N N 170 
GLY HA3  H N N 171 
GLY HXT  H N N 172 
HIS N    N N N 173 
HIS CA   C N S 174 
HIS C    C N N 175 
HIS O    O N N 176 
HIS CB   C N N 177 
HIS CG   C Y N 178 
HIS ND1  N Y N 179 
HIS CD2  C Y N 180 
HIS CE1  C Y N 181 
HIS NE2  N Y N 182 
HIS OXT  O N N 183 
HIS H    H N N 184 
HIS H2   H N N 185 
HIS HA   H N N 186 
HIS HB2  H N N 187 
HIS HB3  H N N 188 
HIS HD1  H N N 189 
HIS HD2  H N N 190 
HIS HE1  H N N 191 
HIS HE2  H N N 192 
HIS HXT  H N N 193 
HOH O    O N N 194 
HOH H1   H N N 195 
HOH H2   H N N 196 
ILE N    N N N 197 
ILE CA   C N S 198 
ILE C    C N N 199 
ILE O    O N N 200 
ILE CB   C N S 201 
ILE CG1  C N N 202 
ILE CG2  C N N 203 
ILE CD1  C N N 204 
ILE OXT  O N N 205 
ILE H    H N N 206 
ILE H2   H N N 207 
ILE HA   H N N 208 
ILE HB   H N N 209 
ILE HG12 H N N 210 
ILE HG13 H N N 211 
ILE HG21 H N N 212 
ILE HG22 H N N 213 
ILE HG23 H N N 214 
ILE HD11 H N N 215 
ILE HD12 H N N 216 
ILE HD13 H N N 217 
ILE HXT  H N N 218 
LEU N    N N N 219 
LEU CA   C N S 220 
LEU C    C N N 221 
LEU O    O N N 222 
LEU CB   C N N 223 
LEU CG   C N N 224 
LEU CD1  C N N 225 
LEU CD2  C N N 226 
LEU OXT  O N N 227 
LEU H    H N N 228 
LEU H2   H N N 229 
LEU HA   H N N 230 
LEU HB2  H N N 231 
LEU HB3  H N N 232 
LEU HG   H N N 233 
LEU HD11 H N N 234 
LEU HD12 H N N 235 
LEU HD13 H N N 236 
LEU HD21 H N N 237 
LEU HD22 H N N 238 
LEU HD23 H N N 239 
LEU HXT  H N N 240 
LYS N    N N N 241 
LYS CA   C N S 242 
LYS C    C N N 243 
LYS O    O N N 244 
LYS CB   C N N 245 
LYS CG   C N N 246 
LYS CD   C N N 247 
LYS CE   C N N 248 
LYS NZ   N N N 249 
LYS OXT  O N N 250 
LYS H    H N N 251 
LYS H2   H N N 252 
LYS HA   H N N 253 
LYS HB2  H N N 254 
LYS HB3  H N N 255 
LYS HG2  H N N 256 
LYS HG3  H N N 257 
LYS HD2  H N N 258 
LYS HD3  H N N 259 
LYS HE2  H N N 260 
LYS HE3  H N N 261 
LYS HZ1  H N N 262 
LYS HZ2  H N N 263 
LYS HZ3  H N N 264 
LYS HXT  H N N 265 
MET N    N N N 266 
MET CA   C N S 267 
MET C    C N N 268 
MET O    O N N 269 
MET CB   C N N 270 
MET CG   C N N 271 
MET SD   S N N 272 
MET CE   C N N 273 
MET OXT  O N N 274 
MET H    H N N 275 
MET H2   H N N 276 
MET HA   H N N 277 
MET HB2  H N N 278 
MET HB3  H N N 279 
MET HG2  H N N 280 
MET HG3  H N N 281 
MET HE1  H N N 282 
MET HE2  H N N 283 
MET HE3  H N N 284 
MET HXT  H N N 285 
PHE N    N N N 286 
PHE CA   C N S 287 
PHE C    C N N 288 
PHE O    O N N 289 
PHE CB   C N N 290 
PHE CG   C Y N 291 
PHE CD1  C Y N 292 
PHE CD2  C Y N 293 
PHE CE1  C Y N 294 
PHE CE2  C Y N 295 
PHE CZ   C Y N 296 
PHE OXT  O N N 297 
PHE H    H N N 298 
PHE H2   H N N 299 
PHE HA   H N N 300 
PHE HB2  H N N 301 
PHE HB3  H N N 302 
PHE HD1  H N N 303 
PHE HD2  H N N 304 
PHE HE1  H N N 305 
PHE HE2  H N N 306 
PHE HZ   H N N 307 
PHE HXT  H N N 308 
PRO N    N N N 309 
PRO CA   C N S 310 
PRO C    C N N 311 
PRO O    O N N 312 
PRO CB   C N N 313 
PRO CG   C N N 314 
PRO CD   C N N 315 
PRO OXT  O N N 316 
PRO H    H N N 317 
PRO HA   H N N 318 
PRO HB2  H N N 319 
PRO HB3  H N N 320 
PRO HG2  H N N 321 
PRO HG3  H N N 322 
PRO HD2  H N N 323 
PRO HD3  H N N 324 
PRO HXT  H N N 325 
SER N    N N N 326 
SER CA   C N S 327 
SER C    C N N 328 
SER O    O N N 329 
SER CB   C N N 330 
SER OG   O N N 331 
SER OXT  O N N 332 
SER H    H N N 333 
SER H2   H N N 334 
SER HA   H N N 335 
SER HB2  H N N 336 
SER HB3  H N N 337 
SER HG   H N N 338 
SER HXT  H N N 339 
THR N    N N N 340 
THR CA   C N S 341 
THR C    C N N 342 
THR O    O N N 343 
THR CB   C N R 344 
THR OG1  O N N 345 
THR CG2  C N N 346 
THR OXT  O N N 347 
THR H    H N N 348 
THR H2   H N N 349 
THR HA   H N N 350 
THR HB   H N N 351 
THR HG1  H N N 352 
THR HG21 H N N 353 
THR HG22 H N N 354 
THR HG23 H N N 355 
THR HXT  H N N 356 
TRP N    N N N 357 
TRP CA   C N S 358 
TRP C    C N N 359 
TRP O    O N N 360 
TRP CB   C N N 361 
TRP CG   C Y N 362 
TRP CD1  C Y N 363 
TRP CD2  C Y N 364 
TRP NE1  N Y N 365 
TRP CE2  C Y N 366 
TRP CE3  C Y N 367 
TRP CZ2  C Y N 368 
TRP CZ3  C Y N 369 
TRP CH2  C Y N 370 
TRP OXT  O N N 371 
TRP H    H N N 372 
TRP H2   H N N 373 
TRP HA   H N N 374 
TRP HB2  H N N 375 
TRP HB3  H N N 376 
TRP HD1  H N N 377 
TRP HE1  H N N 378 
TRP HE3  H N N 379 
TRP HZ2  H N N 380 
TRP HZ3  H N N 381 
TRP HH2  H N N 382 
TRP HXT  H N N 383 
TYR N    N N N 384 
TYR CA   C N S 385 
TYR C    C N N 386 
TYR O    O N N 387 
TYR CB   C N N 388 
TYR CG   C Y N 389 
TYR CD1  C Y N 390 
TYR CD2  C Y N 391 
TYR CE1  C Y N 392 
TYR CE2  C Y N 393 
TYR CZ   C Y N 394 
TYR OH   O N N 395 
TYR OXT  O N N 396 
TYR H    H N N 397 
TYR H2   H N N 398 
TYR HA   H N N 399 
TYR HB2  H N N 400 
TYR HB3  H N N 401 
TYR HD1  H N N 402 
TYR HD2  H N N 403 
TYR HE1  H N N 404 
TYR HE2  H N N 405 
TYR HH   H N N 406 
TYR HXT  H N N 407 
VAL N    N N N 408 
VAL CA   C N S 409 
VAL C    C N N 410 
VAL O    O N N 411 
VAL CB   C N N 412 
VAL CG1  C N N 413 
VAL CG2  C N N 414 
VAL OXT  O N N 415 
VAL H    H N N 416 
VAL H2   H N N 417 
VAL HA   H N N 418 
VAL HB   H N N 419 
VAL HG11 H N N 420 
VAL HG12 H N N 421 
VAL HG13 H N N 422 
VAL HG21 H N N 423 
VAL HG22 H N N 424 
VAL HG23 H N N 425 
VAL HXT  H N N 426 
# 
loop_
_chem_comp_bond.comp_id 
_chem_comp_bond.atom_id_1 
_chem_comp_bond.atom_id_2 
_chem_comp_bond.value_order 
_chem_comp_bond.pdbx_aromatic_flag 
_chem_comp_bond.pdbx_stereo_config 
_chem_comp_bond.pdbx_ordinal 
8NP C18 C16  sing N N 1   
8NP O20 C17  doub N N 2   
8NP C16 C17  sing N N 3   
8NP C16 C13  doub N N 4   
8NP C17 N19  sing N N 5   
8NP C13 C15  sing N N 6   
8NP N19 C14  sing N N 7   
8NP C6  C2   doub Y N 8   
8NP C6  C10  sing Y N 9   
8NP C15 C14  doub N N 10  
8NP C15 C10  sing N N 11  
8NP C2  C5   sing Y N 12  
8NP C10 C12  doub Y N 13  
8NP C5  C9   doub Y N 14  
8NP C12 C9   sing Y N 15  
8NP C12 O21  sing N N 16  
8NP O21 C11  sing N N 17  
8NP C11 C7   doub Y N 18  
8NP C11 C8   sing Y N 19  
8NP C7  C3   sing Y N 20  
8NP C8  C4   doub Y N 21  
8NP C3  C1   doub Y N 22  
8NP C4  C1   sing Y N 23  
8NP C4  H1   sing N N 24  
8NP C5  H2   sing N N 25  
8NP C6  H3   sing N N 26  
8NP C7  H4   sing N N 27  
8NP C8  H5   sing N N 28  
8NP C13 H6   sing N N 29  
8NP C1  H7   sing N N 30  
8NP C2  H8   sing N N 31  
8NP C3  H9   sing N N 32  
8NP C9  H10  sing N N 33  
8NP C14 H11  sing N N 34  
8NP C18 H13  sing N N 35  
8NP C18 H14  sing N N 36  
8NP C18 H15  sing N N 37  
8NP N19 H12  sing N N 38  
ALA N   CA   sing N N 39  
ALA N   H    sing N N 40  
ALA N   H2   sing N N 41  
ALA CA  C    sing N N 42  
ALA CA  CB   sing N N 43  
ALA CA  HA   sing N N 44  
ALA C   O    doub N N 45  
ALA C   OXT  sing N N 46  
ALA CB  HB1  sing N N 47  
ALA CB  HB2  sing N N 48  
ALA CB  HB3  sing N N 49  
ALA OXT HXT  sing N N 50  
ARG N   CA   sing N N 51  
ARG N   H    sing N N 52  
ARG N   H2   sing N N 53  
ARG CA  C    sing N N 54  
ARG CA  CB   sing N N 55  
ARG CA  HA   sing N N 56  
ARG C   O    doub N N 57  
ARG C   OXT  sing N N 58  
ARG CB  CG   sing N N 59  
ARG CB  HB2  sing N N 60  
ARG CB  HB3  sing N N 61  
ARG CG  CD   sing N N 62  
ARG CG  HG2  sing N N 63  
ARG CG  HG3  sing N N 64  
ARG CD  NE   sing N N 65  
ARG CD  HD2  sing N N 66  
ARG CD  HD3  sing N N 67  
ARG NE  CZ   sing N N 68  
ARG NE  HE   sing N N 69  
ARG CZ  NH1  sing N N 70  
ARG CZ  NH2  doub N N 71  
ARG NH1 HH11 sing N N 72  
ARG NH1 HH12 sing N N 73  
ARG NH2 HH21 sing N N 74  
ARG NH2 HH22 sing N N 75  
ARG OXT HXT  sing N N 76  
ASN N   CA   sing N N 77  
ASN N   H    sing N N 78  
ASN N   H2   sing N N 79  
ASN CA  C    sing N N 80  
ASN CA  CB   sing N N 81  
ASN CA  HA   sing N N 82  
ASN C   O    doub N N 83  
ASN C   OXT  sing N N 84  
ASN CB  CG   sing N N 85  
ASN CB  HB2  sing N N 86  
ASN CB  HB3  sing N N 87  
ASN CG  OD1  doub N N 88  
ASN CG  ND2  sing N N 89  
ASN ND2 HD21 sing N N 90  
ASN ND2 HD22 sing N N 91  
ASN OXT HXT  sing N N 92  
ASP N   CA   sing N N 93  
ASP N   H    sing N N 94  
ASP N   H2   sing N N 95  
ASP CA  C    sing N N 96  
ASP CA  CB   sing N N 97  
ASP CA  HA   sing N N 98  
ASP C   O    doub N N 99  
ASP C   OXT  sing N N 100 
ASP CB  CG   sing N N 101 
ASP CB  HB2  sing N N 102 
ASP CB  HB3  sing N N 103 
ASP CG  OD1  doub N N 104 
ASP CG  OD2  sing N N 105 
ASP OD2 HD2  sing N N 106 
ASP OXT HXT  sing N N 107 
CYS N   CA   sing N N 108 
CYS N   H    sing N N 109 
CYS N   H2   sing N N 110 
CYS CA  C    sing N N 111 
CYS CA  CB   sing N N 112 
CYS CA  HA   sing N N 113 
CYS C   O    doub N N 114 
CYS C   OXT  sing N N 115 
CYS CB  SG   sing N N 116 
CYS CB  HB2  sing N N 117 
CYS CB  HB3  sing N N 118 
CYS SG  HG   sing N N 119 
CYS OXT HXT  sing N N 120 
GLN N   CA   sing N N 121 
GLN N   H    sing N N 122 
GLN N   H2   sing N N 123 
GLN CA  C    sing N N 124 
GLN CA  CB   sing N N 125 
GLN CA  HA   sing N N 126 
GLN C   O    doub N N 127 
GLN C   OXT  sing N N 128 
GLN CB  CG   sing N N 129 
GLN CB  HB2  sing N N 130 
GLN CB  HB3  sing N N 131 
GLN CG  CD   sing N N 132 
GLN CG  HG2  sing N N 133 
GLN CG  HG3  sing N N 134 
GLN CD  OE1  doub N N 135 
GLN CD  NE2  sing N N 136 
GLN NE2 HE21 sing N N 137 
GLN NE2 HE22 sing N N 138 
GLN OXT HXT  sing N N 139 
GLU N   CA   sing N N 140 
GLU N   H    sing N N 141 
GLU N   H2   sing N N 142 
GLU CA  C    sing N N 143 
GLU CA  CB   sing N N 144 
GLU CA  HA   sing N N 145 
GLU C   O    doub N N 146 
GLU C   OXT  sing N N 147 
GLU CB  CG   sing N N 148 
GLU CB  HB2  sing N N 149 
GLU CB  HB3  sing N N 150 
GLU CG  CD   sing N N 151 
GLU CG  HG2  sing N N 152 
GLU CG  HG3  sing N N 153 
GLU CD  OE1  doub N N 154 
GLU CD  OE2  sing N N 155 
GLU OE2 HE2  sing N N 156 
GLU OXT HXT  sing N N 157 
GLY N   CA   sing N N 158 
GLY N   H    sing N N 159 
GLY N   H2   sing N N 160 
GLY CA  C    sing N N 161 
GLY CA  HA2  sing N N 162 
GLY CA  HA3  sing N N 163 
GLY C   O    doub N N 164 
GLY C   OXT  sing N N 165 
GLY OXT HXT  sing N N 166 
HIS N   CA   sing N N 167 
HIS N   H    sing N N 168 
HIS N   H2   sing N N 169 
HIS CA  C    sing N N 170 
HIS CA  CB   sing N N 171 
HIS CA  HA   sing N N 172 
HIS C   O    doub N N 173 
HIS C   OXT  sing N N 174 
HIS CB  CG   sing N N 175 
HIS CB  HB2  sing N N 176 
HIS CB  HB3  sing N N 177 
HIS CG  ND1  sing Y N 178 
HIS CG  CD2  doub Y N 179 
HIS ND1 CE1  doub Y N 180 
HIS ND1 HD1  sing N N 181 
HIS CD2 NE2  sing Y N 182 
HIS CD2 HD2  sing N N 183 
HIS CE1 NE2  sing Y N 184 
HIS CE1 HE1  sing N N 185 
HIS NE2 HE2  sing N N 186 
HIS OXT HXT  sing N N 187 
HOH O   H1   sing N N 188 
HOH O   H2   sing N N 189 
ILE N   CA   sing N N 190 
ILE N   H    sing N N 191 
ILE N   H2   sing N N 192 
ILE CA  C    sing N N 193 
ILE CA  CB   sing N N 194 
ILE CA  HA   sing N N 195 
ILE C   O    doub N N 196 
ILE C   OXT  sing N N 197 
ILE CB  CG1  sing N N 198 
ILE CB  CG2  sing N N 199 
ILE CB  HB   sing N N 200 
ILE CG1 CD1  sing N N 201 
ILE CG1 HG12 sing N N 202 
ILE CG1 HG13 sing N N 203 
ILE CG2 HG21 sing N N 204 
ILE CG2 HG22 sing N N 205 
ILE CG2 HG23 sing N N 206 
ILE CD1 HD11 sing N N 207 
ILE CD1 HD12 sing N N 208 
ILE CD1 HD13 sing N N 209 
ILE OXT HXT  sing N N 210 
LEU N   CA   sing N N 211 
LEU N   H    sing N N 212 
LEU N   H2   sing N N 213 
LEU CA  C    sing N N 214 
LEU CA  CB   sing N N 215 
LEU CA  HA   sing N N 216 
LEU C   O    doub N N 217 
LEU C   OXT  sing N N 218 
LEU CB  CG   sing N N 219 
LEU CB  HB2  sing N N 220 
LEU CB  HB3  sing N N 221 
LEU CG  CD1  sing N N 222 
LEU CG  CD2  sing N N 223 
LEU CG  HG   sing N N 224 
LEU CD1 HD11 sing N N 225 
LEU CD1 HD12 sing N N 226 
LEU CD1 HD13 sing N N 227 
LEU CD2 HD21 sing N N 228 
LEU CD2 HD22 sing N N 229 
LEU CD2 HD23 sing N N 230 
LEU OXT HXT  sing N N 231 
LYS N   CA   sing N N 232 
LYS N   H    sing N N 233 
LYS N   H2   sing N N 234 
LYS CA  C    sing N N 235 
LYS CA  CB   sing N N 236 
LYS CA  HA   sing N N 237 
LYS C   O    doub N N 238 
LYS C   OXT  sing N N 239 
LYS CB  CG   sing N N 240 
LYS CB  HB2  sing N N 241 
LYS CB  HB3  sing N N 242 
LYS CG  CD   sing N N 243 
LYS CG  HG2  sing N N 244 
LYS CG  HG3  sing N N 245 
LYS CD  CE   sing N N 246 
LYS CD  HD2  sing N N 247 
LYS CD  HD3  sing N N 248 
LYS CE  NZ   sing N N 249 
LYS CE  HE2  sing N N 250 
LYS CE  HE3  sing N N 251 
LYS NZ  HZ1  sing N N 252 
LYS NZ  HZ2  sing N N 253 
LYS NZ  HZ3  sing N N 254 
LYS OXT HXT  sing N N 255 
MET N   CA   sing N N 256 
MET N   H    sing N N 257 
MET N   H2   sing N N 258 
MET CA  C    sing N N 259 
MET CA  CB   sing N N 260 
MET CA  HA   sing N N 261 
MET C   O    doub N N 262 
MET C   OXT  sing N N 263 
MET CB  CG   sing N N 264 
MET CB  HB2  sing N N 265 
MET CB  HB3  sing N N 266 
MET CG  SD   sing N N 267 
MET CG  HG2  sing N N 268 
MET CG  HG3  sing N N 269 
MET SD  CE   sing N N 270 
MET CE  HE1  sing N N 271 
MET CE  HE2  sing N N 272 
MET CE  HE3  sing N N 273 
MET OXT HXT  sing N N 274 
PHE N   CA   sing N N 275 
PHE N   H    sing N N 276 
PHE N   H2   sing N N 277 
PHE CA  C    sing N N 278 
PHE CA  CB   sing N N 279 
PHE CA  HA   sing N N 280 
PHE C   O    doub N N 281 
PHE C   OXT  sing N N 282 
PHE CB  CG   sing N N 283 
PHE CB  HB2  sing N N 284 
PHE CB  HB3  sing N N 285 
PHE CG  CD1  doub Y N 286 
PHE CG  CD2  sing Y N 287 
PHE CD1 CE1  sing Y N 288 
PHE CD1 HD1  sing N N 289 
PHE CD2 CE2  doub Y N 290 
PHE CD2 HD2  sing N N 291 
PHE CE1 CZ   doub Y N 292 
PHE CE1 HE1  sing N N 293 
PHE CE2 CZ   sing Y N 294 
PHE CE2 HE2  sing N N 295 
PHE CZ  HZ   sing N N 296 
PHE OXT HXT  sing N N 297 
PRO N   CA   sing N N 298 
PRO N   CD   sing N N 299 
PRO N   H    sing N N 300 
PRO CA  C    sing N N 301 
PRO CA  CB   sing N N 302 
PRO CA  HA   sing N N 303 
PRO C   O    doub N N 304 
PRO C   OXT  sing N N 305 
PRO CB  CG   sing N N 306 
PRO CB  HB2  sing N N 307 
PRO CB  HB3  sing N N 308 
PRO CG  CD   sing N N 309 
PRO CG  HG2  sing N N 310 
PRO CG  HG3  sing N N 311 
PRO CD  HD2  sing N N 312 
PRO CD  HD3  sing N N 313 
PRO OXT HXT  sing N N 314 
SER N   CA   sing N N 315 
SER N   H    sing N N 316 
SER N   H2   sing N N 317 
SER CA  C    sing N N 318 
SER CA  CB   sing N N 319 
SER CA  HA   sing N N 320 
SER C   O    doub N N 321 
SER C   OXT  sing N N 322 
SER CB  OG   sing N N 323 
SER CB  HB2  sing N N 324 
SER CB  HB3  sing N N 325 
SER OG  HG   sing N N 326 
SER OXT HXT  sing N N 327 
THR N   CA   sing N N 328 
THR N   H    sing N N 329 
THR N   H2   sing N N 330 
THR CA  C    sing N N 331 
THR CA  CB   sing N N 332 
THR CA  HA   sing N N 333 
THR C   O    doub N N 334 
THR C   OXT  sing N N 335 
THR CB  OG1  sing N N 336 
THR CB  CG2  sing N N 337 
THR CB  HB   sing N N 338 
THR OG1 HG1  sing N N 339 
THR CG2 HG21 sing N N 340 
THR CG2 HG22 sing N N 341 
THR CG2 HG23 sing N N 342 
THR OXT HXT  sing N N 343 
TRP N   CA   sing N N 344 
TRP N   H    sing N N 345 
TRP N   H2   sing N N 346 
TRP CA  C    sing N N 347 
TRP CA  CB   sing N N 348 
TRP CA  HA   sing N N 349 
TRP C   O    doub N N 350 
TRP C   OXT  sing N N 351 
TRP CB  CG   sing N N 352 
TRP CB  HB2  sing N N 353 
TRP CB  HB3  sing N N 354 
TRP CG  CD1  doub Y N 355 
TRP CG  CD2  sing Y N 356 
TRP CD1 NE1  sing Y N 357 
TRP CD1 HD1  sing N N 358 
TRP CD2 CE2  doub Y N 359 
TRP CD2 CE3  sing Y N 360 
TRP NE1 CE2  sing Y N 361 
TRP NE1 HE1  sing N N 362 
TRP CE2 CZ2  sing Y N 363 
TRP CE3 CZ3  doub Y N 364 
TRP CE3 HE3  sing N N 365 
TRP CZ2 CH2  doub Y N 366 
TRP CZ2 HZ2  sing N N 367 
TRP CZ3 CH2  sing Y N 368 
TRP CZ3 HZ3  sing N N 369 
TRP CH2 HH2  sing N N 370 
TRP OXT HXT  sing N N 371 
TYR N   CA   sing N N 372 
TYR N   H    sing N N 373 
TYR N   H2   sing N N 374 
TYR CA  C    sing N N 375 
TYR CA  CB   sing N N 376 
TYR CA  HA   sing N N 377 
TYR C   O    doub N N 378 
TYR C   OXT  sing N N 379 
TYR CB  CG   sing N N 380 
TYR CB  HB2  sing N N 381 
TYR CB  HB3  sing N N 382 
TYR CG  CD1  doub Y N 383 
TYR CG  CD2  sing Y N 384 
TYR CD1 CE1  sing Y N 385 
TYR CD1 HD1  sing N N 386 
TYR CD2 CE2  doub Y N 387 
TYR CD2 HD2  sing N N 388 
TYR CE1 CZ   doub Y N 389 
TYR CE1 HE1  sing N N 390 
TYR CE2 CZ   sing Y N 391 
TYR CE2 HE2  sing N N 392 
TYR CZ  OH   sing N N 393 
TYR OH  HH   sing N N 394 
TYR OXT HXT  sing N N 395 
VAL N   CA   sing N N 396 
VAL N   H    sing N N 397 
VAL N   H2   sing N N 398 
VAL CA  C    sing N N 399 
VAL CA  CB   sing N N 400 
VAL CA  HA   sing N N 401 
VAL C   O    doub N N 402 
VAL C   OXT  sing N N 403 
VAL CB  CG1  sing N N 404 
VAL CB  CG2  sing N N 405 
VAL CB  HB   sing N N 406 
VAL CG1 HG11 sing N N 407 
VAL CG1 HG12 sing N N 408 
VAL CG1 HG13 sing N N 409 
VAL CG2 HG21 sing N N 410 
VAL CG2 HG22 sing N N 411 
VAL CG2 HG23 sing N N 412 
VAL OXT HXT  sing N N 413 
# 
_atom_sites.entry_id                    5UVZ 
_atom_sites.fract_transf_matrix[1][1]   -0.01062979 
_atom_sites.fract_transf_matrix[1][2]   -0.00534582 
_atom_sites.fract_transf_matrix[1][3]   0.01278089 
_atom_sites.fract_transf_matrix[2][1]   -0.00562352 
_atom_sites.fract_transf_matrix[2][2]   0.01235016 
_atom_sites.fract_transf_matrix[2][3]   0.00048862 
_atom_sites.fract_transf_matrix[3][1]   -0.02006907 
_atom_sites.fract_transf_matrix[3][2]   -0.00833985 
_atom_sites.fract_transf_matrix[3][3]   -0.02017962 
_atom_sites.fract_transf_vector[1]      0.186673 
_atom_sites.fract_transf_vector[2]      -0.025626 
_atom_sites.fract_transf_vector[3]      -0.162606 
# 
loop_
_atom_type.symbol 
C 
N 
O 
S 
# 
loop_
_atom_site.group_PDB 
_atom_site.id 
_atom_site.type_symbol 
_atom_site.label_atom_id 
_atom_site.label_alt_id 
_atom_site.label_comp_id 
_atom_site.label_asym_id 
_atom_site.label_entity_id 
_atom_site.label_seq_id 
_atom_site.pdbx_PDB_ins_code 
_atom_site.Cartn_x 
_atom_site.Cartn_y 
_atom_site.Cartn_z 
_atom_site.occupancy 
_atom_site.B_iso_or_equiv 
_atom_site.pdbx_formal_charge 
_atom_site.auth_seq_id 
_atom_site.auth_comp_id 
_atom_site.auth_asym_id 
_atom_site.auth_atom_id 
_atom_site.pdbx_PDB_model_num 
ATOM   1    N N   . SER A 1 1   ? 4.621   22.038  5.686   1.00 60.03  ? 349 SER A N   1 
ATOM   2    C CA  . SER A 1 1   ? 4.534   21.573  7.069   1.00 59.73  ? 349 SER A CA  1 
ATOM   3    C C   . SER A 1 1   ? 4.357   20.049  7.122   1.00 62.87  ? 349 SER A C   1 
ATOM   4    O O   . SER A 1 1   ? 3.477   19.510  6.443   1.00 61.90  ? 349 SER A O   1 
ATOM   5    C CB  . SER A 1 1   ? 3.390   22.273  7.801   1.00 63.05  ? 349 SER A CB  1 
ATOM   6    O OG  . SER A 1 1   ? 3.010   21.591  8.987   1.00 69.62  ? 349 SER A OG  1 
ATOM   7    N N   . HIS A 1 2   ? 5.182   19.372  7.950   1.00 58.26  ? 350 HIS A N   1 
ATOM   8    C CA  . HIS A 1 2   ? 5.168   17.918  8.123   1.00 57.10  ? 350 HIS A CA  1 
ATOM   9    C C   . HIS A 1 2   ? 3.873   17.395  8.742   1.00 57.90  ? 350 HIS A C   1 
ATOM   10   O O   . HIS A 1 2   ? 3.385   16.351  8.319   1.00 55.18  ? 350 HIS A O   1 
ATOM   11   C CB  . HIS A 1 2   ? 6.404   17.427  8.895   1.00 57.92  ? 350 HIS A CB  1 
ATOM   12   C CG  . HIS A 1 2   ? 7.681   17.484  8.109   1.00 61.45  ? 350 HIS A CG  1 
ATOM   13   N ND1 . HIS A 1 2   ? 8.915   17.468  8.739   1.00 63.31  ? 350 HIS A ND1 1 
ATOM   14   C CD2 . HIS A 1 2   ? 7.878   17.534  6.768   1.00 63.40  ? 350 HIS A CD2 1 
ATOM   15   C CE1 . HIS A 1 2   ? 9.815   17.512  7.770   1.00 62.86  ? 350 HIS A CE1 1 
ATOM   16   N NE2 . HIS A 1 2   ? 9.239   17.557  6.566   1.00 63.19  ? 350 HIS A NE2 1 
ATOM   17   N N   . MET A 1 3   ? 3.304   18.135  9.709   1.00 54.64  ? 351 MET A N   1 
ATOM   18   C CA  . MET A 1 3   ? 2.052   17.788  10.387  1.00 54.79  ? 351 MET A CA  1 
ATOM   19   C C   . MET A 1 3   ? 0.875   17.843  9.400   1.00 55.95  ? 351 MET A C   1 
ATOM   20   O O   . MET A 1 3   ? 0.095   16.891  9.335   1.00 55.63  ? 351 MET A O   1 
ATOM   21   C CB  . MET A 1 3   ? 1.809   18.734  11.571  1.00 57.94  ? 351 MET A CB  1 
ATOM   22   C CG  . MET A 1 3   ? 0.766   18.248  12.535  1.00 62.78  ? 351 MET A CG  1 
ATOM   23   S SD  . MET A 1 3   ? 0.178   19.608  13.571  1.00 68.58  ? 351 MET A SD  1 
ATOM   24   C CE  . MET A 1 3   ? -1.033  18.736  14.584  1.00 65.26  ? 351 MET A CE  1 
ATOM   25   N N   . GLU A 1 4   ? 0.762   18.951  8.636   1.00 50.29  ? 352 GLU A N   1 
ATOM   26   C CA  . GLU A 1 4   ? -0.277  19.164  7.629   1.00 48.82  ? 352 GLU A CA  1 
ATOM   27   C C   . GLU A 1 4   ? -0.173  18.088  6.551   1.00 45.81  ? 352 GLU A C   1 
ATOM   28   O O   . GLU A 1 4   ? -1.195  17.504  6.178   1.00 43.58  ? 352 GLU A O   1 
ATOM   29   C CB  . GLU A 1 4   ? -0.132  20.551  6.968   1.00 51.09  ? 352 GLU A CB  1 
ATOM   30   C CG  . GLU A 1 4   ? -0.667  21.719  7.779   1.00 65.51  ? 352 GLU A CG  1 
ATOM   31   C CD  . GLU A 1 4   ? -0.664  23.048  7.040   1.00 93.28  ? 352 GLU A CD  1 
ATOM   32   O OE1 . GLU A 1 4   ? 0.432   23.509  6.642   1.00 86.25  ? 352 GLU A OE1 1 
ATOM   33   O OE2 . GLU A 1 4   ? -1.757  23.635  6.870   1.00 90.35  ? 352 GLU A OE2 1 
ATOM   34   N N   . GLN A 1 5   ? 1.065   17.808  6.072   1.00 38.54  ? 353 GLN A N   1 
ATOM   35   C CA  . GLN A 1 5   ? 1.244   16.812  5.029   1.00 36.87  ? 353 GLN A CA  1 
ATOM   36   C C   . GLN A 1 5   ? 0.928   15.384  5.515   1.00 38.04  ? 353 GLN A C   1 
ATOM   37   O O   . GLN A 1 5   ? 0.388   14.625  4.719   1.00 36.00  ? 353 GLN A O   1 
ATOM   38   C CB  . GLN A 1 5   ? 2.594   16.926  4.322   1.00 38.24  ? 353 GLN A CB  1 
ATOM   39   C CG  . GLN A 1 5   ? 3.835   16.423  5.029   1.00 46.70  ? 353 GLN A CG  1 
ATOM   40   C CD  . GLN A 1 5   ? 5.070   16.757  4.224   1.00 62.61  ? 353 GLN A CD  1 
ATOM   41   O OE1 . GLN A 1 5   ? 5.107   17.708  3.426   1.00 65.97  ? 353 GLN A OE1 1 
ATOM   42   N NE2 . GLN A 1 5   ? 6.117   15.990  4.414   1.00 38.63  ? 353 GLN A NE2 1 
ATOM   43   N N   . LEU A 1 6   ? 1.170   15.050  6.807   1.00 33.20  ? 354 LEU A N   1 
ATOM   44   C CA  . LEU A 1 6   ? 0.797   13.735  7.340   1.00 32.76  ? 354 LEU A CA  1 
ATOM   45   C C   . LEU A 1 6   ? -0.730  13.593  7.469   1.00 36.15  ? 354 LEU A C   1 
ATOM   46   O O   . LEU A 1 6   ? -1.264  12.484  7.347   1.00 35.11  ? 354 LEU A O   1 
ATOM   47   C CB  . LEU A 1 6   ? 1.509   13.405  8.668   1.00 33.38  ? 354 LEU A CB  1 
ATOM   48   C CG  . LEU A 1 6   ? 3.014   13.116  8.548   1.00 37.98  ? 354 LEU A CG  1 
ATOM   49   C CD1 . LEU A 1 6   ? 3.699   13.182  9.919   1.00 39.00  ? 354 LEU A CD1 1 
ATOM   50   C CD2 . LEU A 1 6   ? 3.276   11.791  7.846   1.00 36.42  ? 354 LEU A CD2 1 
ATOM   51   N N   . LYS A 1 7   ? -1.440  14.716  7.690   1.00 32.43  ? 355 LYS A N   1 
ATOM   52   C CA  . LYS A 1 7   ? -2.906  14.702  7.723   1.00 31.94  ? 355 LYS A CA  1 
ATOM   53   C C   . LYS A 1 7   ? -3.442  14.377  6.310   1.00 35.32  ? 355 LYS A C   1 
ATOM   54   O O   . LYS A 1 7   ? -4.427  13.643  6.184   1.00 34.65  ? 355 LYS A O   1 
ATOM   55   C CB  . LYS A 1 7   ? -3.469  16.050  8.201   1.00 36.57  ? 355 LYS A CB  1 
ATOM   56   C CG  . LYS A 1 7   ? -3.253  16.325  9.687   1.00 53.64  ? 355 LYS A CG  1 
ATOM   57   C CD  . LYS A 1 7   ? -4.040  17.555  10.133  1.00 67.94  ? 355 LYS A CD  1 
ATOM   58   C CE  . LYS A 1 7   ? -3.599  18.075  11.481  1.00 82.83  ? 355 LYS A CE  1 
ATOM   59   N NZ  . LYS A 1 7   ? -2.427  18.985  11.368  1.00 91.37  ? 355 LYS A NZ  1 
ATOM   60   N N   A CYS A 1 8   ? -2.784  14.917  5.273   0.50 33.08  ? 356 CYS A N   1 
ATOM   61   N N   B CYS A 1 8   ? -2.789  14.905  5.247   0.50 31.26  ? 356 CYS A N   1 
ATOM   62   C CA  A CYS A 1 8   ? -3.123  14.682  3.875   0.50 33.19  ? 356 CYS A CA  1 
ATOM   63   C CA  B CYS A 1 8   ? -3.173  14.622  3.855   0.50 30.38  ? 356 CYS A CA  1 
ATOM   64   C C   A CYS A 1 8   ? -2.911  13.194  3.534   0.50 33.50  ? 356 CYS A C   1 
ATOM   65   C C   B CYS A 1 8   ? -2.923  13.158  3.527   0.50 32.11  ? 356 CYS A C   1 
ATOM   66   O O   A CYS A 1 8   ? -3.745  12.601  2.847   0.50 32.33  ? 356 CYS A O   1 
ATOM   67   O O   B CYS A 1 8   ? -3.737  12.543  2.836   0.50 30.96  ? 356 CYS A O   1 
ATOM   68   C CB  A CYS A 1 8   ? -2.282  15.581  2.979   0.50 35.05  ? 356 CYS A CB  1 
ATOM   69   C CB  B CYS A 1 8   ? -2.440  15.534  2.882   0.50 31.26  ? 356 CYS A CB  1 
ATOM   70   S SG  A CYS A 1 8   ? -2.534  15.295  1.218   0.50 39.84  ? 356 CYS A SG  1 
ATOM   71   S SG  B CYS A 1 8   ? -3.158  17.186  2.765   0.50 35.37  ? 356 CYS A SG  1 
ATOM   72   N N   . CYS A 1 9   ? -1.803  12.615  4.040   1.00 28.89  ? 357 CYS A N   1 
ATOM   73   C CA  . CYS A 1 9   ? -1.419  11.194  3.892   1.00 27.42  ? 357 CYS A CA  1 
ATOM   74   C C   . CYS A 1 9   ? -2.502  10.320  4.480   1.00 28.77  ? 357 CYS A C   1 
ATOM   75   O O   . CYS A 1 9   ? -2.914  9.361   3.825   1.00 26.98  ? 357 CYS A O   1 
ATOM   76   C CB  . CYS A 1 9   ? -0.086  10.924  4.568   1.00 27.75  ? 357 CYS A CB  1 
ATOM   77   S SG  . CYS A 1 9   ? 1.329   11.607  3.689   1.00 32.35  ? 357 CYS A SG  1 
ATOM   78   N N   . SER A 1 10  ? -3.022  10.673  5.692   1.00 24.94  ? 358 SER A N   1 
ATOM   79   C CA  . SER A 1 10  ? -4.139  9.921   6.269   0.50 22.94  ? 358 SER A CA  1 
ATOM   80   C C   . SER A 1 10  ? -5.375  9.999   5.371   1.00 26.90  ? 358 SER A C   1 
ATOM   81   O O   . SER A 1 10  ? -6.053  8.993   5.215   1.00 29.62  ? 358 SER A O   1 
ATOM   82   C CB  . SER A 1 10  ? -4.456  10.386  7.690   0.50 24.80  ? 358 SER A CB  1 
ATOM   83   O OG  . SER A 1 10  ? -3.379  10.030  8.539   0.50 34.31  ? 358 SER A OG  1 
ATOM   84   N N   . GLY A 1 11  ? -5.610  11.142  4.698   1.00 26.03  ? 359 GLY A N   1 
ATOM   85   C CA  . GLY A 1 11  ? -6.738  11.297  3.780   1.00 25.40  ? 359 GLY A CA  1 
ATOM   86   C C   . GLY A 1 11  ? -6.570  10.455  2.510   1.00 25.92  ? 359 GLY A C   1 
ATOM   87   O O   . GLY A 1 11  ? -7.537  9.885   2.000   1.00 24.21  ? 359 GLY A O   1 
ATOM   88   N N   . ILE A 1 12  ? -5.335  10.347  2.026   1.00 24.10  ? 360 ILE A N   1 
ATOM   89   C CA  . ILE A 1 12  ? -5.069  9.505   0.841   1.00 22.52  ? 360 ILE A CA  1 
ATOM   90   C C   . ILE A 1 12  ? -5.355  8.051   1.202   1.00 24.89  ? 360 ILE A C   1 
ATOM   91   O O   . ILE A 1 12  ? -6.026  7.340   0.446   1.00 22.83  ? 360 ILE A O   1 
ATOM   92   C CB  . ILE A 1 12  ? -3.621  9.724   0.332   1.00 24.90  ? 360 ILE A CB  1 
ATOM   93   C CG1 . ILE A 1 12  ? -3.486  11.152  -0.294  1.00 25.54  ? 360 ILE A CG1 1 
ATOM   94   C CG2 . ILE A 1 12  ? -3.222  8.643   -0.704  1.00 25.88  ? 360 ILE A CG2 1 
ATOM   95   C CD1 . ILE A 1 12  ? -2.045  11.567  -0.514  1.00 27.99  ? 360 ILE A CD1 1 
ATOM   96   N N   . LEU A 1 13  ? -4.833  7.612   2.355   1.00 23.81  ? 361 LEU A N   1 
ATOM   97   C CA  . LEU A 1 13  ? -5.048  6.235   2.769   1.00 24.32  ? 361 LEU A CA  1 
ATOM   98   C C   . LEU A 1 13  ? -6.530  5.943   2.995   1.00 26.06  ? 361 LEU A C   1 
ATOM   99   O O   . LEU A 1 13  ? -7.000  4.871   2.640   1.00 24.04  ? 361 LEU A O   1 
ATOM   100  C CB  . LEU A 1 13  ? -4.188  5.911   3.993   1.00 25.20  ? 361 LEU A CB  1 
ATOM   101  C CG  . LEU A 1 13  ? -4.078  4.418   4.318   1.00 28.70  ? 361 LEU A CG  1 
ATOM   102  C CD1 . LEU A 1 13  ? -3.224  3.662   3.271   1.00 28.00  ? 361 LEU A CD1 1 
ATOM   103  C CD2 . LEU A 1 13  ? -3.499  4.257   5.680   1.00 30.48  ? 361 LEU A CD2 1 
ATOM   104  N N   . LYS A 1 14  ? -7.299  6.925   3.541   1.00 25.26  ? 362 LYS A N   1 
ATOM   105  C CA  . LYS A 1 14  ? -8.747  6.761   3.733   1.00 25.54  ? 362 LYS A CA  1 
ATOM   106  C C   . LYS A 1 14  ? -9.459  6.553   2.392   1.00 27.40  ? 362 LYS A C   1 
ATOM   107  O O   . LYS A 1 14  ? -10.314 5.690   2.279   1.00 26.90  ? 362 LYS A O   1 
ATOM   108  C CB  . LYS A 1 14  ? -9.322  7.979   4.484   1.00 28.77  ? 362 LYS A CB  1 
ATOM   109  C CG  . LYS A 1 14  ? -10.788 7.845   4.859   1.00 35.71  ? 362 LYS A CG  1 
ATOM   110  C CD  . LYS A 1 14  ? -11.274 9.044   5.653   1.00 44.28  ? 362 LYS A CD  1 
ATOM   111  C CE  . LYS A 1 14  ? -12.714 8.901   6.098   1.00 57.71  ? 362 LYS A CE  1 
ATOM   112  N NZ  . LYS A 1 14  ? -13.667 8.996   4.958   1.00 68.22  ? 362 LYS A NZ  1 
ATOM   113  N N   . GLU A 1 15  ? -9.053  7.283   1.359   1.00 24.46  ? 363 GLU A N   1 
ATOM   114  C CA  . GLU A 1 15  ? -9.638  7.068   0.041   1.00 24.49  ? 363 GLU A CA  1 
ATOM   115  C C   . GLU A 1 15  ? -9.269  5.676   -0.526  1.00 25.75  ? 363 GLU A C   1 
ATOM   116  O O   . GLU A 1 15  ? -10.117 5.025   -1.115  1.00 24.83  ? 363 GLU A O   1 
ATOM   117  C CB  . GLU A 1 15  ? -9.226  8.152   -0.939  1.00 25.57  ? 363 GLU A CB  1 
ATOM   118  C CG  . GLU A 1 15  ? -9.955  7.924   -2.254  1.00 27.53  ? 363 GLU A CG  1 
ATOM   119  C CD  . GLU A 1 15  ? -9.769  8.913   -3.378  1.00 34.02  ? 363 GLU A CD  1 
ATOM   120  O OE1 . GLU A 1 15  ? -9.272  10.031  -3.117  1.00 32.58  ? 363 GLU A OE1 1 
ATOM   121  O OE2 . GLU A 1 15  ? -10.159 8.575   -4.520  1.00 31.49  ? 363 GLU A OE2 1 
ATOM   122  N N   . MET A 1 16  ? -8.024  5.220   -0.318  1.00 23.76  ? 364 MET A N   1 
ATOM   123  C CA  . MET A 1 16  ? -7.637  3.901   -0.803  1.00 21.95  ? 364 MET A CA  1 
ATOM   124  C C   . MET A 1 16  ? -8.475  2.779   -0.159  1.00 26.22  ? 364 MET A C   1 
ATOM   125  O O   . MET A 1 16  ? -8.656  1.710   -0.760  1.00 24.59  ? 364 MET A O   1 
ATOM   126  C CB  . MET A 1 16  ? -6.141  3.667   -0.608  1.00 22.87  ? 364 MET A CB  1 
ATOM   127  C CG  . MET A 1 16  ? -5.286  4.604   -1.440  1.00 23.94  ? 364 MET A CG  1 
ATOM   128  S SD  . MET A 1 16  ? -3.553  4.653   -0.973  1.00 25.69  ? 364 MET A SD  1 
ATOM   129  C CE  . MET A 1 16  ? -3.032  2.920   -1.341  1.00 25.04  ? 364 MET A CE  1 
ATOM   130  N N   . PHE A 1 17  ? -8.968  3.021   1.087   1.00 23.85  ? 365 PHE A N   1 
ATOM   131  C CA  . PHE A 1 17  ? -9.818  2.070   1.800   1.00 24.04  ? 365 PHE A CA  1 
ATOM   132  C C   . PHE A 1 17  ? -11.307 2.237   1.483   1.00 30.19  ? 365 PHE A C   1 
ATOM   133  O O   . PHE A 1 17  ? -12.103 1.433   1.966   1.00 30.75  ? 365 PHE A O   1 
ATOM   134  C CB  . PHE A 1 17  ? -9.639  2.249   3.330   1.00 25.08  ? 365 PHE A CB  1 
ATOM   135  C CG  . PHE A 1 17  ? -8.565  1.432   4.007   1.00 24.75  ? 365 PHE A CG  1 
ATOM   136  C CD1 . PHE A 1 17  ? -8.667  0.044   4.090   1.00 26.17  ? 365 PHE A CD1 1 
ATOM   137  C CD2 . PHE A 1 17  ? -7.478  2.051   4.614   1.00 26.52  ? 365 PHE A CD2 1 
ATOM   138  C CE1 . PHE A 1 17  ? -7.676  -0.710  4.740   1.00 28.13  ? 365 PHE A CE1 1 
ATOM   139  C CE2 . PHE A 1 17  ? -6.511  1.303   5.290   1.00 26.70  ? 365 PHE A CE2 1 
ATOM   140  C CZ  . PHE A 1 17  ? -6.609  -0.073  5.342   1.00 26.57  ? 365 PHE A CZ  1 
ATOM   141  N N   . ALA A 1 18  ? -11.692 3.267   0.707   1.00 28.78  ? 366 ALA A N   1 
ATOM   142  C CA  . ALA A 1 18  ? -13.082 3.601   0.385   1.00 29.35  ? 366 ALA A CA  1 
ATOM   143  C C   . ALA A 1 18  ? -13.779 2.602   -0.520  1.00 32.09  ? 366 ALA A C   1 
ATOM   144  O O   . ALA A 1 18  ? -13.137 1.967   -1.351  1.00 29.63  ? 366 ALA A O   1 
ATOM   145  C CB  . ALA A 1 18  ? -13.149 4.974   -0.249  1.00 30.69  ? 366 ALA A CB  1 
ATOM   146  N N   . LYS A 1 19  ? -15.123 2.538   -0.423  1.00 30.90  ? 367 LYS A N   1 
ATOM   147  C CA  . LYS A 1 19  ? -15.951 1.651   -1.255  1.00 30.77  ? 367 LYS A CA  1 
ATOM   148  C C   . LYS A 1 19  ? -15.706 1.857   -2.759  1.00 32.48  ? 367 LYS A C   1 
ATOM   149  O O   . LYS A 1 19  ? -15.745 0.886   -3.513  1.00 33.53  ? 367 LYS A O   1 
ATOM   150  C CB  . LYS A 1 19  ? -17.447 1.874   -0.954  1.00 33.96  ? 367 LYS A CB  1 
ATOM   151  C CG  . LYS A 1 19  ? -17.907 1.257   0.359   1.00 58.70  ? 367 LYS A CG  1 
ATOM   152  C CD  . LYS A 1 19  ? -19.422 1.379   0.528   1.00 71.31  ? 367 LYS A CD  1 
ATOM   153  C CE  . LYS A 1 19  ? -19.894 0.953   1.897   1.00 82.69  ? 367 LYS A CE  1 
ATOM   154  N NZ  . LYS A 1 19  ? -19.645 2.004   2.922   1.00 91.44  ? 367 LYS A NZ  1 
ATOM   155  N N   . LYS A 1 20  ? -15.429 3.114   -3.182  1.00 28.69  ? 368 LYS A N   1 
ATOM   156  C CA  . LYS A 1 20  ? -15.164 3.499   -4.574  1.00 28.35  ? 368 LYS A CA  1 
ATOM   157  C C   . LYS A 1 20  ? -14.078 2.604   -5.203  1.00 31.68  ? 368 LYS A C   1 
ATOM   158  O O   . LYS A 1 20  ? -14.215 2.210   -6.362  1.00 30.54  ? 368 LYS A O   1 
ATOM   159  C CB  . LYS A 1 20  ? -14.686 4.965   -4.616  1.00 32.68  ? 368 LYS A CB  1 
ATOM   160  C CG  . LYS A 1 20  ? -14.517 5.525   -6.010  1.00 39.20  ? 368 LYS A CG  1 
ATOM   161  C CD  . LYS A 1 20  ? -14.057 6.974   -5.964  1.00 40.82  ? 368 LYS A CD  1 
ATOM   162  C CE  . LYS A 1 20  ? -13.876 7.532   -7.359  1.00 54.98  ? 368 LYS A CE  1 
ATOM   163  N NZ  . LYS A 1 20  ? -13.477 8.970   -7.321  1.00 61.90  ? 368 LYS A NZ  1 
ATOM   164  N N   . HIS A 1 21  ? -13.012 2.279   -4.430  1.00 24.90  ? 369 HIS A N   1 
ATOM   165  C CA  . HIS A 1 21  ? -11.860 1.517   -4.939  1.00 22.70  ? 369 HIS A CA  1 
ATOM   166  C C   . HIS A 1 21  ? -11.800 0.060   -4.479  1.00 26.18  ? 369 HIS A C   1 
ATOM   167  O O   . HIS A 1 21  ? -10.863 -0.664  -4.816  1.00 25.32  ? 369 HIS A O   1 
ATOM   168  C CB  . HIS A 1 21  ? -10.542 2.269   -4.566  1.00 22.96  ? 369 HIS A CB  1 
ATOM   169  C CG  . HIS A 1 21  ? -10.540 3.711   -4.966  1.00 26.24  ? 369 HIS A CG  1 
ATOM   170  N ND1 . HIS A 1 21  ? -10.548 4.089   -6.299  1.00 28.13  ? 369 HIS A ND1 1 
ATOM   171  C CD2 . HIS A 1 21  ? -10.557 4.826   -4.200  1.00 27.52  ? 369 HIS A CD2 1 
ATOM   172  C CE1 . HIS A 1 21  ? -10.587 5.410   -6.305  1.00 28.08  ? 369 HIS A CE1 1 
ATOM   173  N NE2 . HIS A 1 21  ? -10.563 5.900   -5.062  1.00 28.09  ? 369 HIS A NE2 1 
ATOM   174  N N   . ALA A 1 22  ? -12.801 -0.380  -3.700  1.00 25.69  ? 370 ALA A N   1 
ATOM   175  C CA  . ALA A 1 22  ? -12.829 -1.701  -3.078  1.00 26.47  ? 370 ALA A CA  1 
ATOM   176  C C   . ALA A 1 22  ? -12.677 -2.892  -4.028  1.00 27.97  ? 370 ALA A C   1 
ATOM   177  O O   . ALA A 1 22  ? -12.080 -3.905  -3.645  1.00 29.76  ? 370 ALA A O   1 
ATOM   178  C CB  . ALA A 1 22  ? -14.087 -1.858  -2.229  1.00 27.76  ? 370 ALA A CB  1 
ATOM   179  N N   . ALA A 1 23  ? -13.159 -2.762  -5.277  1.00 25.23  ? 371 ALA A N   1 
ATOM   180  C CA  . ALA A 1 23  ? -13.073 -3.848  -6.250  1.00 25.41  ? 371 ALA A CA  1 
ATOM   181  C C   . ALA A 1 23  ? -11.652 -4.268  -6.607  1.00 28.33  ? 371 ALA A C   1 
ATOM   182  O O   . ALA A 1 23  ? -11.422 -5.437  -6.914  1.00 29.04  ? 371 ALA A O   1 
ATOM   183  C CB  . ALA A 1 23  ? -13.845 -3.477  -7.510  1.00 26.00  ? 371 ALA A CB  1 
ATOM   184  N N   . TYR A 1 24  ? -10.686 -3.336  -6.498  1.00 23.89  ? 372 TYR A N   1 
ATOM   185  C CA  . TYR A 1 24  ? -9.289  -3.622  -6.779  1.00 22.40  ? 372 TYR A CA  1 
ATOM   186  C C   . TYR A 1 24  ? -8.369  -3.382  -5.572  1.00 23.58  ? 372 TYR A C   1 
ATOM   187  O O   . TYR A 1 24  ? -7.253  -3.880  -5.576  1.00 24.07  ? 372 TYR A O   1 
ATOM   188  C CB  . TYR A 1 24  ? -8.789  -2.845  -8.004  1.00 23.09  ? 372 TYR A CB  1 
ATOM   189  C CG  . TYR A 1 24  ? -9.197  -1.387  -8.059  1.00 23.68  ? 372 TYR A CG  1 
ATOM   190  C CD1 . TYR A 1 24  ? -8.370  -0.392  -7.554  1.00 23.34  ? 372 TYR A CD1 1 
ATOM   191  C CD2 . TYR A 1 24  ? -10.379 -0.995  -8.687  1.00 24.62  ? 372 TYR A CD2 1 
ATOM   192  C CE1 . TYR A 1 24  ? -8.708  0.955   -7.667  1.00 24.18  ? 372 TYR A CE1 1 
ATOM   193  C CE2 . TYR A 1 24  ? -10.729 0.344   -8.796  1.00 24.55  ? 372 TYR A CE2 1 
ATOM   194  C CZ  . TYR A 1 24  ? -9.877  1.316   -8.308  1.00 25.95  ? 372 TYR A CZ  1 
ATOM   195  O OH  . TYR A 1 24  ? -10.210 2.628   -8.458  1.00 28.79  ? 372 TYR A OH  1 
ATOM   196  N N   . ALA A 1 25  ? -8.805  -2.633  -4.568  1.00 21.80  ? 373 ALA A N   1 
ATOM   197  C CA  . ALA A 1 25  ? -7.910  -2.401  -3.416  1.00 22.17  ? 373 ALA A CA  1 
ATOM   198  C C   . ALA A 1 25  ? -7.912  -3.528  -2.381  1.00 24.14  ? 373 ALA A C   1 
ATOM   199  O O   . ALA A 1 25  ? -6.968  -3.627  -1.600  1.00 21.16  ? 373 ALA A O   1 
ATOM   200  C CB  . ALA A 1 25  ? -8.275  -1.094  -2.728  1.00 21.88  ? 373 ALA A CB  1 
ATOM   201  N N   . TRP A 1 26  ? -8.965  -4.367  -2.337  1.00 22.96  ? 374 TRP A N   1 
ATOM   202  C CA  . TRP A 1 26  ? -9.090  -5.340  -1.248  1.00 23.97  ? 374 TRP A CA  1 
ATOM   203  C C   . TRP A 1 26  ? -7.864  -6.268  -1.022  1.00 25.57  ? 374 TRP A C   1 
ATOM   204  O O   . TRP A 1 26  ? -7.622  -6.582  0.148   1.00 25.84  ? 374 TRP A O   1 
ATOM   205  C CB  . TRP A 1 26  ? -10.388 -6.163  -1.356  1.00 24.43  ? 374 TRP A CB  1 
ATOM   206  C CG  . TRP A 1 26  ? -10.430 -7.101  -2.513  1.00 26.53  ? 374 TRP A CG  1 
ATOM   207  C CD1 . TRP A 1 26  ? -10.942 -6.853  -3.752  1.00 29.73  ? 374 TRP A CD1 1 
ATOM   208  C CD2 . TRP A 1 26  ? -9.905  -8.433  -2.555  1.00 26.98  ? 374 TRP A CD2 1 
ATOM   209  N NE1 . TRP A 1 26  ? -10.776 -7.946  -4.560  1.00 30.01  ? 374 TRP A NE1 1 
ATOM   210  C CE2 . TRP A 1 26  ? -10.129 -8.928  -3.858  1.00 31.44  ? 374 TRP A CE2 1 
ATOM   211  C CE3 . TRP A 1 26  ? -9.242  -9.251  -1.620  1.00 28.56  ? 374 TRP A CE3 1 
ATOM   212  C CZ2 . TRP A 1 26  ? -9.742  -10.217 -4.244  1.00 31.42  ? 374 TRP A CZ2 1 
ATOM   213  C CZ3 . TRP A 1 26  ? -8.843  -10.519 -2.012  1.00 30.88  ? 374 TRP A CZ3 1 
ATOM   214  C CH2 . TRP A 1 26  ? -9.097  -10.993 -3.304  1.00 31.63  ? 374 TRP A CH2 1 
ATOM   215  N N   . PRO A 1 27  ? -7.070  -6.727  -2.035  1.00 22.23  ? 375 PRO A N   1 
ATOM   216  C CA  . PRO A 1 27  ? -5.915  -7.597  -1.724  1.00 22.04  ? 375 PRO A CA  1 
ATOM   217  C C   . PRO A 1 27  ? -4.832  -6.907  -0.893  1.00 23.40  ? 375 PRO A C   1 
ATOM   218  O O   . PRO A 1 27  ? -3.973  -7.585  -0.325  1.00 23.98  ? 375 PRO A O   1 
ATOM   219  C CB  . PRO A 1 27  ? -5.351  -7.937  -3.102  1.00 24.11  ? 375 PRO A CB  1 
ATOM   220  C CG  . PRO A 1 27  ? -6.524  -7.739  -4.063  1.00 27.23  ? 375 PRO A CG  1 
ATOM   221  C CD  . PRO A 1 27  ? -7.203  -6.536  -3.497  1.00 23.09  ? 375 PRO A CD  1 
ATOM   222  N N   . PHE A 1 28  ? -4.888  -5.566  -0.822  1.00 19.95  ? 376 PHE A N   1 
ATOM   223  C CA  . PHE A 1 28  ? -3.886  -4.747  -0.135  1.00 19.55  ? 376 PHE A CA  1 
ATOM   224  C C   . PHE A 1 28  ? -4.312  -4.316  1.273   1.00 21.85  ? 376 PHE A C   1 
ATOM   225  O O   . PHE A 1 28  ? -3.530  -3.668  1.963   1.00 21.42  ? 376 PHE A O   1 
ATOM   226  C CB  . PHE A 1 28  ? -3.533  -3.514  -1.017  1.00 20.49  ? 376 PHE A CB  1 
ATOM   227  C CG  . PHE A 1 28  ? -3.162  -3.957  -2.422  1.00 20.65  ? 376 PHE A CG  1 
ATOM   228  C CD1 . PHE A 1 28  ? -1.918  -4.516  -2.685  1.00 23.90  ? 376 PHE A CD1 1 
ATOM   229  C CD2 . PHE A 1 28  ? -4.102  -3.936  -3.443  1.00 20.46  ? 376 PHE A CD2 1 
ATOM   230  C CE1 . PHE A 1 28  ? -1.621  -5.035  -3.961  1.00 23.26  ? 376 PHE A CE1 1 
ATOM   231  C CE2 . PHE A 1 28  ? -3.802  -4.445  -4.712  1.00 22.77  ? 376 PHE A CE2 1 
ATOM   232  C CZ  . PHE A 1 28  ? -2.583  -5.035  -4.946  1.00 20.97  ? 376 PHE A CZ  1 
ATOM   233  N N   . TYR A 1 29  ? -5.526  -4.641  1.684   1.00 21.63  ? 377 TYR A N   1 
ATOM   234  C CA  . TYR A 1 29  ? -6.031  -4.169  2.972   1.00 22.78  ? 377 TYR A CA  1 
ATOM   235  C C   . TYR A 1 29  ? -5.265  -4.702  4.184   1.00 26.09  ? 377 TYR A C   1 
ATOM   236  O O   . TYR A 1 29  ? -5.058  -3.963  5.142   1.00 27.18  ? 377 TYR A O   1 
ATOM   237  C CB  . TYR A 1 29  ? -7.487  -4.599  3.136   1.00 22.67  ? 377 TYR A CB  1 
ATOM   238  C CG  . TYR A 1 29  ? -8.530  -3.885  2.306   1.00 23.83  ? 377 TYR A CG  1 
ATOM   239  C CD1 . TYR A 1 29  ? -8.218  -2.733  1.581   1.00 23.53  ? 377 TYR A CD1 1 
ATOM   240  C CD2 . TYR A 1 29  ? -9.852  -4.323  2.297   1.00 26.00  ? 377 TYR A CD2 1 
ATOM   241  C CE1 . TYR A 1 29  ? -9.213  -2.021  0.893   1.00 23.88  ? 377 TYR A CE1 1 
ATOM   242  C CE2 . TYR A 1 29  ? -10.843 -3.635  1.598   1.00 27.51  ? 377 TYR A CE2 1 
ATOM   243  C CZ  . TYR A 1 29  ? -10.513 -2.511  0.863   1.00 28.10  ? 377 TYR A CZ  1 
ATOM   244  O OH  . TYR A 1 29  ? -11.532 -1.862  0.193   1.00 27.23  ? 377 TYR A OH  1 
ATOM   245  N N   . LYS A 1 30  ? -4.919  -5.990  4.162   1.00 24.12  ? 378 LYS A N   1 
ATOM   246  C CA  . LYS A 1 30  ? -4.276  -6.675  5.281   1.00 24.51  ? 378 LYS A CA  1 
ATOM   247  C C   . LYS A 1 30  ? -2.966  -7.314  4.861   1.00 24.98  ? 378 LYS A C   1 
ATOM   248  O O   . LYS A 1 30  ? -2.740  -7.518  3.660   1.00 24.21  ? 378 LYS A O   1 
ATOM   249  C CB  . LYS A 1 30  ? -5.224  -7.783  5.814   1.00 27.99  ? 378 LYS A CB  1 
ATOM   250  C CG  . LYS A 1 30  ? -6.594  -7.308  6.335   1.00 45.30  ? 378 LYS A CG  1 
ATOM   251  C CD  . LYS A 1 30  ? -6.524  -6.328  7.518   1.00 64.23  ? 378 LYS A CD  1 
ATOM   252  C CE  . LYS A 1 30  ? -6.328  -6.987  8.865   1.00 84.09  ? 378 LYS A CE  1 
ATOM   253  N NZ  . LYS A 1 30  ? -6.230  -5.980  9.958   1.00 96.29  ? 378 LYS A NZ  1 
ATOM   254  N N   . PRO A 1 31  ? -2.076  -7.703  5.811   1.00 23.91  ? 379 PRO A N   1 
ATOM   255  C CA  . PRO A 1 31  ? -0.834  -8.366  5.399   1.00 23.61  ? 379 PRO A CA  1 
ATOM   256  C C   . PRO A 1 31  ? -1.108  -9.627  4.592   1.00 26.97  ? 379 PRO A C   1 
ATOM   257  O O   . PRO A 1 31  ? -2.134  -10.299 4.797   1.00 26.86  ? 379 PRO A O   1 
ATOM   258  C CB  . PRO A 1 31  ? -0.170  -8.755  6.738   1.00 25.81  ? 379 PRO A CB  1 
ATOM   259  C CG  . PRO A 1 31  ? -0.770  -7.885  7.733   1.00 29.22  ? 379 PRO A CG  1 
ATOM   260  C CD  . PRO A 1 31  ? -2.149  -7.539  7.286   1.00 25.25  ? 379 PRO A CD  1 
ATOM   261  N N   . VAL A 1 32  ? -0.205  -9.936  3.659   1.00 24.50  ? 380 VAL A N   1 
ATOM   262  C CA  . VAL A 1 32  ? -0.299  -11.152 2.833   1.00 25.89  ? 380 VAL A CA  1 
ATOM   263  C C   . VAL A 1 32  ? -0.246  -12.334 3.824   1.00 30.97  ? 380 VAL A C   1 
ATOM   264  O O   . VAL A 1 32  ? 0.624   -12.351 4.698   1.00 30.46  ? 380 VAL A O   1 
ATOM   265  C CB  . VAL A 1 32  ? 0.863   -11.210 1.800   1.00 30.22  ? 380 VAL A CB  1 
ATOM   266  C CG1 . VAL A 1 32  ? 0.989   -12.601 1.152   1.00 29.99  ? 380 VAL A CG1 1 
ATOM   267  C CG2 . VAL A 1 32  ? 0.725   -10.112 0.727   1.00 29.97  ? 380 VAL A CG2 1 
ATOM   268  N N   . ASP A 1 33  ? -1.189  -13.289 3.679   1.00 29.32  ? 381 ASP A N   1 
ATOM   269  C CA  . ASP A 1 33  ? -1.254  -14.501 4.499   1.00 30.07  ? 381 ASP A CA  1 
ATOM   270  C C   . ASP A 1 33  ? -0.212  -15.489 3.966   1.00 33.03  ? 381 ASP A C   1 
ATOM   271  O O   . ASP A 1 33  ? -0.496  -16.245 3.042   1.00 33.39  ? 381 ASP A O   1 
ATOM   272  C CB  . ASP A 1 33  ? -2.675  -15.096 4.428   1.00 32.36  ? 381 ASP A CB  1 
ATOM   273  C CG  . ASP A 1 33  ? -2.867  -16.315 5.319   1.00 39.50  ? 381 ASP A CG  1 
ATOM   274  O OD1 . ASP A 1 33  ? -1.943  -16.633 6.101   1.00 37.22  ? 381 ASP A OD1 1 
ATOM   275  O OD2 . ASP A 1 33  ? -3.937  -16.951 5.227   1.00 46.98  ? 381 ASP A OD2 1 
ATOM   276  N N   . VAL A 1 34  ? 0.983   -15.489 4.553   1.00 31.38  ? 382 VAL A N   1 
ATOM   277  C CA  . VAL A 1 34  ? 2.105   -16.316 4.087   1.00 32.05  ? 382 VAL A CA  1 
ATOM   278  C C   . VAL A 1 34  ? 1.884   -17.828 4.309   1.00 39.02  ? 382 VAL A C   1 
ATOM   279  O O   . VAL A 1 34  ? 2.657   -18.640 3.783   1.00 39.96  ? 382 VAL A O   1 
ATOM   280  C CB  . VAL A 1 34  ? 3.474   -15.853 4.631   1.00 36.65  ? 382 VAL A CB  1 
ATOM   281  C CG1 . VAL A 1 34  ? 3.780   -14.411 4.204   1.00 36.17  ? 382 VAL A CG1 1 
ATOM   282  C CG2 . VAL A 1 34  ? 3.570   -16.011 6.150   1.00 36.92  ? 382 VAL A CG2 1 
ATOM   283  N N   . GLU A 1 35  ? 0.834   -18.190 5.062   1.00 35.61  ? 383 GLU A N   1 
ATOM   284  C CA  . GLU A 1 35  ? 0.496   -19.593 5.341   1.00 36.22  ? 383 GLU A CA  1 
ATOM   285  C C   . GLU A 1 35  ? -0.537  -20.124 4.348   1.00 39.99  ? 383 GLU A C   1 
ATOM   286  O O   . GLU A 1 35  ? -0.902  -21.292 4.421   1.00 41.30  ? 383 GLU A O   1 
ATOM   287  C CB  . GLU A 1 35  ? -0.019  -19.745 6.789   1.00 37.69  ? 383 GLU A CB  1 
ATOM   288  C CG  . GLU A 1 35  ? 0.994   -19.370 7.867   1.00 49.71  ? 383 GLU A CG  1 
ATOM   289  C CD  . GLU A 1 35  ? 2.338   -20.071 7.817   1.00 79.77  ? 383 GLU A CD  1 
ATOM   290  O OE1 . GLU A 1 35  ? 2.363   -21.319 7.708   1.00 81.81  ? 383 GLU A OE1 1 
ATOM   291  O OE2 . GLU A 1 35  ? 3.372   -19.369 7.899   1.00 80.12  ? 383 GLU A OE2 1 
ATOM   292  N N   . ALA A 1 36  ? -1.008  -19.272 3.414   1.00 34.71  ? 384 ALA A N   1 
ATOM   293  C CA  . ALA A 1 36  ? -2.000  -19.659 2.415   1.00 32.80  ? 384 ALA A CA  1 
ATOM   294  C C   . ALA A 1 36  ? -1.366  -20.470 1.293   1.00 32.09  ? 384 ALA A C   1 
ATOM   295  O O   . ALA A 1 36  ? -0.161  -20.337 1.030   1.00 30.54  ? 384 ALA A O   1 
ATOM   296  C CB  . ALA A 1 36  ? -2.697  -18.431 1.843   1.00 33.57  ? 384 ALA A CB  1 
ATOM   297  N N   . LEU A 1 37  ? -2.170  -21.335 0.656   1.00 29.28  ? 385 LEU A N   1 
ATOM   298  C CA  . LEU A 1 37  ? -1.695  -22.162 -0.444  1.00 29.63  ? 385 LEU A CA  1 
ATOM   299  C C   . LEU A 1 37  ? -1.175  -21.288 -1.590  1.00 36.22  ? 385 LEU A C   1 
ATOM   300  O O   . LEU A 1 37  ? -1.847  -20.354 -2.020  1.00 36.98  ? 385 LEU A O   1 
ATOM   301  C CB  . LEU A 1 37  ? -2.795  -23.128 -0.927  1.00 29.83  ? 385 LEU A CB  1 
ATOM   302  C CG  . LEU A 1 37  ? -2.409  -24.112 -2.050  1.00 33.47  ? 385 LEU A CG  1 
ATOM   303  C CD1 . LEU A 1 37  ? -1.392  -25.159 -1.579  1.00 32.00  ? 385 LEU A CD1 1 
ATOM   304  C CD2 . LEU A 1 37  ? -3.627  -24.800 -2.583  1.00 36.95  ? 385 LEU A CD2 1 
ATOM   305  N N   . GLY A 1 38  ? 0.025   -21.603 -2.040  1.00 33.62  ? 386 GLY A N   1 
ATOM   306  C CA  . GLY A 1 38  ? 0.705   -20.902 -3.121  1.00 34.28  ? 386 GLY A CA  1 
ATOM   307  C C   . GLY A 1 38  ? 1.690   -19.862 -2.626  1.00 35.40  ? 386 GLY A C   1 
ATOM   308  O O   . GLY A 1 38  ? 2.518   -19.396 -3.407  1.00 37.59  ? 386 GLY A O   1 
ATOM   309  N N   . LEU A 1 39  ? 1.635   -19.503 -1.325  1.00 29.20  ? 387 LEU A N   1 
ATOM   310  C CA  . LEU A 1 39  ? 2.499   -18.457 -0.778  1.00 29.58  ? 387 LEU A CA  1 
ATOM   311  C C   . LEU A 1 39  ? 3.641   -18.971 0.091   1.00 31.49  ? 387 LEU A C   1 
ATOM   312  O O   . LEU A 1 39  ? 4.208   -18.199 0.855   1.00 30.39  ? 387 LEU A O   1 
ATOM   313  C CB  . LEU A 1 39  ? 1.644   -17.422 -0.023  1.00 30.51  ? 387 LEU A CB  1 
ATOM   314  C CG  . LEU A 1 39  ? 0.776   -16.547 -0.927  1.00 36.66  ? 387 LEU A CG  1 
ATOM   315  C CD1 . LEU A 1 39  ? -0.446  -16.047 -0.207  1.00 38.65  ? 387 LEU A CD1 1 
ATOM   316  C CD2 . LEU A 1 39  ? 1.570   -15.358 -1.437  1.00 38.24  ? 387 LEU A CD2 1 
ATOM   317  N N   . HIS A 1 40  ? 4.011   -20.273 -0.040  1.00 29.21  ? 388 HIS A N   1 
ATOM   318  C CA  . HIS A 1 40  ? 5.084   -20.900 0.744   1.00 29.15  ? 388 HIS A CA  1 
ATOM   319  C C   . HIS A 1 40  ? 6.469   -20.259 0.546   1.00 33.65  ? 388 HIS A C   1 
ATOM   320  O O   . HIS A 1 40  ? 7.337   -20.430 1.394   1.00 33.09  ? 388 HIS A O   1 
ATOM   321  C CB  . HIS A 1 40  ? 5.173   -22.406 0.397   1.00 29.42  ? 388 HIS A CB  1 
ATOM   322  C CG  . HIS A 1 40  ? 5.417   -22.656 -1.053  1.00 31.38  ? 388 HIS A CG  1 
ATOM   323  N ND1 . HIS A 1 40  ? 4.374   -22.801 -1.934  1.00 32.88  ? 388 HIS A ND1 1 
ATOM   324  C CD2 . HIS A 1 40  ? 6.580   -22.740 -1.736  1.00 33.79  ? 388 HIS A CD2 1 
ATOM   325  C CE1 . HIS A 1 40  ? 4.921   -22.994 -3.119  1.00 32.98  ? 388 HIS A CE1 1 
ATOM   326  N NE2 . HIS A 1 40  ? 6.246   -22.941 -3.054  1.00 33.93  ? 388 HIS A NE2 1 
ATOM   327  N N   . ASP A 1 41  ? 6.675   -19.537 -0.575  1.00 29.51  ? 389 ASP A N   1 
ATOM   328  C CA  . ASP A 1 41  ? 7.946   -18.866 -0.900  1.00 28.19  ? 389 ASP A CA  1 
ATOM   329  C C   . ASP A 1 41  ? 7.881   -17.329 -0.723  1.00 30.36  ? 389 ASP A C   1 
ATOM   330  O O   . ASP A 1 41  ? 8.858   -16.647 -1.042  1.00 29.40  ? 389 ASP A O   1 
ATOM   331  C CB  . ASP A 1 41  ? 8.345   -19.199 -2.358  1.00 30.73  ? 389 ASP A CB  1 
ATOM   332  C CG  . ASP A 1 41  ? 7.318   -18.839 -3.422  1.00 36.95  ? 389 ASP A CG  1 
ATOM   333  O OD1 . ASP A 1 41  ? 6.155   -18.534 -3.058  1.00 38.73  ? 389 ASP A OD1 1 
ATOM   334  O OD2 . ASP A 1 41  ? 7.634   -18.973 -4.612  1.00 42.12  ? 389 ASP A OD2 1 
ATOM   335  N N   . TYR A 1 42  ? 6.757   -16.797 -0.219  1.00 25.91  ? 390 TYR A N   1 
ATOM   336  C CA  . TYR A 1 42  ? 6.602   -15.337 -0.118  1.00 24.82  ? 390 TYR A CA  1 
ATOM   337  C C   . TYR A 1 42  ? 7.697   -14.656 0.704   1.00 32.37  ? 390 TYR A C   1 
ATOM   338  O O   . TYR A 1 42  ? 8.290   -13.684 0.237   1.00 31.08  ? 390 TYR A O   1 
ATOM   339  C CB  . TYR A 1 42  ? 5.210   -14.957 0.399   1.00 24.26  ? 390 TYR A CB  1 
ATOM   340  C CG  . TYR A 1 42  ? 4.925   -13.483 0.217   1.00 24.28  ? 390 TYR A CG  1 
ATOM   341  C CD1 . TYR A 1 42  ? 4.471   -12.992 -1.000  1.00 25.16  ? 390 TYR A CD1 1 
ATOM   342  C CD2 . TYR A 1 42  ? 5.013   -12.602 1.290   1.00 24.83  ? 390 TYR A CD2 1 
ATOM   343  C CE1 . TYR A 1 42  ? 4.212   -11.633 -1.174  1.00 25.18  ? 390 TYR A CE1 1 
ATOM   344  C CE2 . TYR A 1 42  ? 4.730   -11.242 1.135   1.00 25.27  ? 390 TYR A CE2 1 
ATOM   345  C CZ  . TYR A 1 42  ? 4.333   -10.770 -0.099  1.00 27.68  ? 390 TYR A CZ  1 
ATOM   346  O OH  . TYR A 1 42  ? 4.111   -9.430  -0.266  1.00 24.80  ? 390 TYR A OH  1 
ATOM   347  N N   . CYS A 1 43  ? 7.990   -15.188 1.898   1.00 33.61  ? 391 CYS A N   1 
ATOM   348  C CA  . CYS A 1 43  ? 9.012   -14.653 2.810   1.00 36.97  ? 391 CYS A CA  1 
ATOM   349  C C   . CYS A 1 43  ? 10.444  -14.790 2.294   1.00 40.83  ? 391 CYS A C   1 
ATOM   350  O O   . CYS A 1 43  ? 11.310  -14.011 2.702   1.00 41.76  ? 391 CYS A O   1 
ATOM   351  C CB  . CYS A 1 43  ? 8.862   -15.265 4.192   1.00 39.98  ? 391 CYS A CB  1 
ATOM   352  S SG  . CYS A 1 43  ? 7.251   -14.960 4.951   1.00 45.34  ? 391 CYS A SG  1 
ATOM   353  N N   . ASP A 1 44  ? 10.695  -15.756 1.397   1.00 36.46  ? 392 ASP A N   1 
ATOM   354  C CA  . ASP A 1 44  ? 11.994  -15.936 0.754   1.00 36.53  ? 392 ASP A CA  1 
ATOM   355  C C   . ASP A 1 44  ? 12.255  -14.850 -0.282  1.00 39.94  ? 392 ASP A C   1 
ATOM   356  O O   . ASP A 1 44  ? 13.417  -14.570 -0.592  1.00 40.84  ? 392 ASP A O   1 
ATOM   357  C CB  . ASP A 1 44  ? 12.051  -17.280 0.018   1.00 38.60  ? 392 ASP A CB  1 
ATOM   358  C CG  . ASP A 1 44  ? 12.082  -18.515 0.890   1.00 52.53  ? 392 ASP A CG  1 
ATOM   359  O OD1 . ASP A 1 44  ? 12.043  -18.368 2.145   1.00 53.88  ? 392 ASP A OD1 1 
ATOM   360  O OD2 . ASP A 1 44  ? 12.112  -19.628 0.326   1.00 55.81  ? 392 ASP A OD2 1 
ATOM   361  N N   . ILE A 1 45  ? 11.181  -14.311 -0.887  1.00 33.36  ? 393 ILE A N   1 
ATOM   362  C CA  . ILE A 1 45  ? 11.279  -13.333 -1.973  1.00 31.42  ? 393 ILE A CA  1 
ATOM   363  C C   . ILE A 1 45  ? 11.068  -11.923 -1.463  1.00 32.16  ? 393 ILE A C   1 
ATOM   364  O O   . ILE A 1 45  ? 11.794  -11.015 -1.873  1.00 31.87  ? 393 ILE A O   1 
ATOM   365  C CB  . ILE A 1 45  ? 10.304  -13.723 -3.121  1.00 34.15  ? 393 ILE A CB  1 
ATOM   366  C CG1 . ILE A 1 45  ? 10.728  -15.098 -3.738  1.00 34.53  ? 393 ILE A CG1 1 
ATOM   367  C CG2 . ILE A 1 45  ? 10.191  -12.617 -4.212  1.00 33.85  ? 393 ILE A CG2 1 
ATOM   368  C CD1 . ILE A 1 45  ? 9.609   -15.848 -4.377  1.00 36.57  ? 393 ILE A CD1 1 
ATOM   369  N N   . ILE A 1 46  ? 10.102  -11.752 -0.560  1.00 27.30  ? 394 ILE A N   1 
ATOM   370  C CA  . ILE A 1 46  ? 9.718   -10.465 0.014   1.00 26.58  ? 394 ILE A CA  1 
ATOM   371  C C   . ILE A 1 46  ? 10.292  -10.329 1.392   1.00 31.33  ? 394 ILE A C   1 
ATOM   372  O O   . ILE A 1 46  ? 9.776   -10.906 2.336   1.00 31.53  ? 394 ILE A O   1 
ATOM   373  C CB  . ILE A 1 46  ? 8.169   -10.276 -0.037  1.00 27.64  ? 394 ILE A CB  1 
ATOM   374  C CG1 . ILE A 1 46  ? 7.657   -10.383 -1.513  1.00 26.67  ? 394 ILE A CG1 1 
ATOM   375  C CG2 . ILE A 1 46  ? 7.719   -8.966  0.651   1.00 28.85  ? 394 ILE A CG2 1 
ATOM   376  C CD1 . ILE A 1 46  ? 8.368   -9.396  -2.560  1.00 26.44  ? 394 ILE A CD1 1 
ATOM   377  N N   . LYS A 1 47  ? 11.338  -9.521  1.512   1.00 30.50  ? 395 LYS A N   1 
ATOM   378  C CA  . LYS A 1 47  ? 12.019  -9.338  2.795   1.00 31.29  ? 395 LYS A CA  1 
ATOM   379  C C   . LYS A 1 47  ? 11.347  -8.315  3.676   1.00 32.78  ? 395 LYS A C   1 
ATOM   380  O O   . LYS A 1 47  ? 11.483  -8.377  4.901   1.00 32.90  ? 395 LYS A O   1 
ATOM   381  C CB  . LYS A 1 47  ? 13.510  -9.009  2.575   1.00 35.70  ? 395 LYS A CB  1 
ATOM   382  C CG  . LYS A 1 47  ? 14.264  -10.061 1.743   1.00 47.71  ? 395 LYS A CG  1 
ATOM   383  C CD  . LYS A 1 47  ? 14.306  -11.443 2.409   1.00 55.52  ? 395 LYS A CD  1 
ATOM   384  C CE  . LYS A 1 47  ? 14.960  -12.481 1.535   1.00 58.82  ? 395 LYS A CE  1 
ATOM   385  N NZ  . LYS A 1 47  ? 14.806  -13.844 2.110   1.00 60.94  ? 395 LYS A NZ  1 
ATOM   386  N N   . HIS A 1 48  ? 10.632  -7.342  3.062   1.00 27.87  ? 396 HIS A N   1 
ATOM   387  C CA  . HIS A 1 48  ? 9.946   -6.322  3.831   1.00 28.44  ? 396 HIS A CA  1 
ATOM   388  C C   . HIS A 1 48  ? 8.456   -6.220  3.429   1.00 30.66  ? 396 HIS A C   1 
ATOM   389  O O   . HIS A 1 48  ? 8.121   -5.320  2.644   1.00 28.75  ? 396 HIS A O   1 
ATOM   390  C CB  . HIS A 1 48  ? 10.661  -4.957  3.683   1.00 31.19  ? 396 HIS A CB  1 
ATOM   391  C CG  . HIS A 1 48  ? 12.088  -4.989  4.138   1.00 36.21  ? 396 HIS A CG  1 
ATOM   392  N ND1 . HIS A 1 48  ? 12.410  -5.153  5.476   1.00 39.37  ? 396 HIS A ND1 1 
ATOM   393  C CD2 . HIS A 1 48  ? 13.232  -4.885  3.421   1.00 39.86  ? 396 HIS A CD2 1 
ATOM   394  C CE1 . HIS A 1 48  ? 13.737  -5.154  5.531   1.00 39.44  ? 396 HIS A CE1 1 
ATOM   395  N NE2 . HIS A 1 48  ? 14.278  -4.995  4.323   1.00 39.92  ? 396 HIS A NE2 1 
ATOM   396  N N   . PRO A 1 49  ? 7.561   -7.064  4.007   1.00 26.64  ? 397 PRO A N   1 
ATOM   397  C CA  . PRO A 1 49  ? 6.134   -7.006  3.631   1.00 27.08  ? 397 PRO A CA  1 
ATOM   398  C C   . PRO A 1 49  ? 5.489   -5.713  4.102   1.00 27.61  ? 397 PRO A C   1 
ATOM   399  O O   . PRO A 1 49  ? 5.918   -5.112  5.101   1.00 27.38  ? 397 PRO A O   1 
ATOM   400  C CB  . PRO A 1 49  ? 5.512   -8.229  4.318   1.00 29.48  ? 397 PRO A CB  1 
ATOM   401  C CG  . PRO A 1 49  ? 6.469   -8.584  5.400   1.00 34.70  ? 397 PRO A CG  1 
ATOM   402  C CD  . PRO A 1 49  ? 7.828   -8.182  4.941   1.00 28.95  ? 397 PRO A CD  1 
ATOM   403  N N   . MET A 1 50  ? 4.445   -5.275  3.385   1.00 21.81  ? 398 MET A N   1 
ATOM   404  C CA  . MET A 1 50  ? 3.742   -4.041  3.738   1.00 20.22  ? 398 MET A CA  1 
ATOM   405  C C   . MET A 1 50  ? 2.313   -4.138  3.186   1.00 23.57  ? 398 MET A C   1 
ATOM   406  O O   . MET A 1 50  ? 2.096   -4.751  2.155   1.00 23.18  ? 398 MET A O   1 
ATOM   407  C CB  . MET A 1 50  ? 4.474   -2.796  3.140   1.00 21.89  ? 398 MET A CB  1 
ATOM   408  C CG  . MET A 1 50  ? 3.974   -1.457  3.662   1.00 23.69  ? 398 MET A CG  1 
ATOM   409  S SD  . MET A 1 50  ? 3.803   -1.312  5.482   1.00 27.06  ? 398 MET A SD  1 
ATOM   410  C CE  . MET A 1 50  ? 5.523   -1.648  6.050   1.00 24.89  ? 398 MET A CE  1 
ATOM   411  N N   . ASP A 1 51  ? 1.363   -3.572  3.898   1.00 21.68  ? 399 ASP A N   1 
ATOM   412  C CA  . ASP A 1 51  ? -0.050  -3.523  3.552   1.00 21.85  ? 399 ASP A CA  1 
ATOM   413  C C   . ASP A 1 51  ? -0.688  -2.250  4.096   1.00 23.66  ? 399 ASP A C   1 
ATOM   414  O O   . ASP A 1 51  ? -0.098  -1.575  4.956   1.00 23.90  ? 399 ASP A O   1 
ATOM   415  C CB  . ASP A 1 51  ? -0.769  -4.751  4.092   1.00 22.81  ? 399 ASP A CB  1 
ATOM   416  C CG  . ASP A 1 51  ? -0.779  -4.697  5.610   1.00 30.05  ? 399 ASP A CG  1 
ATOM   417  O OD1 . ASP A 1 51  ? 0.246   -5.035  6.216   1.00 29.67  ? 399 ASP A OD1 1 
ATOM   418  O OD2 . ASP A 1 51  ? -1.762  -4.208  6.171   1.00 29.83  ? 399 ASP A OD2 1 
ATOM   419  N N   . MET A 1 52  ? -1.923  -1.955  3.668   1.00 20.38  ? 400 MET A N   1 
ATOM   420  C CA  . MET A 1 52  ? -2.591  -0.716  4.060   1.00 18.67  ? 400 MET A CA  1 
ATOM   421  C C   . MET A 1 52  ? -2.915  -0.616  5.544   1.00 23.65  ? 400 MET A C   1 
ATOM   422  O O   . MET A 1 52  ? -2.799  0.476   6.103   1.00 23.74  ? 400 MET A O   1 
ATOM   423  C CB  . MET A 1 52  ? -3.853  -0.486  3.211   1.00 20.66  ? 400 MET A CB  1 
ATOM   424  C CG  . MET A 1 52  ? -3.512  -0.298  1.718   1.00 23.18  ? 400 MET A CG  1 
ATOM   425  S SD  . MET A 1 52  ? -4.994  -0.443  0.678   1.00 25.35  ? 400 MET A SD  1 
ATOM   426  C CE  . MET A 1 52  ? -6.085  0.663   1.531   1.00 22.90  ? 400 MET A CE  1 
ATOM   427  N N   . SER A 1 53  ? -3.293  -1.743  6.187   1.00 21.53  ? 401 SER A N   1 
ATOM   428  C CA  . SER A 1 53  ? -3.591  -1.704  7.635   1.00 22.87  ? 401 SER A CA  1 
ATOM   429  C C   . SER A 1 53  ? -2.316  -1.435  8.439   1.00 26.08  ? 401 SER A C   1 
ATOM   430  O O   . SER A 1 53  ? -2.388  -0.690  9.412   1.00 27.54  ? 401 SER A O   1 
ATOM   431  C CB  . SER A 1 53  ? -4.243  -3.000  8.100   1.00 26.50  ? 401 SER A CB  1 
ATOM   432  O OG  . SER A 1 53  ? -5.558  -3.062  7.571   1.00 34.43  ? 401 SER A OG  1 
ATOM   433  N N   . THR A 1 54  ? -1.147  -1.950  7.997   1.00 23.61  ? 402 THR A N   1 
ATOM   434  C CA  . THR A 1 54  ? 0.134   -1.680  8.668   1.00 23.61  ? 402 THR A CA  1 
ATOM   435  C C   . THR A 1 54  ? 0.507   -0.201  8.498   1.00 27.73  ? 402 THR A C   1 
ATOM   436  O O   . THR A 1 54  ? 0.940   0.451   9.462   1.00 27.75  ? 402 THR A O   1 
ATOM   437  C CB  . THR A 1 54  ? 1.233   -2.606  8.177   1.00 29.86  ? 402 THR A CB  1 
ATOM   438  O OG1 . THR A 1 54  ? 0.827   -3.955  8.452   1.00 30.37  ? 402 THR A OG1 1 
ATOM   439  C CG2 . THR A 1 54  ? 2.576   -2.349  8.848   1.00 28.71  ? 402 THR A CG2 1 
ATOM   440  N N   . ILE A 1 55  ? 0.247   0.358   7.293   1.00 22.47  ? 403 ILE A N   1 
ATOM   441  C CA  . ILE A 1 55  ? 0.543   1.776   7.078   1.00 21.47  ? 403 ILE A CA  1 
ATOM   442  C C   . ILE A 1 55  ? -0.340  2.662   7.939   1.00 25.32  ? 403 ILE A C   1 
ATOM   443  O O   . ILE A 1 55  ? 0.157   3.647   8.479   1.00 26.53  ? 403 ILE A O   1 
ATOM   444  C CB  . ILE A 1 55  ? 0.425   2.117   5.560   1.00 22.34  ? 403 ILE A CB  1 
ATOM   445  C CG1 . ILE A 1 55  ? 1.541   1.417   4.794   1.00 23.04  ? 403 ILE A CG1 1 
ATOM   446  C CG2 . ILE A 1 55  ? 0.454   3.628   5.316   1.00 24.15  ? 403 ILE A CG2 1 
ATOM   447  C CD1 . ILE A 1 55  ? 1.370   1.474   3.196   1.00 23.96  ? 403 ILE A CD1 1 
ATOM   448  N N   . LYS A 1 56  ? -1.639  2.324   8.058   1.00 22.20  ? 404 LYS A N   1 
ATOM   449  C CA  . LYS A 1 56  ? -2.604  3.072   8.877   1.00 23.92  ? 404 LYS A CA  1 
ATOM   450  C C   . LYS A 1 56  ? -2.117  3.047   10.331  1.00 30.00  ? 404 LYS A C   1 
ATOM   451  O O   . LYS A 1 56  ? -2.157  4.078   10.994  1.00 30.97  ? 404 LYS A O   1 
ATOM   452  C CB  . LYS A 1 56  ? -3.991  2.448   8.785   1.00 24.26  ? 404 LYS A CB  1 
ATOM   453  C CG  . LYS A 1 56  ? -5.082  3.268   9.488   1.00 28.04  ? 404 LYS A CG  1 
ATOM   454  C CD  . LYS A 1 56  ? -6.446  2.669   9.273   1.00 39.11  ? 404 LYS A CD  1 
ATOM   455  C CE  . LYS A 1 56  ? -7.506  3.410   10.053  1.00 56.57  ? 404 LYS A CE  1 
ATOM   456  N NZ  . LYS A 1 56  ? -8.871  2.954   9.684   1.00 69.61  ? 404 LYS A NZ  1 
ATOM   457  N N   . SER A 1 57  ? -1.635  1.886   10.792  1.00 26.29  ? 405 SER A N   1 
ATOM   458  C CA  . SER A 1 57  ? -1.105  1.742   12.157  1.00 26.53  ? 405 SER A CA  1 
ATOM   459  C C   . SER A 1 57  ? 0.153   2.584   12.366  1.00 31.88  ? 405 SER A C   1 
ATOM   460  O O   . SER A 1 57  ? 0.303   3.207   13.427  1.00 34.55  ? 405 SER A O   1 
ATOM   461  C CB  . SER A 1 57  ? -0.831  0.280   12.469  1.00 28.79  ? 405 SER A CB  1 
ATOM   462  O OG  . SER A 1 57  ? -2.086  -0.356  12.667  1.00 37.35  ? 405 SER A OG  1 
ATOM   463  N N   . LYS A 1 58  ? 1.050   2.617   11.369  1.00 28.00  ? 406 LYS A N   1 
ATOM   464  C CA  . LYS A 1 58  ? 2.274   3.421   11.444  1.00 26.70  ? 406 LYS A CA  1 
ATOM   465  C C   . LYS A 1 58  ? 1.939   4.909   11.463  1.00 32.97  ? 406 LYS A C   1 
ATOM   466  O O   . LYS A 1 58  ? 2.568   5.660   12.218  1.00 33.76  ? 406 LYS A O   1 
ATOM   467  C CB  . LYS A 1 58  ? 3.252   3.066   10.342  1.00 26.11  ? 406 LYS A CB  1 
ATOM   468  C CG  . LYS A 1 58  ? 3.837   1.645   10.496  1.00 23.60  ? 406 LYS A CG  1 
ATOM   469  C CD  . LYS A 1 58  ? 4.825   1.245   9.417   1.00 30.38  ? 406 LYS A CD  1 
ATOM   470  C CE  . LYS A 1 58  ? 6.088   2.067   9.413   1.00 30.29  ? 406 LYS A CE  1 
ATOM   471  N NZ  . LYS A 1 58  ? 7.137   1.425   8.555   1.00 33.23  ? 406 LYS A NZ  1 
ATOM   472  N N   . LEU A 1 59  ? 0.919   5.343   10.675  1.00 29.29  ? 407 LEU A N   1 
ATOM   473  C CA  . LEU A 1 59  ? 0.465   6.734   10.737  1.00 29.66  ? 407 LEU A CA  1 
ATOM   474  C C   . LEU A 1 59  ? -0.017  7.051   12.165  1.00 35.96  ? 407 LEU A C   1 
ATOM   475  O O   . LEU A 1 59  ? 0.390   8.072   12.720  1.00 35.73  ? 407 LEU A O   1 
ATOM   476  C CB  . LEU A 1 59  ? -0.675  7.006   9.751   1.00 29.98  ? 407 LEU A CB  1 
ATOM   477  C CG  . LEU A 1 59  ? -0.270  7.268   8.309   1.00 34.16  ? 407 LEU A CG  1 
ATOM   478  C CD1 . LEU A 1 59  ? -1.497  7.185   7.387   1.00 33.48  ? 407 LEU A CD1 1 
ATOM   479  C CD2 . LEU A 1 59  ? 0.408   8.647   8.164   1.00 36.75  ? 407 LEU A CD2 1 
ATOM   480  N N   . GLU A 1 60  ? -0.852  6.163   12.756  1.00 34.31  ? 408 GLU A N   1 
ATOM   481  C CA  . GLU A 1 60  ? -1.427  6.364   14.102  1.00 35.55  ? 408 GLU A CA  1 
ATOM   482  C C   . GLU A 1 60  ? -0.379  6.415   15.208  1.00 40.02  ? 408 GLU A C   1 
ATOM   483  O O   . GLU A 1 60  ? -0.584  7.126   16.193  1.00 41.43  ? 408 GLU A O   1 
ATOM   484  C CB  . GLU A 1 60  ? -2.521  5.320   14.407  1.00 36.96  ? 408 GLU A CB  1 
ATOM   485  C CG  . GLU A 1 60  ? -3.784  5.558   13.583  1.00 47.91  ? 408 GLU A CG  1 
ATOM   486  C CD  . GLU A 1 60  ? -4.923  4.557   13.673  1.00 75.53  ? 408 GLU A CD  1 
ATOM   487  O OE1 . GLU A 1 60  ? -4.814  3.567   14.434  1.00 80.20  ? 408 GLU A OE1 1 
ATOM   488  O OE2 . GLU A 1 60  ? -5.939  4.770   12.972  1.00 66.64  ? 408 GLU A OE2 1 
ATOM   489  N N   . ALA A 1 61  ? 0.739   5.700   15.039  1.00 36.17  ? 409 ALA A N   1 
ATOM   490  C CA  . ALA A 1 61  ? 1.840   5.628   15.999  1.00 35.40  ? 409 ALA A CA  1 
ATOM   491  C C   . ALA A 1 61  ? 2.964   6.623   15.711  1.00 39.36  ? 409 ALA A C   1 
ATOM   492  O O   . ALA A 1 61  ? 4.032   6.516   16.325  1.00 39.43  ? 409 ALA A O   1 
ATOM   493  C CB  . ALA A 1 61  ? 2.394   4.209   16.052  1.00 35.55  ? 409 ALA A CB  1 
ATOM   494  N N   . ARG A 1 62  ? 2.742   7.571   14.768  1.00 36.12  ? 410 ARG A N   1 
ATOM   495  C CA  . ARG A 1 62  ? 3.706   8.621   14.387  1.00 35.83  ? 410 ARG A CA  1 
ATOM   496  C C   . ARG A 1 62  ? 5.062   8.055   13.968  1.00 38.75  ? 410 ARG A C   1 
ATOM   497  O O   . ARG A 1 62  ? 6.121   8.572   14.359  1.00 39.51  ? 410 ARG A O   1 
ATOM   498  C CB  . ARG A 1 62  ? 3.850   9.695   15.497  1.00 38.95  ? 410 ARG A CB  1 
ATOM   499  C CG  . ARG A 1 62  ? 2.522   10.297  15.947  1.00 47.45  ? 410 ARG A CG  1 
ATOM   500  C CD  . ARG A 1 62  ? 2.725   11.249  17.113  1.00 56.46  ? 410 ARG A CD  1 
ATOM   501  N NE  . ARG A 1 62  ? 3.405   12.484  16.709  1.00 56.43  ? 410 ARG A NE  1 
ATOM   502  C CZ  . ARG A 1 62  ? 3.700   13.481  17.533  1.00 64.29  ? 410 ARG A CZ  1 
ATOM   503  N NH1 . ARG A 1 62  ? 3.388   13.403  18.821  1.00 46.82  ? 410 ARG A NH1 1 
ATOM   504  N NH2 . ARG A 1 62  ? 4.311   14.565  17.077  1.00 56.86  ? 410 ARG A NH2 1 
ATOM   505  N N   . GLU A 1 63  ? 5.035   6.967   13.178  1.00 31.06  ? 411 GLU A N   1 
ATOM   506  C CA  . GLU A 1 63  ? 6.256   6.314   12.711  1.00 30.69  ? 411 GLU A CA  1 
ATOM   507  C C   . GLU A 1 63  ? 6.806   6.907   11.416  1.00 34.23  ? 411 GLU A C   1 
ATOM   508  O O   . GLU A 1 63  ? 7.864   6.466   10.958  1.00 35.76  ? 411 GLU A O   1 
ATOM   509  C CB  . GLU A 1 63  ? 6.064   4.795   12.585  1.00 31.41  ? 411 GLU A CB  1 
ATOM   510  C CG  . GLU A 1 63  ? 6.072   4.072   13.919  1.00 43.54  ? 411 GLU A CG  1 
ATOM   511  C CD  . GLU A 1 63  ? 5.864   2.577   13.836  1.00 57.17  ? 411 GLU A CD  1 
ATOM   512  O OE1 . GLU A 1 63  ? 6.703   1.877   13.220  1.00 50.60  ? 411 GLU A OE1 1 
ATOM   513  O OE2 . GLU A 1 63  ? 4.856   2.104   14.404  1.00 53.58  ? 411 GLU A OE2 1 
ATOM   514  N N   . TYR A 1 64  ? 6.090   7.887   10.809  1.00 30.18  ? 412 TYR A N   1 
ATOM   515  C CA  . TYR A 1 64  ? 6.569   8.558   9.587   1.00 27.39  ? 412 TYR A CA  1 
ATOM   516  C C   . TYR A 1 64  ? 6.940   9.995   9.935   1.00 29.19  ? 412 TYR A C   1 
ATOM   517  O O   . TYR A 1 64  ? 6.101   10.714  10.446  1.00 29.00  ? 412 TYR A O   1 
ATOM   518  C CB  . TYR A 1 64  ? 5.488   8.567   8.473   1.00 26.83  ? 412 TYR A CB  1 
ATOM   519  C CG  . TYR A 1 64  ? 5.032   7.186   8.043   1.00 24.88  ? 412 TYR A CG  1 
ATOM   520  C CD1 . TYR A 1 64  ? 5.929   6.266   7.517   1.00 27.37  ? 412 TYR A CD1 1 
ATOM   521  C CD2 . TYR A 1 64  ? 3.688   6.818   8.118   1.00 24.35  ? 412 TYR A CD2 1 
ATOM   522  C CE1 . TYR A 1 64  ? 5.510   4.996   7.111   1.00 26.69  ? 412 TYR A CE1 1 
ATOM   523  C CE2 . TYR A 1 64  ? 3.260   5.549   7.715   1.00 23.94  ? 412 TYR A CE2 1 
ATOM   524  C CZ  . TYR A 1 64  ? 4.170   4.658   7.188   1.00 26.97  ? 412 TYR A CZ  1 
ATOM   525  O OH  . TYR A 1 64  ? 3.736   3.410   6.809   1.00 28.44  ? 412 TYR A OH  1 
ATOM   526  N N   . ARG A 1 65  ? 8.174   10.417  9.640   1.00 28.54  ? 413 ARG A N   1 
ATOM   527  C CA  . ARG A 1 65  ? 8.606   11.805  9.913   1.00 27.50  ? 413 ARG A CA  1 
ATOM   528  C C   . ARG A 1 65  ? 7.947   12.788  8.945   1.00 33.23  ? 413 ARG A C   1 
ATOM   529  O O   . ARG A 1 65  ? 7.728   13.944  9.285   1.00 32.77  ? 413 ARG A O   1 
ATOM   530  C CB  . ARG A 1 65  ? 10.132  11.947  9.784   1.00 29.48  ? 413 ARG A CB  1 
ATOM   531  C CG  . ARG A 1 65  ? 10.935  11.216  10.859  1.00 37.07  ? 413 ARG A CG  1 
ATOM   532  C CD  . ARG A 1 65  ? 12.326  10.882  10.355  1.00 49.52  ? 413 ARG A CD  1 
ATOM   533  N NE  . ARG A 1 65  ? 13.268  11.994  10.439  1.00 65.30  ? 413 ARG A NE  1 
ATOM   534  C CZ  . ARG A 1 65  ? 14.312  12.150  9.629   1.00 79.65  ? 413 ARG A CZ  1 
ATOM   535  N NH1 . ARG A 1 65  ? 14.519  11.301  8.629   1.00 65.75  ? 413 ARG A NH1 1 
ATOM   536  N NH2 . ARG A 1 65  ? 15.139  13.172  9.793   1.00 73.97  ? 413 ARG A NH2 1 
ATOM   537  N N   . ASP A 1 66  ? 7.674   12.335  7.703   1.00 29.13  ? 414 ASP A N   1 
ATOM   538  C CA  . ASP A 1 66  ? 7.144   13.208  6.668   1.00 27.40  ? 414 ASP A CA  1 
ATOM   539  C C   . ASP A 1 66  ? 6.378   12.371  5.626   1.00 29.40  ? 414 ASP A C   1 
ATOM   540  O O   . ASP A 1 66  ? 6.380   11.134  5.715   1.00 27.69  ? 414 ASP A O   1 
ATOM   541  C CB  . ASP A 1 66  ? 8.332   13.974  6.011   1.00 29.04  ? 414 ASP A CB  1 
ATOM   542  C CG  . ASP A 1 66  ? 9.505   13.114  5.549   1.00 42.30  ? 414 ASP A CG  1 
ATOM   543  O OD1 . ASP A 1 66  ? 9.272   11.970  5.109   1.00 41.88  ? 414 ASP A OD1 1 
ATOM   544  O OD2 . ASP A 1 66  ? 10.661  13.588  5.625   1.00 47.15  ? 414 ASP A OD2 1 
ATOM   545  N N   . ALA A 1 67  ? 5.740   13.058  4.643   1.00 27.39  ? 415 ALA A N   1 
ATOM   546  C CA  . ALA A 1 67  ? 5.003   12.425  3.538   1.00 27.07  ? 415 ALA A CA  1 
ATOM   547  C C   . ALA A 1 67  ? 5.892   11.520  2.718   1.00 27.53  ? 415 ALA A C   1 
ATOM   548  O O   . ALA A 1 67  ? 5.402   10.480  2.241   1.00 25.84  ? 415 ALA A O   1 
ATOM   549  C CB  . ALA A 1 67  ? 4.377   13.489  2.650   1.00 28.18  ? 415 ALA A CB  1 
ATOM   550  N N   . GLN A 1 68  ? 7.191   11.859  2.545   1.00 25.91  ? 416 GLN A N   1 
ATOM   551  C CA  . GLN A 1 68  ? 8.070   10.979  1.778   1.00 27.10  ? 416 GLN A CA  1 
ATOM   552  C C   . GLN A 1 68  ? 8.216   9.597   2.420   1.00 29.56  ? 416 GLN A C   1 
ATOM   553  O O   . GLN A 1 68  ? 8.243   8.607   1.698   1.00 28.72  ? 416 GLN A O   1 
ATOM   554  C CB  . GLN A 1 68  ? 9.437   11.591  1.438   1.00 29.46  ? 416 GLN A CB  1 
ATOM   555  C CG  . GLN A 1 68  ? 9.366   12.673  0.329   1.00 52.82  ? 416 GLN A CG  1 
ATOM   556  C CD  . GLN A 1 68  ? 8.683   12.243  -0.969  1.00 70.14  ? 416 GLN A CD  1 
ATOM   557  O OE1 . GLN A 1 68  ? 9.022   11.229  -1.598  1.00 62.77  ? 416 GLN A OE1 1 
ATOM   558  N NE2 . GLN A 1 68  ? 7.712   13.020  -1.408  1.00 61.86  ? 416 GLN A NE2 1 
ATOM   559  N N   . GLU A 1 69  ? 8.259   9.516   3.758   1.00 26.58  ? 417 GLU A N   1 
ATOM   560  C CA  . GLU A 1 69  ? 8.371   8.202   4.419   1.00 26.07  ? 417 GLU A CA  1 
ATOM   561  C C   . GLU A 1 69  ? 7.060   7.376   4.287   1.00 28.51  ? 417 GLU A C   1 
ATOM   562  O O   . GLU A 1 69  ? 7.121   6.157   4.077   1.00 27.27  ? 417 GLU A O   1 
ATOM   563  C CB  . GLU A 1 69  ? 8.790   8.349   5.887   1.00 27.97  ? 417 GLU A CB  1 
ATOM   564  C CG  . GLU A 1 69  ? 10.232  8.826   6.005   1.00 32.43  ? 417 GLU A CG  1 
ATOM   565  C CD  . GLU A 1 69  ? 10.754  8.932   7.426   1.00 51.58  ? 417 GLU A CD  1 
ATOM   566  O OE1 . GLU A 1 69  ? 9.959   8.718   8.367   1.00 33.77  ? 417 GLU A OE1 1 
ATOM   567  O OE2 . GLU A 1 69  ? 11.958  9.224   7.598   1.00 45.73  ? 417 GLU A OE2 1 
ATOM   568  N N   . PHE A 1 70  ? 5.907   8.034   4.385   1.00 23.35  ? 418 PHE A N   1 
ATOM   569  C CA  . PHE A 1 70  ? 4.579   7.402   4.173   1.00 22.74  ? 418 PHE A CA  1 
ATOM   570  C C   . PHE A 1 70  ? 4.541   6.892   2.719   1.00 24.57  ? 418 PHE A C   1 
ATOM   571  O O   . PHE A 1 70  ? 4.155   5.747   2.487   1.00 23.09  ? 418 PHE A O   1 
ATOM   572  C CB  . PHE A 1 70  ? 3.425   8.394   4.394   1.00 23.44  ? 418 PHE A CB  1 
ATOM   573  C CG  . PHE A 1 70  ? 2.089   8.026   3.767   1.00 23.69  ? 418 PHE A CG  1 
ATOM   574  C CD1 . PHE A 1 70  ? 1.202   7.169   4.419   1.00 24.22  ? 418 PHE A CD1 1 
ATOM   575  C CD2 . PHE A 1 70  ? 1.707   8.552   2.532   1.00 24.13  ? 418 PHE A CD2 1 
ATOM   576  C CE1 . PHE A 1 70  ? -0.052  6.864   3.858   1.00 26.02  ? 418 PHE A CE1 1 
ATOM   577  C CE2 . PHE A 1 70  ? 0.453   8.252   1.978   1.00 25.65  ? 418 PHE A CE2 1 
ATOM   578  C CZ  . PHE A 1 70  ? -0.422  7.402   2.634   1.00 25.10  ? 418 PHE A CZ  1 
ATOM   579  N N   . GLY A 1 71  ? 4.955   7.739   1.767   1.00 23.65  ? 419 GLY A N   1 
ATOM   580  C CA  . GLY A 1 71  ? 4.959   7.358   0.351   1.00 23.62  ? 419 GLY A CA  1 
ATOM   581  C C   . GLY A 1 71  ? 5.844   6.162   0.070   1.00 25.48  ? 419 GLY A C   1 
ATOM   582  O O   . GLY A 1 71  ? 5.500   5.301   -0.756  1.00 21.17  ? 419 GLY A O   1 
ATOM   583  N N   . ALA A 1 72  ? 7.014   6.092   0.758   1.00 22.53  ? 420 ALA A N   1 
ATOM   584  C CA  . ALA A 1 72  ? 7.935   4.971   0.595   1.00 23.52  ? 420 ALA A CA  1 
ATOM   585  C C   . ALA A 1 72  ? 7.270   3.636   0.989   1.00 24.44  ? 420 ALA A C   1 
ATOM   586  O O   . ALA A 1 72  ? 7.475   2.645   0.304   1.00 23.70  ? 420 ALA A O   1 
ATOM   587  C CB  . ALA A 1 72  ? 9.208   5.193   1.422   1.00 24.88  ? 420 ALA A CB  1 
ATOM   588  N N   . ASP A 1 73  ? 6.459   3.630   2.043   1.00 22.30  ? 421 ASP A N   1 
ATOM   589  C CA  . ASP A 1 73  ? 5.788   2.399   2.473   1.00 22.25  ? 421 ASP A CA  1 
ATOM   590  C C   . ASP A 1 73  ? 4.656   2.025   1.515   1.00 21.77  ? 421 ASP A C   1 
ATOM   591  O O   . ASP A 1 73  ? 4.466   0.850   1.232   1.00 21.27  ? 421 ASP A O   1 
ATOM   592  C CB  . ASP A 1 73  ? 5.267   2.516   3.889   1.00 23.20  ? 421 ASP A CB  1 
ATOM   593  C CG  . ASP A 1 73  ? 6.205   1.944   4.962   1.00 29.67  ? 421 ASP A CG  1 
ATOM   594  O OD1 . ASP A 1 73  ? 7.287   1.424   4.605   1.00 30.66  ? 421 ASP A OD1 1 
ATOM   595  O OD2 . ASP A 1 73  ? 5.841   1.987   6.134   1.00 32.26  ? 421 ASP A OD2 1 
ATOM   596  N N   . VAL A 1 74  ? 3.933   3.036   0.977   1.00 20.10  ? 422 VAL A N   1 
ATOM   597  C CA  . VAL A 1 74  ? 2.883   2.710   -0.020  1.00 18.28  ? 422 VAL A CA  1 
ATOM   598  C C   . VAL A 1 74  ? 3.543   2.102   -1.237  1.00 20.06  ? 422 VAL A C   1 
ATOM   599  O O   . VAL A 1 74  ? 3.074   1.074   -1.736  1.00 20.28  ? 422 VAL A O   1 
ATOM   600  C CB  . VAL A 1 74  ? 2.032   3.958   -0.397  1.00 20.04  ? 422 VAL A CB  1 
ATOM   601  C CG1 . VAL A 1 74  ? 1.022   3.604   -1.517  1.00 19.33  ? 422 VAL A CG1 1 
ATOM   602  C CG2 . VAL A 1 74  ? 1.291   4.489   0.832   1.00 20.65  ? 422 VAL A CG2 1 
ATOM   603  N N   . ARG A 1 75  ? 4.638   2.710   -1.708  1.00 19.19  ? 423 ARG A N   1 
ATOM   604  C CA  . ARG A 1 75  ? 5.327   2.194   -2.886  1.00 20.75  ? 423 ARG A CA  1 
ATOM   605  C C   . ARG A 1 75  ? 5.971   0.847   -2.600  1.00 22.42  ? 423 ARG A C   1 
ATOM   606  O O   . ARG A 1 75  ? 6.013   0.017   -3.508  1.00 21.58  ? 423 ARG A O   1 
ATOM   607  C CB  . ARG A 1 75  ? 6.310   3.193   -3.448  1.00 22.58  ? 423 ARG A CB  1 
ATOM   608  C CG  . ARG A 1 75  ? 5.555   4.444   -3.900  1.00 23.34  ? 423 ARG A CG  1 
ATOM   609  C CD  . ARG A 1 75  ? 6.486   5.272   -4.639  1.00 32.39  ? 423 ARG A CD  1 
ATOM   610  N NE  . ARG A 1 75  ? 5.816   6.416   -5.253  1.00 29.43  ? 423 ARG A NE  1 
ATOM   611  C CZ  . ARG A 1 75  ? 6.155   7.661   -4.982  1.00 32.96  ? 423 ARG A CZ  1 
ATOM   612  N NH1 . ARG A 1 75  ? 7.101   7.917   -4.089  1.00 27.88  ? 423 ARG A NH1 1 
ATOM   613  N NH2 . ARG A 1 75  ? 5.557   8.664   -5.608  1.00 24.76  ? 423 ARG A NH2 1 
ATOM   614  N N   . LEU A 1 76  ? 6.382   0.595   -1.346  1.00 20.87  ? 424 LEU A N   1 
ATOM   615  C CA  . LEU A 1 76  ? 6.950   -0.708  -0.964  1.00 20.31  ? 424 LEU A CA  1 
ATOM   616  C C   . LEU A 1 76  ? 5.867   -1.784  -1.127  1.00 22.55  ? 424 LEU A C   1 
ATOM   617  O O   . LEU A 1 76  ? 6.129   -2.828  -1.726  1.00 21.54  ? 424 LEU A O   1 
ATOM   618  C CB  . LEU A 1 76  ? 7.465   -0.651  0.486   1.00 20.50  ? 424 LEU A CB  1 
ATOM   619  C CG  . LEU A 1 76  ? 7.901   -1.978  1.112   1.00 24.46  ? 424 LEU A CG  1 
ATOM   620  C CD1 . LEU A 1 76  ? 9.016   -2.659  0.292   1.00 24.55  ? 424 LEU A CD1 1 
ATOM   621  C CD2 . LEU A 1 76  ? 8.285   -1.759  2.597   1.00 27.56  ? 424 LEU A CD2 1 
ATOM   622  N N   . MET A 1 77  ? 4.653   -1.494  -0.645  1.00 20.21  ? 425 MET A N   1 
ATOM   623  C CA  . MET A 1 77  ? 3.508   -2.375  -0.792  1.00 18.33  ? 425 MET A CA  1 
ATOM   624  C C   . MET A 1 77  ? 3.270   -2.758  -2.276  1.00 20.33  ? 425 MET A C   1 
ATOM   625  O O   . MET A 1 77  ? 3.165   -3.948  -2.620  1.00 20.62  ? 425 MET A O   1 
ATOM   626  C CB  . MET A 1 77  ? 2.299   -1.689  -0.183  1.00 19.76  ? 425 MET A CB  1 
ATOM   627  C CG  . MET A 1 77  ? 1.023   -2.449  -0.415  1.00 21.24  ? 425 MET A CG  1 
ATOM   628  S SD  . MET A 1 77  ? -0.360  -1.623  0.349   1.00 23.52  ? 425 MET A SD  1 
ATOM   629  C CE  . MET A 1 77  ? -0.703  -0.294  -0.886  1.00 22.67  ? 425 MET A CE  1 
ATOM   630  N N   . PHE A 1 78  ? 3.277   -1.768  -3.172  1.00 18.78  ? 426 PHE A N   1 
ATOM   631  C CA  . PHE A 1 78  ? 3.082   -2.078  -4.597  1.00 18.03  ? 426 PHE A CA  1 
ATOM   632  C C   . PHE A 1 78  ? 4.293   -2.809  -5.175  1.00 20.48  ? 426 PHE A C   1 
ATOM   633  O O   . PHE A 1 78  ? 4.119   -3.757  -5.940  1.00 20.23  ? 426 PHE A O   1 
ATOM   634  C CB  . PHE A 1 78  ? 2.823   -0.767  -5.372  1.00 18.27  ? 426 PHE A CB  1 
ATOM   635  C CG  . PHE A 1 78  ? 1.487   -0.145  -5.009  1.00 19.85  ? 426 PHE A CG  1 
ATOM   636  C CD1 . PHE A 1 78  ? 0.326   -0.913  -4.976  1.00 22.22  ? 426 PHE A CD1 1 
ATOM   637  C CD2 . PHE A 1 78  ? 1.390   1.213   -4.739  1.00 21.94  ? 426 PHE A CD2 1 
ATOM   638  C CE1 . PHE A 1 78  ? -0.901  -0.339  -4.647  1.00 23.89  ? 426 PHE A CE1 1 
ATOM   639  C CE2 . PHE A 1 78  ? 0.154   1.790   -4.414  1.00 23.87  ? 426 PHE A CE2 1 
ATOM   640  C CZ  . PHE A 1 78  ? -0.976  1.015   -4.380  1.00 23.31  ? 426 PHE A CZ  1 
ATOM   641  N N   . SER A 1 79  ? 5.530   -2.366  -4.820  1.00 18.97  ? 427 SER A N   1 
ATOM   642  C CA  . SER A 1 79  ? 6.713   -3.017  -5.357  1.00 18.93  ? 427 SER A CA  1 
ATOM   643  C C   . SER A 1 79  ? 6.782   -4.483  -4.938  1.00 21.53  ? 427 SER A C   1 
ATOM   644  O O   . SER A 1 79  ? 7.187   -5.316  -5.753  1.00 22.40  ? 427 SER A O   1 
ATOM   645  C CB  . SER A 1 79  ? 7.995   -2.307  -4.932  1.00 22.52  ? 427 SER A CB  1 
ATOM   646  O OG  . SER A 1 79  ? 8.039   -1.046  -5.584  1.00 25.56  ? 427 SER A OG  1 
ATOM   647  N N   . ASN A 1 80  ? 6.338   -4.797  -3.720  1.00 19.96  ? 428 ASN A N   1 
ATOM   648  C CA  . ASN A 1 80  ? 6.328   -6.220  -3.269  1.00 19.85  ? 428 ASN A CA  1 
ATOM   649  C C   . ASN A 1 80  ? 5.414   -7.056  -4.148  1.00 23.27  ? 428 ASN A C   1 
ATOM   650  O O   . ASN A 1 80  ? 5.770   -8.178  -4.550  1.00 22.10  ? 428 ASN A O   1 
ATOM   651  C CB  . ASN A 1 80  ? 5.875   -6.326  -1.813  1.00 19.40  ? 428 ASN A CB  1 
ATOM   652  C CG  . ASN A 1 80  ? 6.911   -5.855  -0.842  1.00 21.32  ? 428 ASN A CG  1 
ATOM   653  O OD1 . ASN A 1 80  ? 8.091   -5.768  -1.163  1.00 23.24  ? 428 ASN A OD1 1 
ATOM   654  N ND2 . ASN A 1 80  ? 6.482   -5.574  0.373   1.00 21.75  ? 428 ASN A ND2 1 
ATOM   655  N N   . CYS A 1 81  ? 4.265   -6.465  -4.512  1.00 19.85  ? 429 CYS A N   1 
ATOM   656  C CA  . CYS A 1 81  ? 3.314   -7.121  -5.390  1.00 20.56  ? 429 CYS A CA  1 
ATOM   657  C C   . CYS A 1 81  ? 3.932   -7.369  -6.793  1.00 24.10  ? 429 CYS A C   1 
ATOM   658  O O   . CYS A 1 81  ? 3.818   -8.473  -7.342  1.00 23.98  ? 429 CYS A O   1 
ATOM   659  C CB  . CYS A 1 81  ? 2.045   -6.293  -5.477  1.00 20.48  ? 429 CYS A CB  1 
ATOM   660  S SG  . CYS A 1 81  ? 0.749   -7.100  -6.436  1.00 24.61  ? 429 CYS A SG  1 
ATOM   661  N N   . TYR A 1 82  ? 4.580   -6.340  -7.370  1.00 21.14  ? 430 TYR A N   1 
ATOM   662  C CA  . TYR A 1 82  ? 5.200   -6.466  -8.690  1.00 21.13  ? 430 TYR A CA  1 
ATOM   663  C C   . TYR A 1 82  ? 6.401   -7.420  -8.681  1.00 24.49  ? 430 TYR A C   1 
ATOM   664  O O   . TYR A 1 82  ? 6.636   -8.076  -9.691  1.00 24.85  ? 430 TYR A O   1 
ATOM   665  C CB  . TYR A 1 82  ? 5.644   -5.091  -9.239  1.00 20.79  ? 430 TYR A CB  1 
ATOM   666  C CG  . TYR A 1 82  ? 4.569   -4.024  -9.296  1.00 19.65  ? 430 TYR A CG  1 
ATOM   667  C CD1 . TYR A 1 82  ? 3.261   -4.337  -9.664  1.00 20.87  ? 430 TYR A CD1 1 
ATOM   668  C CD2 . TYR A 1 82  ? 4.860   -2.698  -8.978  1.00 20.93  ? 430 TYR A CD2 1 
ATOM   669  C CE1 . TYR A 1 82  ? 2.260   -3.355  -9.708  1.00 21.05  ? 430 TYR A CE1 1 
ATOM   670  C CE2 . TYR A 1 82  ? 3.872   -1.711  -9.017  1.00 21.90  ? 430 TYR A CE2 1 
ATOM   671  C CZ  . TYR A 1 82  ? 2.567   -2.053  -9.352  1.00 24.51  ? 430 TYR A CZ  1 
ATOM   672  O OH  . TYR A 1 82  ? 1.568   -1.092  -9.389  1.00 23.17  ? 430 TYR A OH  1 
ATOM   673  N N   . LYS A 1 83  ? 7.130   -7.501  -7.575  1.00 21.22  ? 431 LYS A N   1 
ATOM   674  C CA  . LYS A 1 83  ? 8.293   -8.386  -7.467  1.00 22.16  ? 431 LYS A CA  1 
ATOM   675  C C   . LYS A 1 83  ? 7.867   -9.837  -7.353  1.00 26.86  ? 431 LYS A C   1 
ATOM   676  O O   . LYS A 1 83  ? 8.453   -10.704 -8.005  1.00 27.18  ? 431 LYS A O   1 
ATOM   677  C CB  . LYS A 1 83  ? 9.138   -8.017  -6.263  1.00 22.79  ? 431 LYS A CB  1 
ATOM   678  C CG  . LYS A 1 83  ? 10.433  -8.847  -6.182  1.00 24.74  ? 431 LYS A CG  1 
ATOM   679  C CD  . LYS A 1 83  ? 11.192  -8.522  -4.932  1.00 30.14  ? 431 LYS A CD  1 
ATOM   680  C CE  . LYS A 1 83  ? 12.513  -9.253  -4.927  1.00 43.52  ? 431 LYS A CE  1 
ATOM   681  N NZ  . LYS A 1 83  ? 13.298  -8.942  -3.708  1.00 56.65  ? 431 LYS A NZ  1 
ATOM   682  N N   . TYR A 1 84  ? 6.861   -10.106 -6.522  1.00 23.50  ? 432 TYR A N   1 
ATOM   683  C CA  . TYR A 1 84  ? 6.476   -11.493 -6.246  1.00 22.76  ? 432 TYR A CA  1 
ATOM   684  C C   . TYR A 1 84  ? 5.663   -12.166 -7.343  1.00 28.52  ? 432 TYR A C   1 
ATOM   685  O O   . TYR A 1 84  ? 5.900   -13.343 -7.635  1.00 27.81  ? 432 TYR A O   1 
ATOM   686  C CB  . TYR A 1 84  ? 5.732   -11.562 -4.893  1.00 23.59  ? 432 TYR A CB  1 
ATOM   687  C CG  . TYR A 1 84  ? 5.288   -12.969 -4.561  1.00 24.49  ? 432 TYR A CG  1 
ATOM   688  C CD1 . TYR A 1 84  ? 6.211   -13.939 -4.174  1.00 27.15  ? 432 TYR A CD1 1 
ATOM   689  C CD2 . TYR A 1 84  ? 3.953   -13.341 -4.670  1.00 25.44  ? 432 TYR A CD2 1 
ATOM   690  C CE1 . TYR A 1 84  ? 5.812   -15.249 -3.916  1.00 26.27  ? 432 TYR A CE1 1 
ATOM   691  C CE2 . TYR A 1 84  ? 3.543   -14.646 -4.405  1.00 27.62  ? 432 TYR A CE2 1 
ATOM   692  C CZ  . TYR A 1 84  ? 4.480   -15.595 -4.031  1.00 31.53  ? 432 TYR A CZ  1 
ATOM   693  O OH  . TYR A 1 84  ? 4.091   -16.890 -3.770  1.00 29.15  ? 432 TYR A OH  1 
ATOM   694  N N   . ASN A 1 85  ? 4.692   -11.465 -7.921  1.00 27.19  ? 433 ASN A N   1 
ATOM   695  C CA  . ASN A 1 85  ? 3.759   -12.036 -8.875  1.00 27.51  ? 433 ASN A CA  1 
ATOM   696  C C   . ASN A 1 85  ? 4.199   -12.018 -10.330 1.00 33.63  ? 433 ASN A C   1 
ATOM   697  O O   . ASN A 1 85  ? 4.952   -11.130 -10.710 1.00 31.66  ? 433 ASN A O   1 
ATOM   698  C CB  . ASN A 1 85  ? 2.418   -11.333 -8.719  1.00 26.60  ? 433 ASN A CB  1 
ATOM   699  C CG  . ASN A 1 85  ? 1.855   -11.582 -7.368  1.00 34.77  ? 433 ASN A CG  1 
ATOM   700  O OD1 . ASN A 1 85  ? 1.470   -12.700 -7.053  1.00 28.28  ? 433 ASN A OD1 1 
ATOM   701  N ND2 . ASN A 1 85  ? 1.901   -10.577 -6.498  1.00 22.82  ? 433 ASN A ND2 1 
ATOM   702  N N   . PRO A 1 86  ? 3.682   -12.938 -11.183 1.00 34.64  ? 434 PRO A N   1 
ATOM   703  C CA  . PRO A 1 86  ? 3.982   -12.844 -12.623 1.00 35.36  ? 434 PRO A CA  1 
ATOM   704  C C   . PRO A 1 86  ? 3.358   -11.559 -13.200 1.00 39.16  ? 434 PRO A C   1 
ATOM   705  O O   . PRO A 1 86  ? 2.295   -11.140 -12.729 1.00 36.40  ? 434 PRO A O   1 
ATOM   706  C CB  . PRO A 1 86  ? 3.306   -14.091 -13.222 1.00 37.24  ? 434 PRO A CB  1 
ATOM   707  C CG  . PRO A 1 86  ? 2.963   -14.965 -12.071 1.00 41.78  ? 434 PRO A CG  1 
ATOM   708  C CD  . PRO A 1 86  ? 2.748   -14.050 -10.903 1.00 37.07  ? 434 PRO A CD  1 
ATOM   709  N N   . PRO A 1 87  ? 3.982   -10.916 -14.212 1.00 38.06  ? 435 PRO A N   1 
ATOM   710  C CA  . PRO A 1 87  ? 3.421   -9.665  -14.754 1.00 37.24  ? 435 PRO A CA  1 
ATOM   711  C C   . PRO A 1 87  ? 1.984   -9.720  -15.296 1.00 39.07  ? 435 PRO A C   1 
ATOM   712  O O   . PRO A 1 87  ? 1.336   -8.677  -15.360 1.00 36.98  ? 435 PRO A O   1 
ATOM   713  C CB  . PRO A 1 87  ? 4.419   -9.276  -15.853 1.00 39.90  ? 435 PRO A CB  1 
ATOM   714  C CG  . PRO A 1 87  ? 5.141   -10.531 -16.189 1.00 44.73  ? 435 PRO A CG  1 
ATOM   715  C CD  . PRO A 1 87  ? 5.252   -11.260 -14.884 1.00 40.38  ? 435 PRO A CD  1 
ATOM   716  N N   . ASP A 1 88  ? 1.462   -10.917 -15.621 1.00 36.12  ? 436 ASP A N   1 
ATOM   717  C CA  . ASP A 1 88  ? 0.095   -11.084 -16.147 1.00 36.20  ? 436 ASP A CA  1 
ATOM   718  C C   . ASP A 1 88  ? -0.926  -11.451 -15.072 1.00 38.06  ? 436 ASP A C   1 
ATOM   719  O O   . ASP A 1 88  ? -2.104  -11.630 -15.382 1.00 37.76  ? 436 ASP A O   1 
ATOM   720  C CB  . ASP A 1 88  ? 0.090   -12.137 -17.284 1.00 38.72  ? 436 ASP A CB  1 
ATOM   721  C CG  . ASP A 1 88  ? 0.573   -13.521 -16.880 1.00 58.12  ? 436 ASP A CG  1 
ATOM   722  O OD1 . ASP A 1 88  ? 1.681   -13.620 -16.289 1.00 59.32  ? 436 ASP A OD1 1 
ATOM   723  O OD2 . ASP A 1 88  ? -0.120  -14.511 -17.211 1.00 69.27  ? 436 ASP A OD2 1 
ATOM   724  N N   . HIS A 1 89  ? -0.479  -11.537 -13.802 1.00 33.62  ? 437 HIS A N   1 
ATOM   725  C CA  . HIS A 1 89  ? -1.341  -11.912 -12.687 1.00 32.46  ? 437 HIS A CA  1 
ATOM   726  C C   . HIS A 1 89  ? -2.427  -10.857 -12.446 1.00 33.54  ? 437 HIS A C   1 
ATOM   727  O O   . HIS A 1 89  ? -2.164  -9.661  -12.573 1.00 31.95  ? 437 HIS A O   1 
ATOM   728  C CB  . HIS A 1 89  ? -0.495  -12.144 -11.421 1.00 33.41  ? 437 HIS A CB  1 
ATOM   729  C CG  . HIS A 1 89  ? -1.158  -12.980 -10.376 1.00 36.74  ? 437 HIS A CG  1 
ATOM   730  N ND1 . HIS A 1 89  ? -2.298  -12.546 -9.718  1.00 38.80  ? 437 HIS A ND1 1 
ATOM   731  C CD2 . HIS A 1 89  ? -0.793  -14.183 -9.877  1.00 39.00  ? 437 HIS A CD2 1 
ATOM   732  C CE1 . HIS A 1 89  ? -2.595  -13.503 -8.852  1.00 38.92  ? 437 HIS A CE1 1 
ATOM   733  N NE2 . HIS A 1 89  ? -1.713  -14.506 -8.907  1.00 39.10  ? 437 HIS A NE2 1 
ATOM   734  N N   . GLU A 1 90  ? -3.662  -11.316 -12.158 1.00 30.90  ? 438 GLU A N   1 
ATOM   735  C CA  . GLU A 1 90  ? -4.828  -10.490 -11.837 1.00 30.10  ? 438 GLU A CA  1 
ATOM   736  C C   . GLU A 1 90  ? -4.476  -9.433  -10.769 1.00 30.35  ? 438 GLU A C   1 
ATOM   737  O O   . GLU A 1 90  ? -4.924  -8.298  -10.876 1.00 30.91  ? 438 GLU A O   1 
ATOM   738  C CB  . GLU A 1 90  ? -5.946  -11.393 -11.285 1.00 32.97  ? 438 GLU A CB  1 
ATOM   739  C CG  . GLU A 1 90  ? -7.275  -10.716 -11.018 1.00 46.96  ? 438 GLU A CG  1 
ATOM   740  C CD  . GLU A 1 90  ? -8.408  -11.618 -10.558 1.00 73.41  ? 438 GLU A CD  1 
ATOM   741  O OE1 . GLU A 1 90  ? -8.293  -12.858 -10.703 1.00 67.96  ? 438 GLU A OE1 1 
ATOM   742  O OE2 . GLU A 1 90  ? -9.427  -11.074 -10.074 1.00 67.45  ? 438 GLU A OE2 1 
ATOM   743  N N   . VAL A 1 91  ? -3.696  -9.826  -9.740  1.00 25.90  ? 439 VAL A N   1 
ATOM   744  C CA  . VAL A 1 91  ? -3.383  -8.941  -8.602  1.00 23.88  ? 439 VAL A CA  1 
ATOM   745  C C   . VAL A 1 91  ? -2.455  -7.797  -9.025  1.00 26.08  ? 439 VAL A C   1 
ATOM   746  O O   . VAL A 1 91  ? -2.538  -6.714  -8.443  1.00 24.82  ? 439 VAL A O   1 
ATOM   747  C CB  . VAL A 1 91  ? -2.897  -9.689  -7.315  1.00 26.72  ? 439 VAL A CB  1 
ATOM   748  C CG1 . VAL A 1 91  ? -1.431  -10.105 -7.409  1.00 26.15  ? 439 VAL A CG1 1 
ATOM   749  C CG2 . VAL A 1 91  ? -3.142  -8.836  -6.065  1.00 26.30  ? 439 VAL A CG2 1 
ATOM   750  N N   . VAL A 1 92  ? -1.612  -8.014  -10.054 1.00 24.14  ? 440 VAL A N   1 
ATOM   751  C CA  . VAL A 1 92  ? -0.719  -6.966  -10.577 1.00 23.09  ? 440 VAL A CA  1 
ATOM   752  C C   . VAL A 1 92  ? -1.550  -5.873  -11.241 1.00 24.89  ? 440 VAL A C   1 
ATOM   753  O O   . VAL A 1 92  ? -1.302  -4.680  -11.022 1.00 23.93  ? 440 VAL A O   1 
ATOM   754  C CB  . VAL A 1 92  ? 0.363   -7.559  -11.503 1.00 26.49  ? 440 VAL A CB  1 
ATOM   755  C CG1 . VAL A 1 92  ? 1.090   -6.463  -12.310 1.00 26.71  ? 440 VAL A CG1 1 
ATOM   756  C CG2 . VAL A 1 92  ? 1.348   -8.383  -10.690 1.00 26.22  ? 440 VAL A CG2 1 
ATOM   757  N N   . ALA A 1 93  ? -2.592  -6.261  -12.006 1.00 24.06  ? 441 ALA A N   1 
ATOM   758  C CA  . ALA A 1 93  ? -3.491  -5.266  -12.606 1.00 23.63  ? 441 ALA A CA  1 
ATOM   759  C C   . ALA A 1 93  ? -4.232  -4.468  -11.541 1.00 26.01  ? 441 ALA A C   1 
ATOM   760  O O   . ALA A 1 93  ? -4.404  -3.255  -11.704 1.00 24.91  ? 441 ALA A O   1 
ATOM   761  C CB  . ALA A 1 93  ? -4.497  -5.934  -13.538 1.00 25.16  ? 441 ALA A CB  1 
ATOM   762  N N   . MET A 1 94  ? -4.669  -5.147  -10.451 1.00 21.53  ? 442 MET A N   1 
ATOM   763  C CA  . MET A 1 94  ? -5.352  -4.479  -9.332  1.00 21.33  ? 442 MET A CA  1 
ATOM   764  C C   . MET A 1 94  ? -4.385  -3.495  -8.651  1.00 22.76  ? 442 MET A C   1 
ATOM   765  O O   . MET A 1 94  ? -4.793  -2.374  -8.345  1.00 23.02  ? 442 MET A O   1 
ATOM   766  C CB  . MET A 1 94  ? -5.881  -5.507  -8.333  1.00 24.26  ? 442 MET A CB  1 
ATOM   767  C CG  . MET A 1 94  ? -6.974  -6.353  -8.951  1.00 27.95  ? 442 MET A CG  1 
ATOM   768  S SD  . MET A 1 94  ? -7.326  -7.833  -7.995  1.00 33.57  ? 442 MET A SD  1 
ATOM   769  C CE  . MET A 1 94  ? -8.442  -7.239  -6.966  1.00 29.89  ? 442 MET A CE  1 
ATOM   770  N N   . ALA A 1 95  ? -3.127  -3.899  -8.439  1.00 20.27  ? 443 ALA A N   1 
ATOM   771  C CA  . ALA A 1 95  ? -2.098  -3.028  -7.834  1.00 20.26  ? 443 ALA A CA  1 
ATOM   772  C C   . ALA A 1 95  ? -1.926  -1.785  -8.700  1.00 23.30  ? 443 ALA A C   1 
ATOM   773  O O   . ALA A 1 95  ? -1.888  -0.681  -8.171  1.00 22.02  ? 443 ALA A O   1 
ATOM   774  C CB  . ALA A 1 95  ? -0.769  -3.776  -7.706  1.00 21.94  ? 443 ALA A CB  1 
ATOM   775  N N   . ARG A 1 96  ? -1.883  -1.937  -10.030 1.00 22.26  ? 444 ARG A N   1 
ATOM   776  C CA  . ARG A 1 96  ? -1.737  -0.760  -10.904 1.00 21.87  ? 444 ARG A CA  1 
ATOM   777  C C   . ARG A 1 96  ? -2.913  0.182   -10.827 1.00 23.95  ? 444 ARG A C   1 
ATOM   778  O O   . ARG A 1 96  ? -2.705  1.393   -10.826 1.00 23.73  ? 444 ARG A O   1 
ATOM   779  C CB  . ARG A 1 96  ? -1.534  -1.180  -12.372 1.00 20.27  ? 444 ARG A CB  1 
ATOM   780  C CG  . ARG A 1 96  ? -0.206  -1.867  -12.581 1.00 24.06  ? 444 ARG A CG  1 
ATOM   781  C CD  . ARG A 1 96  ? -0.136  -2.203  -14.052 1.00 29.82  ? 444 ARG A CD  1 
ATOM   782  N NE  . ARG A 1 96  ? 1.132   -2.830  -14.390 1.00 48.97  ? 444 ARG A NE  1 
ATOM   783  C CZ  . ARG A 1 96  ? 1.230   -3.948  -15.098 1.00 60.94  ? 444 ARG A CZ  1 
ATOM   784  N NH1 . ARG A 1 96  ? 0.135   -4.575  -15.518 1.00 48.11  ? 444 ARG A NH1 1 
ATOM   785  N NH2 . ARG A 1 96  ? 2.416   -4.456  -15.376 1.00 44.78  ? 444 ARG A NH2 1 
ATOM   786  N N   . LYS A 1 97  ? -4.136  -0.347  -10.675 1.00 21.40  ? 445 LYS A N   1 
ATOM   787  C CA  . LYS A 1 97  ? -5.316  0.512   -10.555 1.00 20.56  ? 445 LYS A CA  1 
ATOM   788  C C   . LYS A 1 97  ? -5.250  1.308   -9.246  1.00 23.80  ? 445 LYS A C   1 
ATOM   789  O O   . LYS A 1 97  ? -5.558  2.498   -9.225  1.00 24.20  ? 445 LYS A O   1 
ATOM   790  C CB  . LYS A 1 97  ? -6.612  -0.318  -10.605 1.00 23.09  ? 445 LYS A CB  1 
ATOM   791  C CG  . LYS A 1 97  ? -6.988  -0.710  -12.039 1.00 26.19  ? 445 LYS A CG  1 
ATOM   792  C CD  . LYS A 1 97  ? -8.238  -1.598  -12.026 1.00 25.95  ? 445 LYS A CD  1 
ATOM   793  C CE  . LYS A 1 97  ? -8.484  -2.220  -13.367 1.00 46.91  ? 445 LYS A CE  1 
ATOM   794  N NZ  . LYS A 1 97  ? -9.659  -3.124  -13.320 1.00 62.21  ? 445 LYS A NZ  1 
ATOM   795  N N   . LEU A 1 98  ? -4.839  0.647   -8.169  1.00 20.09  ? 446 LEU A N   1 
ATOM   796  C CA  . LEU A 1 98  ? -4.741  1.351   -6.884  1.00 19.72  ? 446 LEU A CA  1 
ATOM   797  C C   . LEU A 1 98  ? -3.556  2.311   -6.861  1.00 20.92  ? 446 LEU A C   1 
ATOM   798  O O   . LEU A 1 98  ? -3.678  3.398   -6.286  1.00 20.50  ? 446 LEU A O   1 
ATOM   799  C CB  . LEU A 1 98  ? -4.665  0.357   -5.730  1.00 19.24  ? 446 LEU A CB  1 
ATOM   800  C CG  . LEU A 1 98  ? -4.823  0.970   -4.335  1.00 23.51  ? 446 LEU A CG  1 
ATOM   801  C CD1 . LEU A 1 98  ? -6.215  1.644   -4.160  1.00 24.44  ? 446 LEU A CD1 1 
ATOM   802  C CD2 . LEU A 1 98  ? -4.540  -0.066  -3.289  1.00 24.01  ? 446 LEU A CD2 1 
ATOM   803  N N   . GLN A 1 99  ? -2.428  1.933   -7.509  1.00 18.37  ? 447 GLN A N   1 
ATOM   804  C CA  . GLN A 1 99  ? -1.271  2.819   -7.554  1.00 18.06  ? 447 GLN A CA  1 
ATOM   805  C C   . GLN A 1 99  ? -1.635  4.102   -8.333  1.00 22.07  ? 447 GLN A C   1 
ATOM   806  O O   . GLN A 1 99  ? -1.207  5.172   -7.935  1.00 21.99  ? 447 GLN A O   1 
ATOM   807  C CB  . GLN A 1 99  ? -0.003  2.114   -8.078  1.00 18.56  ? 447 GLN A CB  1 
ATOM   808  C CG  . GLN A 1 99  ? 1.190   3.074   -8.025  1.00 18.64  ? 447 GLN A CG  1 
ATOM   809  C CD  . GLN A 1 99  ? 2.520   2.380   -8.100  1.00 29.61  ? 447 GLN A CD  1 
ATOM   810  O OE1 . GLN A 1 99  ? 2.647   1.273   -8.632  1.00 28.71  ? 447 GLN A OE1 1 
ATOM   811  N NE2 . GLN A 1 99  ? 3.554   3.027   -7.588  1.00 30.05  ? 447 GLN A NE2 1 
ATOM   812  N N   . ASP A 1 100 ? -2.499  3.996   -9.366  1.00 22.73  ? 448 ASP A N   1 
ATOM   813  C CA  . ASP A 1 100 ? -2.983  5.166   -10.115 1.00 24.44  ? 448 ASP A CA  1 
ATOM   814  C C   . ASP A 1 100 ? -3.669  6.150   -9.180  1.00 25.86  ? 448 ASP A C   1 
ATOM   815  O O   . ASP A 1 100 ? -3.370  7.339   -9.253  1.00 27.16  ? 448 ASP A O   1 
ATOM   816  C CB  . ASP A 1 100 ? -3.989  4.751   -11.214 1.00 26.33  ? 448 ASP A CB  1 
ATOM   817  C CG  . ASP A 1 100 ? -3.415  4.052   -12.429 1.00 46.20  ? 448 ASP A CG  1 
ATOM   818  O OD1 . ASP A 1 100 ? -2.199  4.207   -12.689 1.00 49.42  ? 448 ASP A OD1 1 
ATOM   819  O OD2 . ASP A 1 100 ? -4.198  3.391   -13.160 1.00 57.07  ? 448 ASP A OD2 1 
ATOM   820  N N   . VAL A 1 101 ? -4.553  5.669   -8.289  1.00 22.58  ? 449 VAL A N   1 
ATOM   821  C CA  . VAL A 1 101 ? -5.259  6.483   -7.275  1.00 24.11  ? 449 VAL A CA  1 
ATOM   822  C C   . VAL A 1 101 ? -4.228  7.159   -6.369  1.00 23.92  ? 449 VAL A C   1 
ATOM   823  O O   . VAL A 1 101 ? -4.212  8.384   -6.209  1.00 22.86  ? 449 VAL A O   1 
ATOM   824  C CB  . VAL A 1 101 ? -6.279  5.654   -6.429  1.00 30.35  ? 449 VAL A CB  1 
ATOM   825  C CG1 . VAL A 1 101 ? -7.003  6.537   -5.408  1.00 31.23  ? 449 VAL A CG1 1 
ATOM   826  C CG2 . VAL A 1 101 ? -7.288  4.933   -7.316  1.00 31.13  ? 449 VAL A CG2 1 
ATOM   827  N N   . PHE A 1 102 ? -3.336  6.350   -5.801  1.00 19.25  ? 450 PHE A N   1 
ATOM   828  C CA  . PHE A 1 102 ? -2.307  6.880   -4.919  1.00 18.90  ? 450 PHE A CA  1 
ATOM   829  C C   . PHE A 1 102 ? -1.443  7.933   -5.585  1.00 21.68  ? 450 PHE A C   1 
ATOM   830  O O   . PHE A 1 102 ? -1.254  9.016   -5.012  1.00 21.26  ? 450 PHE A O   1 
ATOM   831  C CB  . PHE A 1 102 ? -1.422  5.745   -4.353  1.00 18.80  ? 450 PHE A CB  1 
ATOM   832  C CG  . PHE A 1 102 ? -0.188  6.275   -3.669  1.00 18.86  ? 450 PHE A CG  1 
ATOM   833  C CD1 . PHE A 1 102 ? -0.273  6.891   -2.418  1.00 21.72  ? 450 PHE A CD1 1 
ATOM   834  C CD2 . PHE A 1 102 ? 1.044   6.233   -4.296  1.00 20.14  ? 450 PHE A CD2 1 
ATOM   835  C CE1 . PHE A 1 102 ? 0.868   7.379   -1.790  1.00 20.64  ? 450 PHE A CE1 1 
ATOM   836  C CE2 . PHE A 1 102 ? 2.180   6.778   -3.681  1.00 21.78  ? 450 PHE A CE2 1 
ATOM   837  C CZ  . PHE A 1 102 ? 2.079   7.334   -2.435  1.00 19.71  ? 450 PHE A CZ  1 
ATOM   838  N N   . GLU A 1 103 ? -0.843  7.614   -6.746  1.00 19.20  ? 451 GLU A N   1 
ATOM   839  C CA  . GLU A 1 103 ? 0.103   8.548   -7.369  1.00 18.96  ? 451 GLU A CA  1 
ATOM   840  C C   . GLU A 1 103 ? -0.534  9.870   -7.715  1.00 20.38  ? 451 GLU A C   1 
ATOM   841  O O   . GLU A 1 103 ? 0.128   10.902  -7.575  1.00 21.28  ? 451 GLU A O   1 
ATOM   842  C CB  . GLU A 1 103 ? 0.770   7.942   -8.624  1.00 19.81  ? 451 GLU A CB  1 
ATOM   843  C CG  . GLU A 1 103 ? 1.703   6.753   -8.330  1.00 20.07  ? 451 GLU A CG  1 
ATOM   844  C CD  . GLU A 1 103 ? 2.943   6.958   -7.476  1.00 32.17  ? 451 GLU A CD  1 
ATOM   845  O OE1 . GLU A 1 103 ? 3.407   8.113   -7.355  1.00 27.55  ? 451 GLU A OE1 1 
ATOM   846  O OE2 . GLU A 1 103 ? 3.478   5.949   -6.953  1.00 29.75  ? 451 GLU A OE2 1 
ATOM   847  N N   . MET A 1 104 ? -1.782  9.854   -8.158  1.00 18.90  ? 452 MET A N   1 
ATOM   848  C CA  . MET A 1 104 ? -2.453  11.111  -8.511  1.00 20.24  ? 452 MET A CA  1 
ATOM   849  C C   . MET A 1 104 ? -2.649  11.987  -7.272  1.00 24.00  ? 452 MET A C   1 
ATOM   850  O O   . MET A 1 104 ? -2.313  13.166  -7.281  1.00 25.44  ? 452 MET A O   1 
ATOM   851  C CB  . MET A 1 104 ? -3.804  10.836  -9.191  1.00 23.77  ? 452 MET A CB  1 
ATOM   852  C CG  A MET A 1 104 ? -3.664  10.186  -10.564 0.50 27.34  ? 452 MET A CG  1 
ATOM   853  C CG  B MET A 1 104 ? -4.415  12.059  -9.829  0.50 29.66  ? 452 MET A CG  1 
ATOM   854  S SD  A MET A 1 104 ? -2.618  11.059  -11.769 0.50 31.95  ? 452 MET A SD  1 
ATOM   855  S SD  B MET A 1 104 ? -3.463  12.628  -11.260 0.50 35.68  ? 452 MET A SD  1 
ATOM   856  C CE  A MET A 1 104 ? -3.798  12.005  -12.536 0.50 29.65  ? 452 MET A CE  1 
ATOM   857  C CE  B MET A 1 104 ? -4.055  11.550  -12.490 0.50 33.27  ? 452 MET A CE  1 
ATOM   858  N N   . ARG A 1 105 ? -3.115  11.382  -6.191  1.00 20.96  ? 453 ARG A N   1 
ATOM   859  C CA  . ARG A 1 105 ? -3.341  12.119  -4.946  1.00 22.22  ? 453 ARG A CA  1 
ATOM   860  C C   . ARG A 1 105 ? -2.044  12.586  -4.315  1.00 24.91  ? 453 ARG A C   1 
ATOM   861  O O   . ARG A 1 105 ? -1.962  13.738  -3.848  1.00 25.92  ? 453 ARG A O   1 
ATOM   862  C CB  . ARG A 1 105 ? -4.125  11.252  -3.955  1.00 22.46  ? 453 ARG A CB  1 
ATOM   863  C CG  . ARG A 1 105 ? -5.535  10.874  -4.374  1.00 24.00  ? 453 ARG A CG  1 
ATOM   864  C CD  . ARG A 1 105 ? -6.373  12.124  -4.538  1.00 28.41  ? 453 ARG A CD  1 
ATOM   865  N NE  . ARG A 1 105 ? -7.787  11.796  -4.621  1.00 33.73  ? 453 ARG A NE  1 
ATOM   866  C CZ  . ARG A 1 105 ? -8.727  12.669  -4.951  1.00 42.00  ? 453 ARG A CZ  1 
ATOM   867  N NH1 . ARG A 1 105 ? -8.400  13.911  -5.286  1.00 34.93  ? 453 ARG A NH1 1 
ATOM   868  N NH2 . ARG A 1 105 ? -9.999  12.300  -4.978  1.00 34.31  ? 453 ARG A NH2 1 
ATOM   869  N N   . PHE A 1 106 ? -1.032  11.694  -4.259  1.00 19.05  ? 454 PHE A N   1 
ATOM   870  C CA  . PHE A 1 106 ? 0.268   12.017  -3.678  1.00 19.49  ? 454 PHE A CA  1 
ATOM   871  C C   . PHE A 1 106 ? 0.974   13.163  -4.427  1.00 25.79  ? 454 PHE A C   1 
ATOM   872  O O   . PHE A 1 106 ? 1.584   14.025  -3.803  1.00 26.26  ? 454 PHE A O   1 
ATOM   873  C CB  . PHE A 1 106 ? 1.144   10.751  -3.658  1.00 20.69  ? 454 PHE A CB  1 
ATOM   874  C CG  . PHE A 1 106 ? 2.342   10.828  -2.757  1.00 21.29  ? 454 PHE A CG  1 
ATOM   875  C CD1 . PHE A 1 106 ? 2.188   10.899  -1.372  1.00 23.07  ? 454 PHE A CD1 1 
ATOM   876  C CD2 . PHE A 1 106 ? 3.626   10.782  -3.279  1.00 24.62  ? 454 PHE A CD2 1 
ATOM   877  C CE1 . PHE A 1 106 ? 3.307   10.959  -0.533  1.00 23.37  ? 454 PHE A CE1 1 
ATOM   878  C CE2 . PHE A 1 106 ? 4.747   10.804  -2.437  1.00 26.87  ? 454 PHE A CE2 1 
ATOM   879  C CZ  . PHE A 1 106 ? 4.573   10.909  -1.068  1.00 24.03  ? 454 PHE A CZ  1 
ATOM   880  N N   . ALA A 1 107 ? 0.847   13.202  -5.767  1.00 22.32  ? 455 ALA A N   1 
ATOM   881  C CA  . ALA A 1 107 ? 1.449   14.264  -6.566  1.00 22.10  ? 455 ALA A CA  1 
ATOM   882  C C   . ALA A 1 107 ? 0.788   15.613  -6.316  1.00 27.93  ? 455 ALA A C   1 
ATOM   883  O O   . ALA A 1 107 ? 1.468   16.637  -6.390  1.00 29.67  ? 455 ALA A O   1 
ATOM   884  C CB  . ALA A 1 107 ? 1.314   13.919  -8.052  1.00 22.38  ? 455 ALA A CB  1 
ATOM   885  N N   . LYS A 1 108 ? -0.510  15.619  -6.088  1.00 26.75  ? 456 LYS A N   1 
ATOM   886  C CA  . LYS A 1 108 ? -1.301  16.871  -6.009  1.00 28.37  ? 456 LYS A CA  1 
ATOM   887  C C   . LYS A 1 108 ? -1.479  17.411  -4.600  1.00 37.68  ? 456 LYS A C   1 
ATOM   888  O O   . LYS A 1 108 ? -2.096  18.469  -4.413  1.00 40.69  ? 456 LYS A O   1 
ATOM   889  C CB  . LYS A 1 108 ? -2.655  16.674  -6.699  1.00 30.41  ? 456 LYS A CB  1 
ATOM   890  C CG  . LYS A 1 108 ? -2.566  16.563  -8.229  1.00 39.09  ? 456 LYS A CG  1 
ATOM   891  C CD  . LYS A 1 108 ? -3.959  16.448  -8.836  1.00 36.79  ? 456 LYS A CD  1 
ATOM   892  C CE  . LYS A 1 108 ? -4.013  16.213  -10.323 1.00 48.06  ? 456 LYS A CE  1 
ATOM   893  N NZ  . LYS A 1 108 ? -3.484  17.366  -11.116 1.00 55.21  ? 456 LYS A NZ  1 
ATOM   894  N N   . MET A 1 109 ? -0.927  16.716  -3.616  1.00 35.03  ? 457 MET A N   1 
ATOM   895  C CA  . MET A 1 109 ? -1.010  17.124  -2.214  1.00 57.22  ? 457 MET A CA  1 
ATOM   896  C C   . MET A 1 109 ? -0.025  18.248  -1.852  1.00 105.63 ? 457 MET A C   1 
ATOM   897  O O   . MET A 1 109 ? 0.132   19.211  -2.598  1.00 75.39  ? 457 MET A O   1 
ATOM   898  C CB  . MET A 1 109 ? -0.836  15.913  -1.292  1.00 59.20  ? 457 MET A CB  1 
ATOM   899  C CG  . MET A 1 109 ? 0.557   15.355  -1.246  1.00 62.54  ? 457 MET A CG  1 
ATOM   900  S SD  . MET A 1 109 ? 0.820   14.330  0.211   1.00 65.97  ? 457 MET A SD  1 
ATOM   901  C CE  . MET A 1 109 ? 1.422   15.536  1.305   1.00 61.86  ? 457 MET A CE  1 
HETATM 902  C C4  . 8NP B 2 .   ? -5.667  -12.712 -7.288  1.00 47.89  ? 501 8NP A C4  1 
HETATM 903  C C5  . 8NP B 2 .   ? -6.403  -12.578 -0.710  1.00 51.88  ? 501 8NP A C5  1 
HETATM 904  C C6  . 8NP B 2 .   ? -4.432  -11.225 -0.675  1.00 49.10  ? 501 8NP A C6  1 
HETATM 905  C C7  . 8NP B 2 .   ? -5.979  -11.360 -4.902  1.00 45.24  ? 501 8NP A C7  1 
HETATM 906  C C8  . 8NP B 2 .   ? -5.079  -13.198 -6.138  1.00 47.79  ? 501 8NP A C8  1 
HETATM 907  C C10 . 8NP B 2 .   ? -4.063  -11.675 -1.932  1.00 45.49  ? 501 8NP A C10 1 
HETATM 908  C C13 . 8NP B 2 .   ? -2.266  -9.861  -2.261  1.00 36.31  ? 501 8NP A C13 1 
HETATM 909  C C15 . 8NP B 2 .   ? -2.775  -11.193 -2.464  1.00 41.05  ? 501 8NP A C15 1 
HETATM 910  C C17 . 8NP B 2 .   ? -0.205  -10.411 -3.419  1.00 33.76  ? 501 8NP A C17 1 
HETATM 911  C C1  . 8NP B 2 .   ? -6.413  -11.552 -7.246  1.00 47.46  ? 501 8NP A C1  1 
HETATM 912  C C2  . 8NP B 2 .   ? -5.589  -11.668 -0.066  1.00 50.87  ? 501 8NP A C2  1 
HETATM 913  C C3  . 8NP B 2 .   ? -6.569  -10.879 -6.052  1.00 46.75  ? 501 8NP A C3  1 
HETATM 914  C C9  . 8NP B 2 .   ? -6.070  -13.022 -1.974  1.00 49.91  ? 501 8NP A C9  1 
HETATM 915  C C11 . 8NP B 2 .   ? -5.238  -12.523 -4.944  1.00 47.44  ? 501 8NP A C11 1 
HETATM 916  C C12 . 8NP B 2 .   ? -4.912  -12.566 -2.577  1.00 47.66  ? 501 8NP A C12 1 
HETATM 917  C C14 . 8NP B 2 .   ? -1.979  -12.054 -3.104  1.00 40.17  ? 501 8NP A C14 1 
HETATM 918  C C16 . 8NP B 2 .   ? -1.065  -9.446  -2.688  1.00 34.57  ? 501 8NP A C16 1 
HETATM 919  C C18 . 8NP B 2 .   ? -0.554  -8.075  -2.470  1.00 33.06  ? 501 8NP A C18 1 
HETATM 920  N N19 . 8NP B 2 .   ? -0.756  -11.666 -3.577  1.00 40.07  ? 501 8NP A N19 1 
HETATM 921  O O20 . 8NP B 2 .   ? 0.904   -10.109 -3.837  1.00 30.45  ? 501 8NP A O20 1 
HETATM 922  O O21 . 8NP B 2 .   ? -4.606  -13.078 -3.830  1.00 48.11  ? 501 8NP A O21 1 
HETATM 923  O O   . HOH C 3 .   ? 5.212   -8.881  -11.845 1.00 40.67  ? 601 HOH A O   1 
HETATM 924  O O   . HOH C 3 .   ? -10.927 0.296   -1.178  1.00 26.23  ? 602 HOH A O   1 
HETATM 925  O O   . HOH C 3 .   ? 2.838   -8.643  -2.429  1.00 27.19  ? 603 HOH A O   1 
HETATM 926  O O   . HOH C 3 .   ? 2.393   -6.470  5.608   1.00 29.14  ? 604 HOH A O   1 
HETATM 927  O O   . HOH C 3 .   ? -10.702 11.404  -1.330  1.00 35.52  ? 605 HOH A O   1 
HETATM 928  O O   . HOH C 3 .   ? 8.869   8.482   -0.896  1.00 39.50  ? 606 HOH A O   1 
HETATM 929  O O   . HOH C 3 .   ? 8.613   -0.755  -8.189  1.00 28.26  ? 607 HOH A O   1 
HETATM 930  O O   . HOH C 3 .   ? -12.462 4.892   3.684   1.00 34.62  ? 608 HOH A O   1 
HETATM 931  O O   . HOH C 3 .   ? -1.664  -7.536  1.195   1.00 26.75  ? 609 HOH A O   1 
HETATM 932  O O   . HOH C 3 .   ? 0.105   3.390   -11.562 1.00 59.21  ? 610 HOH A O   1 
HETATM 933  O O   . HOH C 3 .   ? 9.055   4.562   5.061   1.00 37.81  ? 611 HOH A O   1 
HETATM 934  O O   . HOH C 3 .   ? 9.438   2.008   -1.428  1.00 38.08  ? 612 HOH A O   1 
HETATM 935  O O   . HOH C 3 .   ? 0.124   -13.818 -5.002  1.00 39.11  ? 613 HOH A O   1 
HETATM 936  O O   . HOH C 3 .   ? 10.099  -21.199 1.199   1.00 43.57  ? 614 HOH A O   1 
HETATM 937  O O   . HOH C 3 .   ? -14.524 2.321   -9.041  1.00 53.66  ? 615 HOH A O   1 
HETATM 938  O O   . HOH C 3 .   ? -5.813  -16.462 3.348   1.00 58.18  ? 616 HOH A O   1 
HETATM 939  O O   . HOH C 3 .   ? 3.659   -7.170  1.152   1.00 24.98  ? 617 HOH A O   1 
HETATM 940  O O   . HOH C 3 .   ? 0.341   -5.895  0.443   1.00 30.29  ? 618 HOH A O   1 
HETATM 941  O O   . HOH C 3 .   ? 2.193   -5.829  9.857   1.00 53.00  ? 619 HOH A O   1 
HETATM 942  O O   . HOH C 3 .   ? 9.550   2.239   3.352   1.00 38.23  ? 620 HOH A O   1 
HETATM 943  O O   . HOH C 3 .   ? 8.169   -4.449  6.463   1.00 43.60  ? 621 HOH A O   1 
HETATM 944  O O   . HOH C 3 .   ? 2.763   0.389   14.141  1.00 63.96  ? 622 HOH A O   1 
HETATM 945  O O   . HOH C 3 .   ? 8.206   -14.731 -7.231  1.00 50.89  ? 623 HOH A O   1 
HETATM 946  O O   . HOH C 3 .   ? 2.030   -20.968 2.517   1.00 36.86  ? 624 HOH A O   1 
HETATM 947  O O   . HOH C 3 .   ? -4.508  -2.451  -14.304 1.00 37.52  ? 625 HOH A O   1 
HETATM 948  O O   . HOH C 3 .   ? 4.864   -15.862 -7.728  1.00 47.92  ? 626 HOH A O   1 
HETATM 949  O O   . HOH C 3 .   ? -7.265  -1.243  8.669   1.00 51.18  ? 627 HOH A O   1 
HETATM 950  O O   . HOH C 3 .   ? -4.244  -10.668 3.109   1.00 43.83  ? 628 HOH A O   1 
HETATM 951  O O   . HOH C 3 .   ? -13.218 -7.485  -7.069  1.00 54.10  ? 629 HOH A O   1 
HETATM 952  O O   . HOH C 3 .   ? -10.044 10.951  1.830   1.00 34.67  ? 630 HOH A O   1 
HETATM 953  O O   . HOH C 3 .   ? 1.963   18.559  -4.515  1.00 53.94  ? 631 HOH A O   1 
HETATM 954  O O   . HOH C 3 .   ? -1.917  -3.029  12.125  1.00 55.47  ? 632 HOH A O   1 
HETATM 955  O O   . HOH C 3 .   ? 6.782   -17.553 -6.787  1.00 51.48  ? 633 HOH A O   1 
HETATM 956  O O   . HOH C 3 .   ? -4.804  1.272   12.947  1.00 61.69  ? 634 HOH A O   1 
HETATM 957  O O   . HOH C 3 .   ? -1.624  -8.024  -14.702 1.00 36.41  ? 635 HOH A O   1 
HETATM 958  O O   . HOH C 3 .   ? 2.196   -6.207  -1.408  1.00 26.29  ? 636 HOH A O   1 
HETATM 959  O O   . HOH C 3 .   ? -3.484  -11.293 6.987   1.00 44.91  ? 637 HOH A O   1 
HETATM 960  O O   . HOH C 3 .   ? 2.867   -10.740 4.827   1.00 34.32  ? 638 HOH A O   1 
HETATM 961  O O   . HOH C 3 .   ? -12.428 4.013   -9.353  1.00 47.40  ? 639 HOH A O   1 
HETATM 962  O O   . HOH C 3 .   ? 10.412  -6.292  0.267   1.00 28.86  ? 640 HOH A O   1 
HETATM 963  O O   . HOH C 3 .   ? -9.337  9.498   -7.016  1.00 56.94  ? 641 HOH A O   1 
HETATM 964  O O   . HOH C 3 .   ? 7.835   8.779   16.546  1.00 34.98  ? 642 HOH A O   1 
HETATM 965  O O   . HOH C 3 .   ? 6.608   15.224  -0.093  1.00 63.90  ? 643 HOH A O   1 
HETATM 966  O O   . HOH C 3 .   ? 8.839   -0.184  6.286   1.00 38.41  ? 644 HOH A O   1 
HETATM 967  O O   . HOH C 3 .   ? -8.192  -5.221  -12.170 1.00 52.39  ? 645 HOH A O   1 
HETATM 968  O O   . HOH C 3 .   ? -10.034 -4.648  -15.649 1.00 56.24  ? 646 HOH A O   1 
HETATM 969  O O   . HOH C 3 .   ? 9.601   0.862   -4.236  1.00 39.16  ? 647 HOH A O   1 
HETATM 970  O O   . HOH C 3 .   ? -10.506 -4.406  -10.967 1.00 67.13  ? 648 HOH A O   1 
HETATM 971  O O   . HOH C 3 .   ? -11.691 -1.692  -12.007 1.00 64.00  ? 649 HOH A O   1 
HETATM 972  O O   . HOH C 3 .   ? -1.198  -17.085 -7.900  1.00 64.16  ? 650 HOH A O   1 
HETATM 973  O O   . HOH C 3 .   ? 4.828   -20.852 5.993   1.00 68.55  ? 651 HOH A O   1 
HETATM 974  O O   . HOH C 3 .   ? -3.083  -13.151 1.592   1.00 40.27  ? 652 HOH A O   1 
HETATM 975  O O   . HOH C 3 .   ? 8.593   9.217   13.163  1.00 42.79  ? 653 HOH A O   1 
HETATM 976  O O   . HOH C 3 .   ? -6.179  6.933   7.140   1.00 38.53  ? 654 HOH A O   1 
HETATM 977  O O   . HOH C 3 .   ? -8.107  3.458   -10.155 1.00 34.67  ? 655 HOH A O   1 
HETATM 978  O O   . HOH C 3 .   ? -4.713  -0.667  11.021  1.00 41.16  ? 656 HOH A O   1 
HETATM 979  O O   . HOH C 3 .   ? -4.387  15.117  -3.378  1.00 34.93  ? 657 HOH A O   1 
HETATM 980  O O   . HOH C 3 .   ? 2.041   -17.532 -5.622  1.00 44.33  ? 658 HOH A O   1 
HETATM 981  O O   . HOH C 3 .   ? 14.192  8.266   6.137   1.00 63.11  ? 659 HOH A O   1 
HETATM 982  O O   . HOH C 3 .   ? -10.862 -5.856  -9.667  1.00 70.00  ? 660 HOH A O   1 
HETATM 983  O O   . HOH C 3 .   ? 7.475   -1.316  9.229   1.00 48.48  ? 661 HOH A O   1 
HETATM 984  O O   . HOH C 3 .   ? 1.861   -15.449 -7.666  1.00 39.11  ? 662 HOH A O   1 
HETATM 985  O O   . HOH C 3 .   ? -16.108 3.672   1.997   1.00 51.89  ? 663 HOH A O   1 
HETATM 986  O O   . HOH C 3 .   ? 9.861   -4.425  -2.945  1.00 39.29  ? 664 HOH A O   1 
HETATM 987  O O   . HOH C 3 .   ? 1.026   10.550  11.463  1.00 40.75  ? 665 HOH A O   1 
HETATM 988  O O   . HOH C 3 .   ? -4.317  -14.094 -12.224 1.00 49.75  ? 666 HOH A O   1 
HETATM 989  O O   . HOH C 3 .   ? 2.099   -8.237  3.597   1.00 28.10  ? 667 HOH A O   1 
HETATM 990  O O   . HOH C 3 .   ? 7.233   -20.630 4.250   1.00 47.36  ? 668 HOH A O   1 
HETATM 991  O O   . HOH C 3 .   ? -8.627  -8.229  2.266   1.00 56.54  ? 669 HOH A O   1 
HETATM 992  O O   . HOH C 3 .   ? 10.468  9.871   -3.677  1.00 46.95  ? 670 HOH A O   1 
HETATM 993  O O   . HOH C 3 .   ? 1.400   11.822  20.169  1.00 54.41  ? 671 HOH A O   1 
HETATM 994  O O   . HOH C 3 .   ? -14.009 -1.157  1.486   1.00 48.19  ? 672 HOH A O   1 
HETATM 995  O O   . HOH C 3 .   ? 7.842   -23.482 -5.393  1.00 41.14  ? 673 HOH A O   1 
HETATM 996  O O   . HOH C 3 .   ? 8.026   14.797  2.589   1.00 38.18  ? 674 HOH A O   1 
HETATM 997  O O   . HOH C 3 .   ? 3.583   9.337   11.159  1.00 36.64  ? 675 HOH A O   1 
HETATM 998  O O   . HOH C 3 .   ? -1.188  2.457   15.833  1.00 43.59  ? 676 HOH A O   1 
HETATM 999  O O   . HOH C 3 .   ? 5.548   8.662   -9.280  1.00 27.56  ? 677 HOH A O   1 
HETATM 1000 O O   . HOH C 3 .   ? 3.847   12.998  13.845  1.00 58.35  ? 678 HOH A O   1 
HETATM 1001 O O   . HOH C 3 .   ? -5.799  15.309  -5.683  1.00 47.62  ? 679 HOH A O   1 
HETATM 1002 O O   . HOH C 3 .   ? -2.676  -3.755  -16.118 1.00 43.27  ? 680 HOH A O   1 
HETATM 1003 O O   . HOH C 3 .   ? 12.303  -8.057  -0.931  1.00 42.31  ? 681 HOH A O   1 
HETATM 1004 O O   . HOH C 3 .   ? 9.079   6.319   -2.469  1.00 28.84  ? 682 HOH A O   1 
HETATM 1005 O O   . HOH C 3 .   ? -5.015  -21.665 1.625   1.00 46.22  ? 683 HOH A O   1 
HETATM 1006 O O   . HOH C 3 .   ? -11.333 -9.416  -7.152  1.00 66.15  ? 684 HOH A O   1 
HETATM 1007 O O   . HOH C 3 .   ? -16.257 5.606   -1.666  1.00 35.69  ? 685 HOH A O   1 
HETATM 1008 O O   . HOH C 3 .   ? 9.825   5.682   8.290   1.00 59.59  ? 686 HOH A O   1 
HETATM 1009 O O   . HOH C 3 .   ? 9.402   2.905   12.258  1.00 66.23  ? 687 HOH A O   1 
HETATM 1010 O O   . HOH C 3 .   ? 6.422   -17.545 3.019   1.00 50.00  ? 688 HOH A O   1 
HETATM 1011 O O   . HOH C 3 .   ? -5.896  -8.124  2.202   1.00 31.54  ? 689 HOH A O   1 
HETATM 1012 O O   . HOH C 3 .   ? -7.534  -7.822  -12.411 1.00 47.89  ? 690 HOH A O   1 
HETATM 1013 O O   . HOH C 3 .   ? -3.820  -16.381 -7.634  1.00 69.99  ? 691 HOH A O   1 
HETATM 1014 O O   . HOH C 3 .   ? 1.307   -13.858 7.319   1.00 43.74  ? 692 HOH A O   1 
HETATM 1015 O O   . HOH C 3 .   ? -9.444  0.283   8.133   1.00 48.31  ? 693 HOH A O   1 
HETATM 1016 O O   . HOH C 3 .   ? -6.685  9.762   -7.583  1.00 49.69  ? 694 HOH A O   1 
HETATM 1017 O O   . HOH C 3 .   ? -14.173 -5.595  -1.967  1.00 50.56  ? 695 HOH A O   1 
HETATM 1018 O O   . HOH C 3 .   ? -1.318  20.494  -6.765  1.00 57.91  ? 696 HOH A O   1 
HETATM 1019 O O   . HOH C 3 .   ? -1.790  -4.845  10.082  1.00 54.32  ? 697 HOH A O   1 
HETATM 1020 O O   . HOH C 3 .   ? -1.355  11.432  10.601  1.00 61.36  ? 698 HOH A O   1 
HETATM 1021 O O   . HOH C 3 .   ? 3.750   -1.921  -12.718 1.00 38.27  ? 699 HOH A O   1 
HETATM 1022 O O   . HOH C 3 .   ? 2.881   0.537   -11.891 1.00 50.82  ? 700 HOH A O   1 
HETATM 1023 O O   . HOH C 3 .   ? -3.576  -16.173 -3.205  1.00 71.77  ? 701 HOH A O   1 
HETATM 1024 O O   . HOH C 3 .   ? 12.076  9.875   -1.489  1.00 58.15  ? 702 HOH A O   1 
HETATM 1025 O O   . HOH C 3 .   ? 7.882   20.914  9.276   1.00 62.56  ? 703 HOH A O   1 
HETATM 1026 O O   . HOH C 3 .   ? 10.049  -11.731 5.614   1.00 71.08  ? 704 HOH A O   1 
HETATM 1027 O O   . HOH C 3 .   ? -7.131  12.410  -8.080  1.00 66.75  ? 705 HOH A O   1 
HETATM 1028 O O   . HOH C 3 .   ? -3.642  -8.181  10.604  1.00 57.13  ? 706 HOH A O   1 
HETATM 1029 O O   . HOH C 3 .   ? -0.651  -15.420 -13.912 1.00 66.53  ? 707 HOH A O   1 
HETATM 1030 O O   . HOH C 3 .   ? -5.671  -15.149 -10.119 1.00 61.12  ? 708 HOH A O   1 
HETATM 1031 O O   . HOH C 3 .   ? -8.587  4.962   6.775   1.00 42.31  ? 709 HOH A O   1 
HETATM 1032 O O   . HOH C 3 .   ? 14.656  15.643  12.349  1.00 50.82  ? 710 HOH A O   1 
HETATM 1033 O O   . HOH C 3 .   ? -4.117  0.303   -15.002 1.00 57.51  ? 711 HOH A O   1 
HETATM 1034 O O   . HOH C 3 .   ? -6.692  8.477   -10.059 1.00 48.96  ? 712 HOH A O   1 
HETATM 1035 O O   . HOH C 3 .   ? 4.335   14.817  -1.577  1.00 67.93  ? 713 HOH A O   1 
HETATM 1036 O O   . HOH C 3 .   ? 4.919   -6.054  -17.532 1.00 56.22  ? 714 HOH A O   1 
HETATM 1037 O O   . HOH C 3 .   ? -5.034  17.690  -2.303  1.00 49.15  ? 715 HOH A O   1 
HETATM 1038 O O   . HOH C 3 .   ? 2.715   22.475  12.602  1.00 66.97  ? 716 HOH A O   1 
HETATM 1039 O O   . HOH C 3 .   ? 9.878   -5.647  8.203   1.00 82.66  ? 717 HOH A O   1 
HETATM 1040 O O   . HOH C 3 .   ? 7.380   -14.545 -10.876 1.00 64.91  ? 718 HOH A O   1 
HETATM 1041 O O   . HOH C 3 .   ? 0.801   0.689   16.437  1.00 70.44  ? 719 HOH A O   1 
HETATM 1042 O O   . HOH C 3 .   ? 1.258   -16.987 -9.835  1.00 55.91  ? 720 HOH A O   1 
HETATM 1043 O O   . HOH C 3 .   ? -0.682  22.410  12.640  1.00 68.32  ? 721 HOH A O   1 
HETATM 1044 O O   . HOH C 3 .   ? -1.694  -16.263 -5.229  1.00 64.13  ? 722 HOH A O   1 
HETATM 1045 O O   . HOH C 3 .   ? 12.568  -1.914  2.094   1.00 66.81  ? 723 HOH A O   1 
HETATM 1046 O O   . HOH C 3 .   ? -8.259  -14.717 -5.174  1.00 59.46  ? 724 HOH A O   1 
HETATM 1047 O O   . HOH C 3 .   ? -5.392  -13.253 6.881   1.00 71.73  ? 725 HOH A O   1 
HETATM 1048 O O   . HOH C 3 .   ? 11.312  1.955   7.578   1.00 59.44  ? 726 HOH A O   1 
HETATM 1049 O O   . HOH C 3 .   ? -2.325  -22.498 -5.746  1.00 56.21  ? 727 HOH A O   1 
HETATM 1050 O O   . HOH C 3 .   ? -10.339 12.430  4.096   1.00 48.73  ? 728 HOH A O   1 
HETATM 1051 O O   . HOH C 3 .   ? -6.914  17.839  -6.363  1.00 54.46  ? 729 HOH A O   1 
HETATM 1052 O O   . HOH C 3 .   ? 11.541  -1.023  4.478   1.00 62.59  ? 730 HOH A O   1 
HETATM 1053 O O   . HOH C 3 .   ? 3.421   -7.464  7.899   1.00 44.81  ? 731 HOH A O   1 
HETATM 1054 O O   . HOH C 3 .   ? -3.431  -4.225  14.225  1.00 73.93  ? 732 HOH A O   1 
HETATM 1055 O O   . HOH C 3 .   ? 11.601  5.847   4.255   1.00 50.73  ? 733 HOH A O   1 
HETATM 1056 O O   . HOH C 3 .   ? -3.887  -16.042 -0.512  1.00 74.95  ? 734 HOH A O   1 
HETATM 1057 O O   . HOH C 3 .   ? 12.408  -4.428  0.045   1.00 58.24  ? 735 HOH A O   1 
HETATM 1058 O O   . HOH C 3 .   ? -9.921  -3.164  6.118   1.00 54.77  ? 736 HOH A O   1 
HETATM 1059 O O   . HOH C 3 .   ? -13.401 -9.889  -1.272  1.00 67.53  ? 737 HOH A O   1 
HETATM 1060 O O   . HOH C 3 .   ? 8.623   -10.757 7.748   1.00 66.52  ? 738 HOH A O   1 
HETATM 1061 O O   . HOH C 3 .   ? -12.079 -7.739  1.682   1.00 55.06  ? 739 HOH A O   1 
HETATM 1062 O O   . HOH C 3 .   ? -12.235 -2.380  4.971   1.00 63.79  ? 740 HOH A O   1 
HETATM 1063 O O   . HOH C 3 .   ? 11.501  -2.372  -2.184  1.00 51.69  ? 741 HOH A O   1 
HETATM 1064 O O   . HOH C 3 .   ? 5.935   -3.447  9.848   1.00 57.10  ? 742 HOH A O   1 
HETATM 1065 O O   . HOH C 3 .   ? 1.824   -10.741 9.367   1.00 58.20  ? 743 HOH A O   1 
HETATM 1066 O O   . HOH C 3 .   ? -9.867  -5.877  6.037   1.00 58.88  ? 744 HOH A O   1 
# 
